data_2KSS
#
_entry.id   2KSS
#
_entity_poly.entity_id   1
_entity_poly.type   'polypeptide(L)'
_entity_poly.pdbx_seq_one_letter_code
;MGSSHHHHHHSSGLVPRGSHMIQDPSLIICHDVDGAPVRIGAKVKVVPHSEDGTISQRFLGQTGIVVGLVFDDPATQYPD
DPLIQVLVEGLGEDLFFPEELELAPE
;
_entity_poly.pdbx_strand_id   A
#
# COMPACT_ATOMS: atom_id res chain seq x y z
N MET A 21 -18.34 -21.90 -6.54
CA MET A 21 -18.09 -22.25 -5.15
C MET A 21 -18.31 -21.05 -4.24
N ILE A 22 -18.58 -21.34 -2.98
CA ILE A 22 -18.82 -20.30 -1.99
C ILE A 22 -17.49 -19.62 -1.66
N GLN A 23 -17.57 -18.31 -1.44
CA GLN A 23 -16.39 -17.54 -1.11
C GLN A 23 -16.09 -17.62 0.39
N ASP A 24 -15.15 -18.49 0.72
CA ASP A 24 -14.76 -18.68 2.11
C ASP A 24 -13.43 -17.98 2.37
N PRO A 25 -13.30 -17.42 3.60
CA PRO A 25 -12.08 -16.72 3.98
C PRO A 25 -10.95 -17.71 4.27
N SER A 26 -10.20 -18.03 3.23
CA SER A 26 -9.10 -18.96 3.35
C SER A 26 -7.89 -18.25 3.99
N LEU A 27 -7.86 -16.94 3.83
CA LEU A 27 -6.78 -16.14 4.40
C LEU A 27 -7.35 -15.21 5.47
N ILE A 28 -6.56 -15.03 6.52
CA ILE A 28 -6.97 -14.16 7.62
C ILE A 28 -5.99 -12.99 7.74
N ILE A 29 -6.56 -11.80 7.80
CA ILE A 29 -5.76 -10.59 7.91
C ILE A 29 -5.31 -10.42 9.35
N CYS A 30 -4.08 -9.95 9.51
CA CYS A 30 -3.53 -9.73 10.84
C CYS A 30 -3.20 -8.24 10.98
N HIS A 31 -2.94 -7.85 12.22
CA HIS A 31 -2.62 -6.45 12.50
C HIS A 31 -1.30 -6.09 11.82
N ASP A 32 -0.90 -4.83 12.00
CA ASP A 32 0.33 -4.34 11.41
C ASP A 32 1.51 -5.06 12.05
N VAL A 33 2.26 -5.76 11.21
CA VAL A 33 3.42 -6.49 11.69
C VAL A 33 4.61 -5.54 11.82
N ASP A 34 5.28 -5.62 12.96
CA ASP A 34 6.42 -4.76 13.22
C ASP A 34 7.41 -4.87 12.05
N GLY A 35 7.86 -3.72 11.59
CA GLY A 35 8.79 -3.67 10.48
C GLY A 35 8.07 -3.43 9.15
N ALA A 36 7.36 -2.32 9.10
CA ALA A 36 6.62 -1.97 7.90
C ALA A 36 6.79 -0.47 7.62
N PRO A 37 6.46 -0.08 6.34
CA PRO A 37 6.58 1.31 5.94
C PRO A 37 5.43 2.14 6.53
N VAL A 38 4.22 1.69 6.25
CA VAL A 38 3.05 2.39 6.75
C VAL A 38 2.08 1.37 7.37
N ARG A 39 0.99 1.90 7.90
CA ARG A 39 -0.02 1.05 8.52
C ARG A 39 -1.23 0.88 7.60
N ILE A 40 -1.91 -0.24 7.77
CA ILE A 40 -3.08 -0.53 6.96
C ILE A 40 -4.17 0.51 7.25
N GLY A 41 -4.82 0.95 6.18
CA GLY A 41 -5.87 1.94 6.31
C GLY A 41 -5.29 3.35 6.45
N ALA A 42 -3.97 3.43 6.30
CA ALA A 42 -3.29 4.70 6.41
C ALA A 42 -3.32 5.41 5.05
N LYS A 43 -3.58 6.71 5.11
CA LYS A 43 -3.64 7.51 3.90
C LYS A 43 -2.27 8.15 3.65
N VAL A 44 -1.70 7.83 2.50
CA VAL A 44 -0.41 8.36 2.13
C VAL A 44 -0.56 9.31 0.95
N LYS A 45 0.52 9.99 0.62
CA LYS A 45 0.51 10.93 -0.49
C LYS A 45 1.55 10.50 -1.53
N VAL A 46 1.07 10.27 -2.74
CA VAL A 46 1.94 9.85 -3.82
C VAL A 46 2.90 10.98 -4.17
N VAL A 47 4.18 10.72 -3.91
CA VAL A 47 5.21 11.71 -4.19
C VAL A 47 5.20 12.05 -5.68
N PRO A 48 5.41 13.36 -5.97
CA PRO A 48 5.42 13.83 -7.34
C PRO A 48 6.72 13.44 -8.04
N HIS A 49 7.83 13.75 -7.37
CA HIS A 49 9.14 13.44 -7.91
C HIS A 49 9.42 11.94 -7.76
N SER A 50 10.19 11.41 -8.70
CA SER A 50 10.54 10.00 -8.68
C SER A 50 11.86 9.79 -7.93
N GLU A 51 11.91 8.70 -7.17
CA GLU A 51 13.11 8.38 -6.41
C GLU A 51 13.88 7.25 -7.09
N ASP A 52 13.13 6.27 -7.58
CA ASP A 52 13.74 5.13 -8.25
C ASP A 52 13.84 5.44 -9.75
N GLY A 53 12.69 5.67 -10.35
CA GLY A 53 12.64 5.97 -11.77
C GLY A 53 11.20 5.88 -12.30
N THR A 54 10.49 4.86 -11.83
CA THR A 54 9.12 4.66 -12.23
C THR A 54 8.16 5.43 -11.33
N ILE A 55 7.23 6.13 -11.95
CA ILE A 55 6.27 6.92 -11.22
C ILE A 55 4.98 7.04 -12.03
N SER A 56 3.91 7.42 -11.35
CA SER A 56 2.62 7.57 -12.00
C SER A 56 2.30 9.06 -12.19
N GLN A 57 2.16 9.45 -13.45
CA GLN A 57 1.87 10.83 -13.77
C GLN A 57 0.41 11.16 -13.41
N ARG A 58 -0.42 10.13 -13.47
CA ARG A 58 -1.83 10.29 -13.16
C ARG A 58 -2.01 10.57 -11.66
N PHE A 59 -1.37 9.73 -10.85
CA PHE A 59 -1.45 9.88 -9.41
C PHE A 59 -0.53 11.00 -8.92
N LEU A 60 0.43 11.34 -9.76
CA LEU A 60 1.38 12.40 -9.43
C LEU A 60 0.61 13.63 -8.96
N GLY A 61 0.42 13.73 -7.66
CA GLY A 61 -0.30 14.85 -7.08
C GLY A 61 -1.67 14.42 -6.56
N GLN A 62 -1.69 13.24 -5.95
CA GLN A 62 -2.93 12.71 -5.40
C GLN A 62 -2.69 12.17 -3.99
N THR A 63 -3.76 11.60 -3.43
CA THR A 63 -3.68 11.05 -2.08
C THR A 63 -4.65 9.87 -1.95
N GLY A 64 -4.06 8.70 -1.73
CA GLY A 64 -4.85 7.49 -1.57
C GLY A 64 -4.48 6.75 -0.29
N ILE A 65 -5.10 5.59 -0.10
CA ILE A 65 -4.84 4.78 1.07
C ILE A 65 -4.15 3.48 0.65
N VAL A 66 -3.34 2.96 1.56
CA VAL A 66 -2.61 1.73 1.30
C VAL A 66 -3.56 0.55 1.45
N VAL A 67 -3.86 -0.08 0.32
CA VAL A 67 -4.75 -1.23 0.32
C VAL A 67 -3.99 -2.47 0.80
N GLY A 68 -2.72 -2.52 0.42
CA GLY A 68 -1.88 -3.64 0.80
C GLY A 68 -0.56 -3.15 1.39
N LEU A 69 -0.05 -3.91 2.35
CA LEU A 69 1.21 -3.56 2.99
C LEU A 69 2.26 -4.59 2.61
N VAL A 70 3.51 -4.14 2.63
CA VAL A 70 4.63 -5.01 2.29
C VAL A 70 5.02 -5.85 3.50
N PHE A 71 4.64 -7.11 3.45
CA PHE A 71 4.93 -8.03 4.53
C PHE A 71 5.47 -9.36 4.00
N ASP A 72 5.98 -10.17 4.92
CA ASP A 72 6.52 -11.47 4.56
C ASP A 72 5.60 -12.14 3.54
N ASP A 73 6.06 -12.16 2.29
CA ASP A 73 5.28 -12.77 1.23
C ASP A 73 5.36 -14.29 1.33
N PRO A 74 4.18 -14.91 1.62
CA PRO A 74 4.11 -16.36 1.77
C PRO A 74 4.17 -17.04 0.40
N ALA A 75 3.78 -18.30 0.39
CA ALA A 75 3.78 -19.08 -0.83
C ALA A 75 2.54 -18.72 -1.66
N THR A 76 1.71 -17.88 -1.08
CA THR A 76 0.49 -17.45 -1.76
C THR A 76 0.40 -15.92 -1.79
N GLN A 77 1.52 -15.29 -1.43
CA GLN A 77 1.58 -13.84 -1.43
C GLN A 77 0.54 -13.27 -0.45
N TYR A 78 0.89 -12.14 0.13
CA TYR A 78 0.00 -11.48 1.08
C TYR A 78 0.42 -10.03 1.30
N PRO A 79 -0.58 -9.19 1.69
CA PRO A 79 -1.94 -9.68 1.87
C PRO A 79 -2.61 -9.91 0.51
N ASP A 80 -2.67 -8.84 -0.27
CA ASP A 80 -3.28 -8.92 -1.59
C ASP A 80 -2.20 -8.67 -2.66
N ASP A 81 -1.20 -7.91 -2.27
CA ASP A 81 -0.11 -7.58 -3.18
C ASP A 81 1.22 -7.82 -2.47
N PRO A 82 2.30 -7.97 -3.30
CA PRO A 82 3.63 -8.20 -2.77
C PRO A 82 4.21 -6.90 -2.19
N LEU A 83 3.80 -5.79 -2.78
CA LEU A 83 4.27 -4.49 -2.33
C LEU A 83 3.07 -3.62 -1.95
N ILE A 84 3.38 -2.43 -1.45
CA ILE A 84 2.34 -1.50 -1.05
C ILE A 84 1.71 -0.87 -2.30
N GLN A 85 0.42 -0.63 -2.20
CA GLN A 85 -0.32 -0.03 -3.31
C GLN A 85 -1.27 1.05 -2.80
N VAL A 86 -1.25 2.18 -3.49
CA VAL A 86 -2.11 3.30 -3.12
C VAL A 86 -3.27 3.39 -4.11
N LEU A 87 -4.46 3.55 -3.56
CA LEU A 87 -5.66 3.66 -4.37
C LEU A 87 -6.30 5.04 -4.15
N VAL A 88 -6.40 5.79 -5.23
CA VAL A 88 -6.99 7.12 -5.17
C VAL A 88 -8.51 7.00 -5.22
N GLU A 89 -9.18 7.98 -4.61
CA GLU A 89 -10.62 7.99 -4.57
C GLU A 89 -11.18 8.30 -5.97
N GLY A 90 -11.92 7.34 -6.50
CA GLY A 90 -12.51 7.49 -7.82
C GLY A 90 -11.51 7.16 -8.92
N LEU A 91 -10.26 6.98 -8.50
CA LEU A 91 -9.19 6.66 -9.44
C LEU A 91 -8.86 5.17 -9.34
N GLY A 92 -7.75 4.80 -9.95
CA GLY A 92 -7.32 3.42 -9.93
C GLY A 92 -6.32 3.16 -8.79
N GLU A 93 -5.57 2.08 -8.94
CA GLU A 93 -4.59 1.72 -7.92
C GLU A 93 -3.26 1.33 -8.59
N ASP A 94 -2.18 1.80 -7.99
CA ASP A 94 -0.85 1.51 -8.51
C ASP A 94 0.05 1.05 -7.36
N LEU A 95 1.19 0.48 -7.73
CA LEU A 95 2.14 -0.01 -6.75
C LEU A 95 3.29 0.99 -6.63
N PHE A 96 3.52 1.44 -5.40
CA PHE A 96 4.57 2.39 -5.14
C PHE A 96 5.58 1.83 -4.12
N PHE A 97 6.72 2.50 -4.03
CA PHE A 97 7.76 2.08 -3.11
C PHE A 97 7.66 2.82 -1.78
N PRO A 98 8.26 2.21 -0.73
CA PRO A 98 8.24 2.80 0.59
C PRO A 98 9.22 3.97 0.69
N GLU A 99 10.10 4.03 -0.29
CA GLU A 99 11.10 5.09 -0.34
C GLU A 99 10.66 6.19 -1.30
N GLU A 100 9.56 5.93 -1.99
CA GLU A 100 9.03 6.89 -2.94
C GLU A 100 8.10 7.87 -2.23
N LEU A 101 6.98 7.34 -1.74
CA LEU A 101 6.01 8.16 -1.04
C LEU A 101 6.24 8.05 0.46
N GLU A 102 5.65 8.99 1.18
CA GLU A 102 5.79 9.02 2.64
C GLU A 102 4.41 9.07 3.29
N LEU A 103 4.40 8.85 4.60
CA LEU A 103 3.16 8.87 5.36
C LEU A 103 2.73 10.32 5.59
N ALA A 104 1.55 10.65 5.10
CA ALA A 104 1.02 11.99 5.25
C ALA A 104 1.08 12.40 6.73
N PRO A 105 1.22 13.74 6.95
CA PRO A 105 1.28 14.26 8.31
C PRO A 105 -0.09 14.25 8.96
N GLU A 106 -1.03 14.90 8.28
CA GLU A 106 -2.40 14.98 8.79
C GLU A 106 -2.90 13.59 9.20
N MET A 21 -1.37 -30.78 5.58
CA MET A 21 -1.05 -31.65 6.70
C MET A 21 -1.19 -30.91 8.02
N ILE A 22 -0.21 -30.06 8.30
CA ILE A 22 -0.20 -29.29 9.52
C ILE A 22 -1.62 -28.80 9.83
N GLN A 23 -1.88 -28.56 11.09
CA GLN A 23 -3.19 -28.09 11.52
C GLN A 23 -3.21 -26.56 11.58
N ASP A 24 -3.39 -25.97 10.40
CA ASP A 24 -3.43 -24.52 10.30
C ASP A 24 -4.87 -24.04 10.51
N PRO A 25 -5.00 -22.91 11.25
CA PRO A 25 -6.31 -22.35 11.52
C PRO A 25 -6.87 -21.63 10.28
N SER A 26 -7.89 -22.24 9.70
CA SER A 26 -8.52 -21.68 8.52
C SER A 26 -8.89 -20.21 8.77
N LEU A 27 -9.43 -19.98 9.96
CA LEU A 27 -9.84 -18.63 10.34
C LEU A 27 -8.79 -17.63 9.85
N ILE A 28 -9.28 -16.48 9.41
CA ILE A 28 -8.40 -15.44 8.92
C ILE A 28 -8.23 -14.36 9.99
N ILE A 29 -7.06 -13.75 10.00
CA ILE A 29 -6.76 -12.71 10.97
C ILE A 29 -6.16 -11.50 10.25
N CYS A 30 -6.62 -10.32 10.65
CA CYS A 30 -6.14 -9.08 10.05
C CYS A 30 -5.46 -8.26 11.15
N HIS A 31 -4.19 -7.98 10.93
CA HIS A 31 -3.41 -7.19 11.88
C HIS A 31 -2.15 -6.67 11.21
N ASP A 32 -1.45 -5.80 11.93
CA ASP A 32 -0.22 -5.22 11.41
C ASP A 32 0.97 -5.93 12.05
N VAL A 33 1.84 -6.44 11.18
CA VAL A 33 3.03 -7.13 11.63
C VAL A 33 4.18 -6.13 11.82
N ASP A 34 4.93 -6.34 12.88
CA ASP A 34 6.06 -5.47 13.18
C ASP A 34 7.08 -5.55 12.04
N GLY A 35 7.57 -4.38 11.65
CA GLY A 35 8.55 -4.31 10.57
C GLY A 35 7.88 -3.96 9.24
N ALA A 36 7.42 -2.72 9.15
CA ALA A 36 6.77 -2.25 7.95
C ALA A 36 7.01 -0.75 7.79
N PRO A 37 6.83 -0.26 6.54
CA PRO A 37 7.01 1.15 6.25
C PRO A 37 5.85 1.99 6.79
N VAL A 38 4.66 1.63 6.35
CA VAL A 38 3.46 2.34 6.77
C VAL A 38 2.51 1.36 7.46
N ARG A 39 1.41 1.89 7.94
CA ARG A 39 0.41 1.09 8.62
C ARG A 39 -0.83 0.91 7.74
N ILE A 40 -1.43 -0.27 7.83
CA ILE A 40 -2.61 -0.57 7.05
C ILE A 40 -3.67 0.52 7.30
N GLY A 41 -4.22 1.02 6.21
CA GLY A 41 -5.24 2.05 6.29
C GLY A 41 -4.59 3.44 6.43
N ALA A 42 -3.29 3.47 6.24
CA ALA A 42 -2.56 4.72 6.34
C ALA A 42 -2.67 5.48 5.01
N LYS A 43 -2.98 6.76 5.14
CA LYS A 43 -3.13 7.61 3.97
C LYS A 43 -1.79 8.31 3.68
N VAL A 44 -1.22 7.96 2.54
CA VAL A 44 0.05 8.54 2.13
C VAL A 44 -0.19 9.51 0.96
N LYS A 45 0.87 10.22 0.61
CA LYS A 45 0.80 11.17 -0.49
C LYS A 45 1.79 10.77 -1.58
N VAL A 46 1.24 10.41 -2.73
CA VAL A 46 2.06 10.00 -3.85
C VAL A 46 2.86 11.20 -4.36
N VAL A 47 4.17 11.00 -4.43
CA VAL A 47 5.06 12.06 -4.89
C VAL A 47 4.61 12.54 -6.26
N PRO A 48 5.07 13.76 -6.63
CA PRO A 48 4.72 14.34 -7.92
C PRO A 48 5.50 13.67 -9.06
N HIS A 49 6.81 13.69 -8.92
CA HIS A 49 7.67 13.08 -9.92
C HIS A 49 8.32 11.81 -9.36
N SER A 50 8.99 11.08 -10.24
CA SER A 50 9.65 9.85 -9.83
C SER A 50 10.74 10.15 -8.81
N GLU A 51 10.81 9.29 -7.80
CA GLU A 51 11.81 9.46 -6.75
C GLU A 51 12.96 8.46 -6.95
N ASP A 52 12.60 7.28 -7.42
CA ASP A 52 13.58 6.23 -7.67
C ASP A 52 13.45 5.74 -9.11
N GLY A 53 12.25 5.29 -9.45
CA GLY A 53 11.99 4.79 -10.77
C GLY A 53 10.48 4.75 -11.06
N THR A 54 9.80 3.87 -10.35
CA THR A 54 8.37 3.73 -10.53
C THR A 54 7.65 5.03 -10.18
N ILE A 55 6.73 5.42 -11.04
CA ILE A 55 5.97 6.65 -10.83
C ILE A 55 4.76 6.65 -11.76
N SER A 56 3.81 7.50 -11.42
CA SER A 56 2.59 7.62 -12.22
C SER A 56 2.16 9.09 -12.31
N GLN A 57 1.88 9.52 -13.53
CA GLN A 57 1.46 10.88 -13.77
C GLN A 57 0.01 11.09 -13.30
N ARG A 58 -0.69 9.97 -13.18
CA ARG A 58 -2.07 10.02 -12.74
C ARG A 58 -2.16 10.46 -11.28
N PHE A 59 -1.34 9.83 -10.46
CA PHE A 59 -1.32 10.15 -9.04
C PHE A 59 -0.31 11.27 -8.75
N LEU A 60 0.00 12.02 -9.78
CA LEU A 60 0.95 13.12 -9.66
C LEU A 60 0.35 14.21 -8.77
N GLY A 61 0.63 14.08 -7.48
CA GLY A 61 0.14 15.04 -6.50
C GLY A 61 -1.23 14.61 -5.96
N GLN A 62 -1.38 13.30 -5.80
CA GLN A 62 -2.62 12.74 -5.29
C GLN A 62 -2.42 12.18 -3.88
N THR A 63 -3.48 11.59 -3.36
CA THR A 63 -3.42 11.00 -2.02
C THR A 63 -4.33 9.78 -1.94
N GLY A 64 -3.74 8.66 -1.57
CA GLY A 64 -4.48 7.41 -1.46
C GLY A 64 -4.08 6.66 -0.19
N ILE A 65 -4.68 5.49 -0.03
CA ILE A 65 -4.40 4.66 1.14
C ILE A 65 -3.73 3.36 0.69
N VAL A 66 -3.01 2.75 1.61
CA VAL A 66 -2.31 1.50 1.32
C VAL A 66 -3.25 0.33 1.57
N VAL A 67 -3.73 -0.24 0.47
CA VAL A 67 -4.65 -1.37 0.56
C VAL A 67 -3.86 -2.62 0.99
N GLY A 68 -2.59 -2.65 0.61
CA GLY A 68 -1.74 -3.77 0.95
C GLY A 68 -0.38 -3.29 1.46
N LEU A 69 0.09 -3.92 2.52
CA LEU A 69 1.37 -3.57 3.10
C LEU A 69 2.43 -4.57 2.65
N VAL A 70 3.69 -4.17 2.80
CA VAL A 70 4.80 -5.02 2.40
C VAL A 70 5.22 -5.86 3.61
N PHE A 71 4.83 -7.13 3.57
CA PHE A 71 5.18 -8.05 4.65
C PHE A 71 5.65 -9.39 4.09
N ASP A 72 6.19 -10.21 4.98
CA ASP A 72 6.69 -11.52 4.60
C ASP A 72 5.69 -12.17 3.64
N ASP A 73 6.09 -12.22 2.37
CA ASP A 73 5.24 -12.81 1.34
C ASP A 73 5.27 -14.33 1.49
N PRO A 74 4.06 -14.91 1.72
CA PRO A 74 3.94 -16.35 1.86
C PRO A 74 4.07 -17.06 0.52
N ALA A 75 3.66 -18.33 0.50
CA ALA A 75 3.72 -19.11 -0.71
C ALA A 75 2.52 -18.77 -1.60
N THR A 76 1.69 -17.86 -1.10
CA THR A 76 0.51 -17.45 -1.82
C THR A 76 0.43 -15.92 -1.89
N GLN A 77 1.54 -15.29 -1.50
CA GLN A 77 1.61 -13.84 -1.50
C GLN A 77 0.52 -13.25 -0.60
N TYR A 78 0.82 -12.08 -0.04
CA TYR A 78 -0.11 -11.41 0.84
C TYR A 78 0.29 -9.94 1.05
N PRO A 79 -0.72 -9.11 1.40
CA PRO A 79 -2.09 -9.62 1.56
C PRO A 79 -2.73 -9.89 0.20
N ASP A 80 -2.77 -8.85 -0.62
CA ASP A 80 -3.36 -8.96 -1.95
C ASP A 80 -2.27 -8.79 -3.00
N ASP A 81 -1.24 -8.03 -2.62
CA ASP A 81 -0.13 -7.77 -3.52
C ASP A 81 1.19 -8.01 -2.78
N PRO A 82 2.29 -8.07 -3.57
CA PRO A 82 3.61 -8.30 -3.00
C PRO A 82 4.12 -7.03 -2.32
N LEU A 83 4.03 -5.93 -3.05
CA LEU A 83 4.49 -4.65 -2.53
C LEU A 83 3.28 -3.79 -2.15
N ILE A 84 3.58 -2.63 -1.59
CA ILE A 84 2.52 -1.71 -1.17
C ILE A 84 1.91 -1.06 -2.40
N GLN A 85 0.61 -0.82 -2.33
CA GLN A 85 -0.10 -0.19 -3.42
C GLN A 85 -1.08 0.86 -2.89
N VAL A 86 -0.98 2.06 -3.46
CA VAL A 86 -1.84 3.15 -3.05
C VAL A 86 -3.03 3.24 -4.01
N LEU A 87 -4.20 3.50 -3.43
CA LEU A 87 -5.42 3.61 -4.22
C LEU A 87 -6.07 4.96 -3.94
N VAL A 88 -6.35 5.68 -5.01
CA VAL A 88 -6.98 6.99 -4.89
C VAL A 88 -8.49 6.85 -5.09
N GLU A 89 -9.23 7.77 -4.48
CA GLU A 89 -10.68 7.76 -4.59
C GLU A 89 -11.11 8.10 -6.02
N GLY A 90 -11.85 7.18 -6.61
CA GLY A 90 -12.34 7.37 -7.96
C GLY A 90 -11.22 7.17 -8.98
N LEU A 91 -10.07 6.75 -8.48
CA LEU A 91 -8.91 6.52 -9.32
C LEU A 91 -8.54 5.04 -9.28
N GLY A 92 -7.35 4.75 -9.79
CA GLY A 92 -6.88 3.37 -9.82
C GLY A 92 -5.94 3.10 -8.63
N GLU A 93 -5.12 2.07 -8.79
CA GLU A 93 -4.18 1.70 -7.75
C GLU A 93 -2.85 1.26 -8.38
N ASP A 94 -1.76 1.79 -7.82
CA ASP A 94 -0.44 1.47 -8.31
C ASP A 94 0.45 1.06 -7.13
N LEU A 95 1.59 0.47 -7.47
CA LEU A 95 2.53 0.03 -6.45
C LEU A 95 3.67 1.06 -6.35
N PHE A 96 3.93 1.49 -5.12
CA PHE A 96 4.98 2.46 -4.87
C PHE A 96 5.95 1.95 -3.80
N PHE A 97 7.05 2.67 -3.65
CA PHE A 97 8.06 2.30 -2.68
C PHE A 97 7.91 3.12 -1.40
N PRO A 98 8.48 2.57 -0.29
CA PRO A 98 8.40 3.23 0.99
C PRO A 98 9.37 4.42 1.06
N GLU A 99 10.31 4.42 0.12
CA GLU A 99 11.30 5.49 0.06
C GLU A 99 10.91 6.50 -1.02
N GLU A 100 9.88 6.15 -1.78
CA GLU A 100 9.40 7.02 -2.84
C GLU A 100 8.46 8.08 -2.27
N LEU A 101 7.33 7.62 -1.76
CA LEU A 101 6.34 8.53 -1.19
C LEU A 101 6.52 8.55 0.33
N GLU A 102 6.08 9.66 0.91
CA GLU A 102 6.19 9.83 2.35
C GLU A 102 4.80 9.77 2.99
N LEU A 103 4.79 9.68 4.32
CA LEU A 103 3.55 9.62 5.06
C LEU A 103 3.01 11.03 5.26
N ALA A 104 1.78 11.23 4.82
CA ALA A 104 1.14 12.54 4.95
C ALA A 104 1.11 12.94 6.43
N PRO A 105 1.06 14.28 6.65
CA PRO A 105 1.03 14.81 8.00
C PRO A 105 -0.34 14.61 8.64
N GLU A 106 -1.36 15.12 7.95
CA GLU A 106 -2.72 15.01 8.43
C GLU A 106 -3.32 13.65 8.04
N MET A 21 -25.26 -16.85 12.33
CA MET A 21 -24.86 -16.16 11.12
C MET A 21 -23.40 -16.47 10.75
N ILE A 22 -23.24 -17.17 9.65
CA ILE A 22 -21.91 -17.54 9.19
C ILE A 22 -20.97 -16.34 9.37
N GLN A 23 -20.01 -16.52 10.27
CA GLN A 23 -19.04 -15.46 10.55
C GLN A 23 -17.91 -15.50 9.52
N ASP A 24 -16.89 -14.71 9.78
CA ASP A 24 -15.74 -14.64 8.89
C ASP A 24 -15.39 -16.04 8.41
N PRO A 25 -14.76 -16.10 7.21
CA PRO A 25 -14.37 -17.37 6.63
C PRO A 25 -13.14 -17.94 7.34
N SER A 26 -12.76 -19.14 6.91
CA SER A 26 -11.61 -19.81 7.50
C SER A 26 -10.37 -18.91 7.41
N LEU A 27 -10.38 -18.06 6.38
CA LEU A 27 -9.28 -17.14 6.16
C LEU A 27 -8.83 -16.56 7.51
N ILE A 28 -7.53 -16.63 7.74
CA ILE A 28 -6.97 -16.11 8.99
C ILE A 28 -6.61 -14.64 8.80
N ILE A 29 -7.10 -13.83 9.72
CA ILE A 29 -6.84 -12.40 9.67
C ILE A 29 -5.71 -12.05 10.66
N CYS A 30 -4.60 -11.58 10.10
CA CYS A 30 -3.45 -11.21 10.91
C CYS A 30 -3.26 -9.70 10.81
N HIS A 31 -2.90 -9.11 11.94
CA HIS A 31 -2.67 -7.67 11.99
C HIS A 31 -1.33 -7.33 11.34
N ASP A 32 -1.02 -6.05 11.34
CA ASP A 32 0.23 -5.58 10.76
C ASP A 32 1.40 -6.15 11.55
N VAL A 33 2.60 -5.94 11.02
CA VAL A 33 3.80 -6.43 11.67
C VAL A 33 4.81 -5.28 11.78
N ASP A 34 5.40 -5.18 12.95
CA ASP A 34 6.39 -4.14 13.21
C ASP A 34 7.47 -4.20 12.13
N GLY A 35 7.96 -3.02 11.76
CA GLY A 35 8.99 -2.92 10.74
C GLY A 35 8.42 -2.38 9.43
N ALA A 36 7.20 -2.80 9.14
CA ALA A 36 6.53 -2.36 7.93
C ALA A 36 6.78 -0.87 7.72
N PRO A 37 6.59 -0.43 6.44
CA PRO A 37 6.80 0.97 6.09
C PRO A 37 5.64 1.83 6.60
N VAL A 38 4.44 1.44 6.22
CA VAL A 38 3.24 2.17 6.62
C VAL A 38 2.28 1.21 7.32
N ARG A 39 1.18 1.77 7.79
CA ARG A 39 0.16 0.98 8.47
C ARG A 39 -1.10 0.87 7.62
N ILE A 40 -1.70 -0.30 7.65
CA ILE A 40 -2.91 -0.54 6.88
C ILE A 40 -3.95 0.54 7.22
N GLY A 41 -4.64 1.00 6.18
CA GLY A 41 -5.65 2.02 6.35
C GLY A 41 -5.01 3.39 6.58
N ALA A 42 -3.76 3.51 6.14
CA ALA A 42 -3.03 4.76 6.28
C ALA A 42 -3.11 5.55 4.97
N LYS A 43 -3.41 6.84 5.11
CA LYS A 43 -3.51 7.71 3.96
C LYS A 43 -2.17 8.39 3.71
N VAL A 44 -1.59 8.10 2.56
CA VAL A 44 -0.31 8.67 2.20
C VAL A 44 -0.49 9.60 0.99
N LYS A 45 0.57 10.32 0.67
CA LYS A 45 0.54 11.23 -0.46
C LYS A 45 1.57 10.79 -1.51
N VAL A 46 1.05 10.45 -2.68
CA VAL A 46 1.90 10.01 -3.77
C VAL A 46 2.77 11.19 -4.25
N VAL A 47 4.07 11.04 -4.05
CA VAL A 47 5.00 12.08 -4.45
C VAL A 47 4.81 12.38 -5.94
N PRO A 48 5.32 13.58 -6.34
CA PRO A 48 5.20 14.01 -7.73
C PRO A 48 6.20 13.25 -8.62
N HIS A 49 7.45 13.30 -8.21
CA HIS A 49 8.50 12.63 -8.96
C HIS A 49 9.14 11.54 -8.09
N SER A 50 9.25 10.36 -8.65
CA SER A 50 9.83 9.23 -7.95
C SER A 50 11.35 9.43 -7.81
N GLU A 51 11.93 8.64 -6.92
CA GLU A 51 13.37 8.72 -6.68
C GLU A 51 14.06 7.43 -7.14
N ASP A 52 13.23 6.40 -7.32
CA ASP A 52 13.76 5.12 -7.75
C ASP A 52 13.57 4.98 -9.27
N GLY A 53 12.31 4.88 -9.67
CA GLY A 53 11.98 4.74 -11.08
C GLY A 53 10.46 4.71 -11.29
N THR A 54 9.82 3.80 -10.56
CA THR A 54 8.38 3.66 -10.66
C THR A 54 7.68 4.97 -10.28
N ILE A 55 6.65 5.29 -11.05
CA ILE A 55 5.89 6.51 -10.82
C ILE A 55 4.61 6.49 -11.65
N SER A 56 3.71 7.38 -11.30
CA SER A 56 2.44 7.48 -12.02
C SER A 56 2.05 8.95 -12.21
N GLN A 57 1.97 9.34 -13.47
CA GLN A 57 1.61 10.71 -13.80
C GLN A 57 0.15 10.98 -13.44
N ARG A 58 -0.55 9.91 -13.07
CA ARG A 58 -1.94 10.01 -12.70
C ARG A 58 -2.09 10.44 -11.25
N PHE A 59 -1.33 9.75 -10.39
CA PHE A 59 -1.36 10.06 -8.96
C PHE A 59 -0.31 11.12 -8.61
N LEU A 60 0.19 11.78 -9.64
CA LEU A 60 1.19 12.82 -9.46
C LEU A 60 0.58 13.96 -8.64
N GLY A 61 0.80 13.90 -7.33
CA GLY A 61 0.28 14.91 -6.43
C GLY A 61 -1.11 14.53 -5.92
N GLN A 62 -1.31 13.23 -5.75
CA GLN A 62 -2.59 12.73 -5.27
C GLN A 62 -2.44 12.16 -3.87
N THR A 63 -3.58 11.80 -3.28
CA THR A 63 -3.59 11.25 -1.94
C THR A 63 -4.50 10.01 -1.88
N GLY A 64 -3.88 8.86 -1.68
CA GLY A 64 -4.62 7.63 -1.59
C GLY A 64 -4.25 6.85 -0.33
N ILE A 65 -4.88 5.68 -0.18
CA ILE A 65 -4.63 4.84 0.98
C ILE A 65 -3.93 3.55 0.52
N VAL A 66 -3.26 2.92 1.47
CA VAL A 66 -2.56 1.68 1.19
C VAL A 66 -3.53 0.50 1.30
N VAL A 67 -3.77 -0.13 0.17
CA VAL A 67 -4.68 -1.27 0.13
C VAL A 67 -3.95 -2.52 0.64
N GLY A 68 -2.68 -2.62 0.26
CA GLY A 68 -1.86 -3.74 0.67
C GLY A 68 -0.52 -3.28 1.23
N LEU A 69 -0.01 -4.03 2.19
CA LEU A 69 1.25 -3.71 2.81
C LEU A 69 2.31 -4.72 2.37
N VAL A 70 3.56 -4.31 2.48
CA VAL A 70 4.67 -5.17 2.10
C VAL A 70 5.11 -6.00 3.30
N PHE A 71 4.75 -7.28 3.26
CA PHE A 71 5.09 -8.19 4.34
C PHE A 71 5.65 -9.50 3.78
N ASP A 72 6.19 -10.30 4.69
CA ASP A 72 6.76 -11.59 4.31
C ASP A 72 5.81 -12.27 3.32
N ASP A 73 6.25 -12.29 2.05
CA ASP A 73 5.46 -12.90 1.00
C ASP A 73 5.46 -14.42 1.20
N PRO A 74 4.26 -14.97 1.51
CA PRO A 74 4.10 -16.40 1.72
C PRO A 74 4.14 -17.15 0.39
N ALA A 75 3.66 -18.39 0.45
CA ALA A 75 3.63 -19.22 -0.75
C ALA A 75 2.37 -18.90 -1.56
N THR A 76 1.56 -18.02 -1.00
CA THR A 76 0.32 -17.62 -1.65
C THR A 76 0.23 -16.10 -1.73
N GLN A 77 1.36 -15.45 -1.47
CA GLN A 77 1.42 -14.00 -1.52
C GLN A 77 0.44 -13.40 -0.50
N TYR A 78 0.83 -12.25 0.03
CA TYR A 78 0.00 -11.57 1.02
C TYR A 78 0.46 -10.12 1.20
N PRO A 79 -0.51 -9.26 1.61
CA PRO A 79 -1.87 -9.72 1.84
C PRO A 79 -2.60 -9.96 0.52
N ASP A 80 -2.67 -8.92 -0.29
CA ASP A 80 -3.33 -9.01 -1.56
C ASP A 80 -2.31 -8.78 -2.69
N ASP A 81 -1.28 -8.01 -2.35
CA ASP A 81 -0.23 -7.71 -3.32
C ASP A 81 1.14 -7.93 -2.65
N PRO A 82 2.19 -7.98 -3.51
CA PRO A 82 3.54 -8.18 -3.03
C PRO A 82 4.08 -6.90 -2.38
N LEU A 83 3.90 -5.80 -3.07
CA LEU A 83 4.36 -4.51 -2.57
C LEU A 83 3.16 -3.65 -2.17
N ILE A 84 3.45 -2.49 -1.62
CA ILE A 84 2.40 -1.58 -1.20
C ILE A 84 1.80 -0.89 -2.42
N GLN A 85 0.51 -0.63 -2.33
CA GLN A 85 -0.20 0.02 -3.43
C GLN A 85 -1.13 1.11 -2.89
N VAL A 86 -1.21 2.19 -3.65
CA VAL A 86 -2.05 3.31 -3.26
C VAL A 86 -3.26 3.37 -4.18
N LEU A 87 -4.40 3.74 -3.60
CA LEU A 87 -5.63 3.84 -4.36
C LEU A 87 -6.32 5.17 -4.02
N VAL A 88 -6.53 5.98 -5.05
CA VAL A 88 -7.17 7.27 -4.87
C VAL A 88 -8.67 7.11 -5.08
N GLU A 89 -9.43 7.98 -4.42
CA GLU A 89 -10.87 7.95 -4.51
C GLU A 89 -11.32 8.37 -5.92
N GLY A 90 -12.03 7.46 -6.58
CA GLY A 90 -12.52 7.72 -7.91
C GLY A 90 -11.45 7.41 -8.96
N LEU A 91 -10.24 7.18 -8.47
CA LEU A 91 -9.12 6.87 -9.35
C LEU A 91 -8.82 5.38 -9.28
N GLY A 92 -7.66 5.01 -9.81
CA GLY A 92 -7.25 3.62 -9.81
C GLY A 92 -6.27 3.33 -8.67
N GLU A 93 -5.36 2.41 -8.94
CA GLU A 93 -4.37 2.03 -7.95
C GLU A 93 -3.04 1.69 -8.63
N ASP A 94 -1.96 2.01 -7.95
CA ASP A 94 -0.63 1.75 -8.47
C ASP A 94 0.29 1.27 -7.33
N LEU A 95 1.42 0.74 -7.72
CA LEU A 95 2.39 0.24 -6.75
C LEU A 95 3.52 1.26 -6.58
N PHE A 96 3.84 1.54 -5.33
CA PHE A 96 4.89 2.49 -5.03
C PHE A 96 5.85 1.93 -3.97
N PHE A 97 6.96 2.65 -3.78
CA PHE A 97 7.95 2.23 -2.81
C PHE A 97 7.77 2.98 -1.48
N PRO A 98 8.33 2.37 -0.40
CA PRO A 98 8.24 2.97 0.93
C PRO A 98 9.20 4.16 1.06
N GLU A 99 10.18 4.18 0.18
CA GLU A 99 11.17 5.26 0.18
C GLU A 99 10.83 6.29 -0.89
N GLU A 100 9.71 6.06 -1.56
CA GLU A 100 9.26 6.96 -2.62
C GLU A 100 8.27 7.99 -2.04
N LEU A 101 7.17 7.47 -1.53
CA LEU A 101 6.14 8.32 -0.95
C LEU A 101 6.32 8.38 0.56
N GLU A 102 5.75 9.43 1.16
CA GLU A 102 5.84 9.60 2.60
C GLU A 102 4.45 9.74 3.20
N LEU A 103 4.40 9.67 4.53
CA LEU A 103 3.14 9.77 5.24
C LEU A 103 2.71 11.23 5.29
N ALA A 104 1.49 11.47 4.83
CA ALA A 104 0.95 12.83 4.82
C ALA A 104 0.88 13.36 6.26
N PRO A 105 0.94 14.72 6.36
CA PRO A 105 0.89 15.36 7.66
C PRO A 105 -0.53 15.34 8.23
N GLU A 106 -1.46 15.85 7.43
CA GLU A 106 -2.85 15.90 7.84
C GLU A 106 -3.64 14.75 7.20
N MET A 21 -22.50 -21.90 27.86
CA MET A 21 -22.13 -21.61 26.48
C MET A 21 -20.65 -21.25 26.38
N ILE A 22 -20.17 -21.18 25.14
CA ILE A 22 -18.77 -20.85 24.90
C ILE A 22 -18.70 -19.82 23.77
N GLN A 23 -17.68 -18.97 23.87
CA GLN A 23 -17.48 -17.93 22.86
C GLN A 23 -17.34 -18.56 21.47
N ASP A 24 -17.93 -17.89 20.50
CA ASP A 24 -17.88 -18.37 19.12
C ASP A 24 -17.13 -17.35 18.26
N PRO A 25 -15.78 -17.48 18.23
CA PRO A 25 -14.94 -16.58 17.46
C PRO A 25 -15.03 -16.91 15.97
N SER A 26 -15.66 -16.00 15.23
CA SER A 26 -15.81 -16.18 13.80
C SER A 26 -14.97 -15.15 13.05
N LEU A 27 -15.15 -13.89 13.43
CA LEU A 27 -14.40 -12.81 12.81
C LEU A 27 -12.91 -12.97 13.10
N ILE A 28 -12.11 -12.17 12.41
CA ILE A 28 -10.67 -12.22 12.59
C ILE A 28 -10.14 -10.80 12.80
N ILE A 29 -9.28 -10.66 13.79
CA ILE A 29 -8.69 -9.37 14.10
C ILE A 29 -7.61 -9.05 13.06
N CYS A 30 -7.50 -7.77 12.75
CA CYS A 30 -6.51 -7.31 11.78
C CYS A 30 -5.59 -6.31 12.47
N HIS A 31 -4.31 -6.45 12.20
CA HIS A 31 -3.30 -5.58 12.78
C HIS A 31 -2.05 -5.57 11.91
N ASP A 32 -1.10 -4.72 12.30
CA ASP A 32 0.15 -4.61 11.56
C ASP A 32 1.19 -5.52 12.20
N VAL A 33 2.09 -6.03 11.36
CA VAL A 33 3.14 -6.91 11.83
C VAL A 33 4.45 -6.13 11.94
N ASP A 34 5.28 -6.54 12.89
CA ASP A 34 6.56 -5.89 13.11
C ASP A 34 7.33 -5.84 11.79
N GLY A 35 7.83 -4.65 11.49
CA GLY A 35 8.59 -4.45 10.26
C GLY A 35 7.67 -4.09 9.09
N ALA A 36 7.33 -2.81 9.01
CA ALA A 36 6.46 -2.33 7.97
C ALA A 36 6.65 -0.82 7.80
N PRO A 37 6.32 -0.33 6.57
CA PRO A 37 6.46 1.09 6.28
C PRO A 37 5.34 1.90 6.93
N VAL A 38 4.11 1.57 6.56
CA VAL A 38 2.95 2.25 7.11
C VAL A 38 1.95 1.21 7.62
N ARG A 39 0.87 1.72 8.19
CA ARG A 39 -0.18 0.85 8.72
C ARG A 39 -1.36 0.78 7.74
N ILE A 40 -2.13 -0.29 7.86
CA ILE A 40 -3.27 -0.49 7.00
C ILE A 40 -4.29 0.64 7.24
N GLY A 41 -4.93 1.06 6.16
CA GLY A 41 -5.92 2.12 6.24
C GLY A 41 -5.24 3.48 6.41
N ALA A 42 -3.93 3.48 6.24
CA ALA A 42 -3.15 4.70 6.37
C ALA A 42 -3.20 5.47 5.05
N LYS A 43 -3.28 6.79 5.17
CA LYS A 43 -3.33 7.65 4.00
C LYS A 43 -1.93 8.20 3.71
N VAL A 44 -1.42 7.84 2.55
CA VAL A 44 -0.10 8.29 2.14
C VAL A 44 -0.23 9.30 0.99
N LYS A 45 0.89 9.93 0.68
CA LYS A 45 0.90 10.91 -0.40
C LYS A 45 1.86 10.44 -1.49
N VAL A 46 1.30 10.19 -2.66
CA VAL A 46 2.07 9.73 -3.80
C VAL A 46 3.04 10.84 -4.23
N VAL A 47 4.32 10.52 -4.16
CA VAL A 47 5.34 11.49 -4.53
C VAL A 47 5.19 11.84 -6.02
N PRO A 48 4.99 13.16 -6.27
CA PRO A 48 4.83 13.64 -7.64
C PRO A 48 6.16 13.67 -8.38
N HIS A 49 7.22 13.37 -7.64
CA HIS A 49 8.56 13.36 -8.21
C HIS A 49 9.08 11.92 -8.24
N SER A 50 9.83 11.63 -9.30
CA SER A 50 10.39 10.30 -9.47
C SER A 50 11.84 10.28 -8.98
N GLU A 51 12.16 9.24 -8.22
CA GLU A 51 13.50 9.09 -7.69
C GLU A 51 14.20 7.88 -8.32
N ASP A 52 13.45 6.78 -8.39
CA ASP A 52 13.99 5.57 -8.97
C ASP A 52 13.73 5.57 -10.48
N GLY A 53 12.46 5.43 -10.83
CA GLY A 53 12.07 5.41 -12.23
C GLY A 53 10.55 5.24 -12.37
N THR A 54 10.05 4.21 -11.70
CA THR A 54 8.62 3.92 -11.74
C THR A 54 7.83 5.05 -11.08
N ILE A 55 6.77 5.46 -11.77
CA ILE A 55 5.92 6.52 -11.25
C ILE A 55 4.61 6.55 -12.05
N SER A 56 3.61 7.19 -11.47
CA SER A 56 2.31 7.29 -12.10
C SER A 56 1.89 8.77 -12.19
N GLN A 57 1.76 9.24 -13.42
CA GLN A 57 1.36 10.62 -13.65
C GLN A 57 -0.03 10.88 -13.05
N ARG A 58 -0.89 9.89 -13.19
CA ARG A 58 -2.25 9.99 -12.66
C ARG A 58 -2.21 10.37 -11.19
N PHE A 59 -1.41 9.63 -10.43
CA PHE A 59 -1.28 9.88 -9.01
C PHE A 59 -0.17 10.90 -8.73
N LEU A 60 0.18 11.65 -9.77
CA LEU A 60 1.21 12.66 -9.65
C LEU A 60 0.87 13.61 -8.50
N GLY A 61 1.51 13.36 -7.36
CA GLY A 61 1.28 14.17 -6.18
C GLY A 61 -0.17 14.03 -5.68
N GLN A 62 -0.60 12.79 -5.57
CA GLN A 62 -1.95 12.50 -5.11
C GLN A 62 -1.92 11.96 -3.68
N THR A 63 -3.11 11.67 -3.17
CA THR A 63 -3.23 11.14 -1.82
C THR A 63 -4.23 9.99 -1.78
N GLY A 64 -3.72 8.81 -1.45
CA GLY A 64 -4.55 7.62 -1.38
C GLY A 64 -4.21 6.79 -0.13
N ILE A 65 -4.98 5.73 0.05
CA ILE A 65 -4.77 4.85 1.19
C ILE A 65 -4.07 3.57 0.72
N VAL A 66 -3.40 2.92 1.66
CA VAL A 66 -2.69 1.70 1.36
C VAL A 66 -3.63 0.51 1.53
N VAL A 67 -3.93 -0.13 0.40
CA VAL A 67 -4.82 -1.28 0.40
C VAL A 67 -4.04 -2.52 0.85
N GLY A 68 -2.77 -2.53 0.49
CA GLY A 68 -1.91 -3.64 0.85
C GLY A 68 -0.60 -3.15 1.47
N LEU A 69 -0.10 -3.94 2.41
CA LEU A 69 1.13 -3.60 3.09
C LEU A 69 2.24 -4.58 2.67
N VAL A 70 3.47 -4.12 2.80
CA VAL A 70 4.61 -4.94 2.44
C VAL A 70 5.02 -5.81 3.63
N PHE A 71 4.71 -7.09 3.52
CA PHE A 71 5.03 -8.04 4.58
C PHE A 71 5.66 -9.31 4.00
N ASP A 72 6.19 -10.13 4.91
CA ASP A 72 6.82 -11.37 4.51
C ASP A 72 5.96 -12.05 3.44
N ASP A 73 6.45 -12.01 2.22
CA ASP A 73 5.75 -12.62 1.10
C ASP A 73 5.97 -14.13 1.11
N PRO A 74 4.85 -14.87 1.34
CA PRO A 74 4.92 -16.32 1.38
C PRO A 74 5.05 -16.91 -0.02
N ALA A 75 4.79 -18.20 -0.12
CA ALA A 75 4.89 -18.89 -1.39
C ALA A 75 3.65 -18.55 -2.25
N THR A 76 2.76 -17.78 -1.65
CA THR A 76 1.55 -17.38 -2.34
C THR A 76 1.39 -15.85 -2.30
N GLN A 77 2.44 -15.20 -1.83
CA GLN A 77 2.43 -13.75 -1.73
C GLN A 77 1.28 -13.29 -0.82
N TYR A 78 1.49 -12.13 -0.20
CA TYR A 78 0.49 -11.57 0.69
C TYR A 78 0.78 -10.10 0.98
N PRO A 79 -0.32 -9.36 1.32
CA PRO A 79 -1.63 -9.96 1.39
C PRO A 79 -2.19 -10.21 -0.02
N ASP A 80 -2.29 -9.14 -0.79
CA ASP A 80 -2.81 -9.23 -2.14
C ASP A 80 -1.70 -8.87 -3.13
N ASP A 81 -0.78 -8.04 -2.67
CA ASP A 81 0.33 -7.61 -3.49
C ASP A 81 1.64 -7.80 -2.72
N PRO A 82 2.75 -7.92 -3.49
CA PRO A 82 4.07 -8.10 -2.90
C PRO A 82 4.58 -6.79 -2.30
N LEU A 83 3.99 -5.70 -2.75
CA LEU A 83 4.39 -4.38 -2.27
C LEU A 83 3.13 -3.59 -1.87
N ILE A 84 3.37 -2.40 -1.34
CA ILE A 84 2.27 -1.55 -0.91
C ILE A 84 1.61 -0.92 -2.15
N GLN A 85 0.30 -0.75 -2.06
CA GLN A 85 -0.45 -0.17 -3.14
C GLN A 85 -1.37 0.94 -2.62
N VAL A 86 -1.34 2.06 -3.33
CA VAL A 86 -2.16 3.21 -2.95
C VAL A 86 -3.36 3.30 -3.90
N LEU A 87 -4.47 3.78 -3.36
CA LEU A 87 -5.68 3.94 -4.15
C LEU A 87 -6.30 5.30 -3.85
N VAL A 88 -6.39 6.12 -4.89
CA VAL A 88 -6.96 7.44 -4.76
C VAL A 88 -8.47 7.38 -5.00
N GLU A 89 -9.18 8.29 -4.35
CA GLU A 89 -10.63 8.35 -4.49
C GLU A 89 -11.02 8.80 -5.90
N GLY A 90 -11.91 8.04 -6.51
CA GLY A 90 -12.37 8.36 -7.85
C GLY A 90 -11.29 8.04 -8.89
N LEU A 91 -10.19 7.49 -8.40
CA LEU A 91 -9.08 7.13 -9.27
C LEU A 91 -8.87 5.62 -9.21
N GLY A 92 -7.72 5.20 -9.72
CA GLY A 92 -7.38 3.79 -9.74
C GLY A 92 -6.46 3.43 -8.57
N GLU A 93 -5.68 2.38 -8.78
CA GLU A 93 -4.74 1.93 -7.75
C GLU A 93 -3.42 1.50 -8.40
N ASP A 94 -2.33 1.90 -7.77
CA ASP A 94 -1.00 1.57 -8.27
C ASP A 94 -0.13 1.10 -7.10
N LEU A 95 0.98 0.47 -7.44
CA LEU A 95 1.90 -0.03 -6.44
C LEU A 95 3.11 0.90 -6.36
N PHE A 96 3.40 1.35 -5.15
CA PHE A 96 4.52 2.24 -4.92
C PHE A 96 5.48 1.66 -3.88
N PHE A 97 6.63 2.31 -3.76
CA PHE A 97 7.64 1.88 -2.80
C PHE A 97 7.54 2.66 -1.50
N PRO A 98 8.09 2.05 -0.41
CA PRO A 98 8.06 2.67 0.90
C PRO A 98 9.08 3.81 0.98
N GLU A 99 10.02 3.79 0.05
CA GLU A 99 11.05 4.81 0.01
C GLU A 99 10.70 5.88 -1.03
N GLU A 100 9.64 5.61 -1.78
CA GLU A 100 9.19 6.54 -2.81
C GLU A 100 8.27 7.59 -2.20
N LEU A 101 7.14 7.11 -1.68
CA LEU A 101 6.17 8.01 -1.08
C LEU A 101 6.38 8.03 0.44
N GLU A 102 5.73 8.99 1.08
CA GLU A 102 5.84 9.13 2.52
C GLU A 102 4.45 9.20 3.16
N LEU A 103 4.42 9.08 4.47
CA LEU A 103 3.17 9.12 5.21
C LEU A 103 2.70 10.57 5.32
N ALA A 104 1.44 10.78 5.00
CA ALA A 104 0.85 12.11 5.06
C ALA A 104 0.57 12.47 6.52
N PRO A 105 0.55 13.80 6.79
CA PRO A 105 0.29 14.29 8.13
C PRO A 105 -1.19 14.16 8.49
N GLU A 106 -2.02 14.74 7.65
CA GLU A 106 -3.46 14.69 7.86
C GLU A 106 -4.16 14.04 6.66
N MET A 21 -5.79 -15.87 -4.88
CA MET A 21 -6.74 -15.07 -4.12
C MET A 21 -6.81 -15.54 -2.67
N ILE A 22 -6.70 -14.57 -1.76
CA ILE A 22 -6.74 -14.87 -0.34
C ILE A 22 -8.01 -14.26 0.26
N GLN A 23 -8.66 -15.05 1.11
CA GLN A 23 -9.88 -14.60 1.76
C GLN A 23 -9.56 -13.82 3.03
N ASP A 24 -10.39 -12.84 3.32
CA ASP A 24 -10.21 -12.01 4.50
C ASP A 24 -10.96 -12.62 5.67
N PRO A 25 -10.23 -12.82 6.80
CA PRO A 25 -10.83 -13.39 8.00
C PRO A 25 -11.73 -12.37 8.71
N SER A 26 -12.98 -12.75 8.89
CA SER A 26 -13.94 -11.88 9.54
C SER A 26 -13.99 -12.20 11.04
N LEU A 27 -13.99 -13.50 11.34
CA LEU A 27 -14.04 -13.94 12.72
C LEU A 27 -13.12 -13.06 13.57
N ILE A 28 -11.83 -13.37 13.53
CA ILE A 28 -10.85 -12.61 14.27
C ILE A 28 -10.12 -11.66 13.34
N ILE A 29 -10.18 -10.38 13.66
CA ILE A 29 -9.53 -9.36 12.86
C ILE A 29 -8.04 -9.32 13.22
N CYS A 30 -7.22 -9.16 12.18
CA CYS A 30 -5.79 -9.09 12.37
C CYS A 30 -5.35 -7.64 12.21
N HIS A 31 -4.28 -7.29 12.92
CA HIS A 31 -3.75 -5.94 12.86
C HIS A 31 -2.47 -5.93 12.02
N ASP A 32 -1.92 -4.73 11.86
CA ASP A 32 -0.69 -4.57 11.08
C ASP A 32 0.46 -5.27 11.82
N VAL A 33 1.28 -5.96 11.03
CA VAL A 33 2.42 -6.67 11.59
C VAL A 33 3.54 -5.67 11.87
N ASP A 34 4.29 -5.98 12.92
CA ASP A 34 5.40 -5.11 13.32
C ASP A 34 6.49 -5.16 12.24
N GLY A 35 6.93 -3.98 11.85
CA GLY A 35 7.96 -3.87 10.83
C GLY A 35 7.35 -3.64 9.45
N ALA A 36 7.17 -2.37 9.12
CA ALA A 36 6.59 -2.01 7.84
C ALA A 36 6.83 -0.51 7.58
N PRO A 37 6.68 -0.12 6.29
CA PRO A 37 6.87 1.26 5.91
C PRO A 37 5.67 2.13 6.34
N VAL A 38 4.49 1.61 6.06
CA VAL A 38 3.27 2.31 6.41
C VAL A 38 2.33 1.35 7.16
N ARG A 39 1.20 1.90 7.59
CA ARG A 39 0.22 1.11 8.31
C ARG A 39 -1.02 0.88 7.44
N ILE A 40 -1.56 -0.33 7.55
CA ILE A 40 -2.74 -0.68 6.79
C ILE A 40 -3.86 0.33 7.08
N GLY A 41 -4.49 0.80 6.01
CA GLY A 41 -5.57 1.76 6.14
C GLY A 41 -5.02 3.15 6.44
N ALA A 42 -3.74 3.33 6.17
CA ALA A 42 -3.08 4.61 6.42
C ALA A 42 -3.14 5.45 5.14
N LYS A 43 -3.30 6.75 5.33
CA LYS A 43 -3.37 7.67 4.21
C LYS A 43 -1.98 8.23 3.93
N VAL A 44 -1.47 7.90 2.75
CA VAL A 44 -0.15 8.38 2.35
C VAL A 44 -0.29 9.32 1.16
N LYS A 45 0.83 9.94 0.81
CA LYS A 45 0.84 10.87 -0.32
C LYS A 45 1.85 10.38 -1.37
N VAL A 46 1.33 10.12 -2.56
CA VAL A 46 2.17 9.65 -3.64
C VAL A 46 3.13 10.77 -4.06
N VAL A 47 4.42 10.49 -3.89
CA VAL A 47 5.44 11.45 -4.24
C VAL A 47 5.28 11.86 -5.71
N PRO A 48 5.24 13.21 -5.92
CA PRO A 48 5.08 13.75 -7.26
C PRO A 48 6.37 13.62 -8.06
N HIS A 49 7.47 14.00 -7.42
CA HIS A 49 8.77 13.91 -8.06
C HIS A 49 9.03 12.49 -8.54
N SER A 50 9.70 12.40 -9.69
CA SER A 50 10.01 11.11 -10.27
C SER A 50 11.52 10.86 -10.22
N GLU A 51 11.95 10.25 -9.12
CA GLU A 51 13.36 9.96 -8.95
C GLU A 51 13.65 8.49 -9.29
N ASP A 52 12.75 7.63 -8.83
CA ASP A 52 12.89 6.21 -9.08
C ASP A 52 12.36 5.88 -10.48
N GLY A 53 12.37 4.60 -10.80
CA GLY A 53 11.89 4.14 -12.09
C GLY A 53 10.37 4.25 -12.18
N THR A 54 9.70 3.43 -11.40
CA THR A 54 8.25 3.42 -11.38
C THR A 54 7.71 4.79 -10.98
N ILE A 55 6.61 5.18 -11.61
CA ILE A 55 6.00 6.47 -11.31
C ILE A 55 4.59 6.49 -11.91
N SER A 56 3.82 7.48 -11.49
CA SER A 56 2.46 7.63 -11.97
C SER A 56 2.10 9.12 -12.07
N GLN A 57 1.88 9.56 -13.30
CA GLN A 57 1.53 10.96 -13.54
C GLN A 57 0.06 11.21 -13.16
N ARG A 58 -0.66 10.12 -12.96
CA ARG A 58 -2.06 10.21 -12.59
C ARG A 58 -2.19 10.45 -11.09
N PHE A 59 -1.22 9.94 -10.34
CA PHE A 59 -1.22 10.10 -8.90
C PHE A 59 -0.22 11.17 -8.47
N LEU A 60 0.24 11.93 -9.45
CA LEU A 60 1.20 12.99 -9.18
C LEU A 60 0.59 14.00 -8.21
N GLY A 61 1.21 14.09 -7.05
CA GLY A 61 0.73 15.00 -6.01
C GLY A 61 -0.67 14.61 -5.53
N GLN A 62 -0.93 13.32 -5.55
CA GLN A 62 -2.21 12.80 -5.13
C GLN A 62 -2.13 12.27 -3.69
N THR A 63 -3.20 11.62 -3.27
CA THR A 63 -3.26 11.07 -1.92
C THR A 63 -4.27 9.93 -1.86
N GLY A 64 -3.77 8.76 -1.49
CA GLY A 64 -4.62 7.57 -1.40
C GLY A 64 -4.31 6.80 -0.12
N ILE A 65 -4.81 5.56 -0.08
CA ILE A 65 -4.59 4.70 1.06
C ILE A 65 -3.94 3.40 0.61
N VAL A 66 -3.17 2.81 1.51
CA VAL A 66 -2.48 1.56 1.22
C VAL A 66 -3.46 0.39 1.39
N VAL A 67 -3.76 -0.25 0.27
CA VAL A 67 -4.68 -1.38 0.27
C VAL A 67 -3.97 -2.59 0.87
N GLY A 68 -2.69 -2.73 0.52
CA GLY A 68 -1.91 -3.86 1.02
C GLY A 68 -0.51 -3.38 1.43
N LEU A 69 0.05 -4.10 2.39
CA LEU A 69 1.38 -3.77 2.88
C LEU A 69 2.41 -4.69 2.22
N VAL A 70 3.67 -4.44 2.54
CA VAL A 70 4.76 -5.24 1.98
C VAL A 70 5.46 -5.99 3.11
N PHE A 71 5.19 -7.29 3.18
CA PHE A 71 5.78 -8.12 4.20
C PHE A 71 6.29 -9.45 3.61
N ASP A 72 7.04 -10.18 4.42
CA ASP A 72 7.58 -11.45 3.99
C ASP A 72 6.51 -12.22 3.20
N ASP A 73 6.71 -12.27 1.89
CA ASP A 73 5.77 -12.95 1.02
C ASP A 73 6.00 -14.47 1.13
N PRO A 74 4.94 -15.17 1.63
CA PRO A 74 5.02 -16.61 1.80
C PRO A 74 4.90 -17.32 0.45
N ALA A 75 4.58 -18.60 0.52
CA ALA A 75 4.43 -19.41 -0.68
C ALA A 75 3.09 -19.08 -1.35
N THR A 76 2.35 -18.19 -0.71
CA THR A 76 1.06 -17.78 -1.22
C THR A 76 0.97 -16.26 -1.29
N GLN A 77 2.10 -15.62 -1.04
CA GLN A 77 2.16 -14.17 -1.06
C GLN A 77 1.17 -13.57 -0.06
N TYR A 78 1.47 -12.36 0.38
CA TYR A 78 0.62 -11.67 1.33
C TYR A 78 0.96 -10.19 1.39
N PRO A 79 -0.06 -9.38 1.78
CA PRO A 79 -1.37 -9.92 2.10
C PRO A 79 -2.12 -10.32 0.82
N ASP A 80 -2.33 -9.34 -0.02
CA ASP A 80 -3.04 -9.57 -1.28
C ASP A 80 -2.12 -9.21 -2.45
N ASP A 81 -1.22 -8.27 -2.19
CA ASP A 81 -0.29 -7.82 -3.21
C ASP A 81 1.15 -8.04 -2.70
N PRO A 82 2.10 -8.07 -3.67
CA PRO A 82 3.50 -8.26 -3.34
C PRO A 82 4.10 -6.99 -2.73
N LEU A 83 3.59 -5.86 -3.19
CA LEU A 83 4.07 -4.58 -2.71
C LEU A 83 2.87 -3.71 -2.30
N ILE A 84 3.18 -2.54 -1.76
CA ILE A 84 2.14 -1.62 -1.33
C ILE A 84 1.53 -0.94 -2.55
N GLN A 85 0.23 -0.70 -2.46
CA GLN A 85 -0.49 -0.06 -3.55
C GLN A 85 -1.38 1.06 -3.01
N VAL A 86 -1.31 2.20 -3.67
CA VAL A 86 -2.09 3.36 -3.28
C VAL A 86 -3.27 3.52 -4.24
N LEU A 87 -4.44 3.78 -3.65
CA LEU A 87 -5.64 3.97 -4.44
C LEU A 87 -6.26 5.34 -4.12
N VAL A 88 -6.41 6.12 -5.17
CA VAL A 88 -6.98 7.46 -5.01
C VAL A 88 -8.49 7.40 -5.29
N GLU A 89 -9.21 8.31 -4.64
CA GLU A 89 -10.65 8.37 -4.81
C GLU A 89 -11.00 8.83 -6.23
N GLY A 90 -11.83 8.03 -6.89
CA GLY A 90 -12.26 8.33 -8.25
C GLY A 90 -11.14 8.01 -9.25
N LEU A 91 -10.02 7.55 -8.72
CA LEU A 91 -8.89 7.20 -9.55
C LEU A 91 -8.67 5.68 -9.49
N GLY A 92 -7.53 5.25 -10.02
CA GLY A 92 -7.18 3.84 -10.03
C GLY A 92 -6.27 3.50 -8.86
N GLU A 93 -5.43 2.50 -9.09
CA GLU A 93 -4.49 2.05 -8.06
C GLU A 93 -3.16 1.66 -8.70
N ASP A 94 -2.09 1.96 -7.98
CA ASP A 94 -0.76 1.64 -8.46
C ASP A 94 0.11 1.20 -7.28
N LEU A 95 1.25 0.60 -7.62
CA LEU A 95 2.17 0.12 -6.60
C LEU A 95 3.35 1.09 -6.50
N PHE A 96 3.68 1.47 -5.28
CA PHE A 96 4.78 2.37 -5.04
C PHE A 96 5.77 1.79 -4.03
N PHE A 97 6.90 2.46 -3.91
CA PHE A 97 7.94 2.01 -2.99
C PHE A 97 7.81 2.70 -1.63
N PRO A 98 8.38 2.04 -0.59
CA PRO A 98 8.33 2.58 0.75
C PRO A 98 9.29 3.75 0.92
N GLU A 99 10.27 3.79 0.02
CA GLU A 99 11.27 4.86 0.06
C GLU A 99 10.92 5.94 -0.96
N GLU A 100 9.76 5.78 -1.59
CA GLU A 100 9.30 6.74 -2.58
C GLU A 100 8.33 7.74 -1.94
N LEU A 101 7.23 7.21 -1.43
CA LEU A 101 6.23 8.05 -0.80
C LEU A 101 6.45 8.04 0.72
N GLU A 102 5.78 8.97 1.38
CA GLU A 102 5.89 9.08 2.84
C GLU A 102 4.50 9.13 3.46
N LEU A 103 4.48 8.99 4.79
CA LEU A 103 3.23 9.01 5.52
C LEU A 103 2.76 10.46 5.66
N ALA A 104 1.49 10.67 5.35
CA ALA A 104 0.90 12.00 5.44
C ALA A 104 0.70 12.37 6.91
N PRO A 105 0.74 13.69 7.18
CA PRO A 105 0.56 14.19 8.54
C PRO A 105 -0.90 14.10 8.98
N GLU A 106 -1.76 14.69 8.16
CA GLU A 106 -3.19 14.70 8.45
C GLU A 106 -3.99 14.41 7.18
N MET A 21 -8.69 -34.20 13.13
CA MET A 21 -8.52 -32.77 13.26
C MET A 21 -9.57 -32.02 12.44
N ILE A 22 -10.09 -30.95 13.03
CA ILE A 22 -11.09 -30.15 12.36
C ILE A 22 -11.05 -28.72 12.90
N GLN A 23 -9.82 -28.21 13.02
CA GLN A 23 -9.61 -26.86 13.52
C GLN A 23 -9.13 -25.95 12.40
N ASP A 24 -9.81 -26.04 11.27
CA ASP A 24 -9.46 -25.23 10.11
C ASP A 24 -9.74 -23.76 10.42
N PRO A 25 -8.87 -22.88 9.86
CA PRO A 25 -9.01 -21.45 10.08
C PRO A 25 -10.16 -20.89 9.24
N SER A 26 -11.24 -20.52 9.92
CA SER A 26 -12.40 -19.97 9.25
C SER A 26 -12.46 -18.45 9.46
N LEU A 27 -12.19 -18.05 10.69
CA LEU A 27 -12.21 -16.64 11.04
C LEU A 27 -10.98 -15.96 10.44
N ILE A 28 -11.22 -14.85 9.77
CA ILE A 28 -10.15 -14.09 9.15
C ILE A 28 -9.87 -12.83 9.96
N ILE A 29 -8.69 -12.80 10.58
CA ILE A 29 -8.30 -11.67 11.39
C ILE A 29 -6.80 -11.42 11.22
N CYS A 30 -6.47 -10.22 10.78
CA CYS A 30 -5.08 -9.85 10.57
C CYS A 30 -4.84 -8.50 11.26
N HIS A 31 -3.58 -8.26 11.59
CA HIS A 31 -3.20 -7.01 12.24
C HIS A 31 -1.84 -6.56 11.72
N ASP A 32 -1.47 -5.35 12.10
CA ASP A 32 -0.20 -4.77 11.68
C ASP A 32 0.94 -5.62 12.24
N VAL A 33 2.01 -5.72 11.47
CA VAL A 33 3.17 -6.48 11.87
C VAL A 33 4.38 -5.56 11.96
N ASP A 34 5.13 -5.72 13.04
CA ASP A 34 6.32 -4.91 13.27
C ASP A 34 7.28 -5.10 12.10
N GLY A 35 7.67 -3.99 11.50
CA GLY A 35 8.58 -4.01 10.37
C GLY A 35 7.86 -3.70 9.07
N ALA A 36 7.38 -2.47 8.97
CA ALA A 36 6.66 -2.04 7.79
C ALA A 36 6.91 -0.54 7.56
N PRO A 37 6.69 -0.10 6.29
CA PRO A 37 6.89 1.28 5.94
C PRO A 37 5.76 2.16 6.48
N VAL A 38 4.54 1.73 6.18
CA VAL A 38 3.37 2.47 6.62
C VAL A 38 2.37 1.49 7.26
N ARG A 39 1.27 2.05 7.74
CA ARG A 39 0.24 1.25 8.38
C ARG A 39 -0.90 0.99 7.40
N ILE A 40 -1.52 -0.17 7.56
CA ILE A 40 -2.63 -0.56 6.70
C ILE A 40 -3.75 0.48 6.82
N GLY A 41 -4.33 0.82 5.68
CA GLY A 41 -5.40 1.80 5.65
C GLY A 41 -4.88 3.20 5.95
N ALA A 42 -3.57 3.35 5.84
CA ALA A 42 -2.94 4.63 6.11
C ALA A 42 -3.06 5.52 4.86
N LYS A 43 -3.21 6.81 5.12
CA LYS A 43 -3.34 7.78 4.03
C LYS A 43 -1.96 8.35 3.71
N VAL A 44 -1.45 7.96 2.55
CA VAL A 44 -0.15 8.43 2.10
C VAL A 44 -0.33 9.39 0.93
N LYS A 45 0.77 10.01 0.54
CA LYS A 45 0.74 10.96 -0.57
C LYS A 45 1.81 10.56 -1.59
N VAL A 46 1.34 10.29 -2.80
CA VAL A 46 2.24 9.89 -3.88
C VAL A 46 3.15 11.06 -4.23
N VAL A 47 4.44 10.76 -4.36
CA VAL A 47 5.42 11.78 -4.69
C VAL A 47 5.22 12.21 -6.13
N PRO A 48 5.28 13.55 -6.34
CA PRO A 48 5.11 14.12 -7.67
C PRO A 48 6.36 13.90 -8.52
N HIS A 49 7.51 13.99 -7.87
CA HIS A 49 8.78 13.81 -8.56
C HIS A 49 9.19 12.33 -8.48
N SER A 50 10.05 11.94 -9.41
CA SER A 50 10.53 10.57 -9.45
C SER A 50 12.04 10.54 -9.22
N GLU A 51 12.44 9.74 -8.24
CA GLU A 51 13.85 9.61 -7.91
C GLU A 51 14.35 8.20 -8.25
N ASP A 52 13.55 7.22 -7.86
CA ASP A 52 13.89 5.83 -8.12
C ASP A 52 13.74 5.54 -9.62
N GLY A 53 12.55 5.09 -9.98
CA GLY A 53 12.25 4.78 -11.37
C GLY A 53 10.79 4.37 -11.54
N THR A 54 9.94 4.99 -10.75
CA THR A 54 8.51 4.72 -10.80
C THR A 54 7.71 5.95 -10.40
N ILE A 55 6.68 6.23 -11.20
CA ILE A 55 5.83 7.38 -10.95
C ILE A 55 4.62 7.32 -11.88
N SER A 56 3.58 8.03 -11.48
CA SER A 56 2.35 8.07 -12.28
C SER A 56 1.82 9.50 -12.33
N GLN A 57 1.75 10.04 -13.53
CA GLN A 57 1.26 11.39 -13.73
C GLN A 57 -0.19 11.50 -13.25
N ARG A 58 -0.92 10.40 -13.40
CA ARG A 58 -2.30 10.35 -12.98
C ARG A 58 -2.42 10.60 -11.47
N PHE A 59 -1.44 10.08 -10.75
CA PHE A 59 -1.41 10.23 -9.30
C PHE A 59 -0.43 11.33 -8.89
N LEU A 60 -0.10 12.18 -9.85
CA LEU A 60 0.81 13.28 -9.59
C LEU A 60 0.24 14.18 -8.51
N GLY A 61 0.87 14.14 -7.34
CA GLY A 61 0.44 14.95 -6.22
C GLY A 61 -0.92 14.46 -5.70
N GLN A 62 -1.17 13.17 -5.88
CA GLN A 62 -2.42 12.58 -5.44
C GLN A 62 -2.26 12.02 -4.02
N THR A 63 -3.38 11.59 -3.46
CA THR A 63 -3.39 11.04 -2.12
C THR A 63 -4.34 9.85 -2.04
N GLY A 64 -3.77 8.68 -1.79
CA GLY A 64 -4.56 7.47 -1.68
C GLY A 64 -4.19 6.68 -0.41
N ILE A 65 -4.86 5.55 -0.25
CA ILE A 65 -4.62 4.71 0.91
C ILE A 65 -3.94 3.42 0.46
N VAL A 66 -3.20 2.81 1.38
CA VAL A 66 -2.50 1.58 1.09
C VAL A 66 -3.42 0.39 1.41
N VAL A 67 -3.93 -0.22 0.35
CA VAL A 67 -4.83 -1.36 0.51
C VAL A 67 -4.00 -2.60 0.83
N GLY A 68 -2.73 -2.55 0.46
CA GLY A 68 -1.83 -3.66 0.70
C GLY A 68 -0.48 -3.17 1.23
N LEU A 69 0.00 -3.85 2.27
CA LEU A 69 1.27 -3.49 2.88
C LEU A 69 2.32 -4.54 2.50
N VAL A 70 3.57 -4.13 2.59
CA VAL A 70 4.68 -5.03 2.28
C VAL A 70 5.09 -5.79 3.53
N PHE A 71 4.71 -7.06 3.55
CA PHE A 71 5.02 -7.91 4.70
C PHE A 71 5.54 -9.28 4.22
N ASP A 72 6.06 -10.04 5.18
CA ASP A 72 6.59 -11.35 4.88
C ASP A 72 5.64 -12.07 3.92
N ASP A 73 6.07 -12.17 2.67
CA ASP A 73 5.28 -12.83 1.65
C ASP A 73 5.34 -14.35 1.85
N PRO A 74 4.15 -14.93 2.15
CA PRO A 74 4.06 -16.36 2.37
C PRO A 74 4.15 -17.13 1.05
N ALA A 75 3.76 -18.39 1.10
CA ALA A 75 3.79 -19.24 -0.08
C ALA A 75 2.57 -18.94 -0.95
N THR A 76 1.68 -18.12 -0.41
CA THR A 76 0.47 -17.74 -1.13
C THR A 76 0.38 -16.22 -1.26
N GLN A 77 1.49 -15.56 -0.94
CA GLN A 77 1.55 -14.11 -1.02
C GLN A 77 0.51 -13.49 -0.09
N TYR A 78 0.84 -12.32 0.42
CA TYR A 78 -0.06 -11.61 1.31
C TYR A 78 0.36 -10.14 1.47
N PRO A 79 -0.65 -9.29 1.81
CA PRO A 79 -2.00 -9.77 2.01
C PRO A 79 -2.68 -10.07 0.67
N ASP A 80 -2.74 -9.05 -0.17
CA ASP A 80 -3.36 -9.21 -1.48
C ASP A 80 -2.30 -8.98 -2.56
N ASP A 81 -1.29 -8.19 -2.22
CA ASP A 81 -0.21 -7.89 -3.15
C ASP A 81 1.13 -8.07 -2.42
N PRO A 82 2.21 -8.15 -3.25
CA PRO A 82 3.54 -8.32 -2.71
C PRO A 82 4.07 -7.00 -2.11
N LEU A 83 4.02 -5.97 -2.93
CA LEU A 83 4.48 -4.66 -2.50
C LEU A 83 3.27 -3.80 -2.13
N ILE A 84 3.57 -2.60 -1.63
CA ILE A 84 2.52 -1.68 -1.23
C ILE A 84 1.88 -1.06 -2.48
N GLN A 85 0.58 -0.84 -2.39
CA GLN A 85 -0.16 -0.26 -3.49
C GLN A 85 -1.13 0.80 -2.98
N VAL A 86 -1.08 1.97 -3.62
CA VAL A 86 -1.94 3.08 -3.24
C VAL A 86 -3.13 3.12 -4.19
N LEU A 87 -4.27 3.55 -3.64
CA LEU A 87 -5.50 3.65 -4.43
C LEU A 87 -6.17 4.99 -4.15
N VAL A 88 -6.28 5.80 -5.18
CA VAL A 88 -6.89 7.11 -5.06
C VAL A 88 -8.41 6.96 -5.22
N GLU A 89 -9.12 7.90 -4.60
CA GLU A 89 -10.58 7.88 -4.67
C GLU A 89 -11.05 8.23 -6.07
N GLY A 90 -11.99 7.45 -6.57
CA GLY A 90 -12.53 7.66 -7.89
C GLY A 90 -11.46 7.46 -8.97
N LEU A 91 -10.33 6.91 -8.53
CA LEU A 91 -9.23 6.66 -9.44
C LEU A 91 -8.90 5.16 -9.43
N GLY A 92 -7.73 4.84 -9.97
CA GLY A 92 -7.28 3.46 -10.03
C GLY A 92 -6.34 3.13 -8.87
N GLU A 93 -5.51 2.14 -9.09
CA GLU A 93 -4.55 1.72 -8.07
C GLU A 93 -3.22 1.33 -8.72
N ASP A 94 -2.15 1.82 -8.13
CA ASP A 94 -0.82 1.53 -8.63
C ASP A 94 0.09 1.10 -7.47
N LEU A 95 1.24 0.55 -7.83
CA LEU A 95 2.18 0.09 -6.83
C LEU A 95 3.31 1.12 -6.71
N PHE A 96 3.59 1.50 -5.47
CA PHE A 96 4.65 2.47 -5.19
C PHE A 96 5.65 1.91 -4.19
N PHE A 97 6.81 2.56 -4.15
CA PHE A 97 7.86 2.13 -3.24
C PHE A 97 7.77 2.89 -1.90
N PRO A 98 8.41 2.29 -0.87
CA PRO A 98 8.39 2.90 0.46
C PRO A 98 9.35 4.09 0.52
N GLU A 99 10.24 4.16 -0.46
CA GLU A 99 11.21 5.24 -0.52
C GLU A 99 10.74 6.30 -1.54
N GLU A 100 9.61 6.02 -2.15
CA GLU A 100 9.05 6.93 -3.13
C GLU A 100 8.25 8.05 -2.44
N LEU A 101 7.11 7.65 -1.90
CA LEU A 101 6.26 8.59 -1.20
C LEU A 101 6.47 8.47 0.31
N GLU A 102 5.92 9.43 1.04
CA GLU A 102 6.05 9.43 2.49
C GLU A 102 4.66 9.31 3.13
N LEU A 103 4.67 8.91 4.40
CA LEU A 103 3.43 8.76 5.15
C LEU A 103 2.97 10.12 5.65
N ALA A 104 1.73 10.45 5.32
CA ALA A 104 1.15 11.72 5.73
C ALA A 104 0.83 11.67 7.22
N PRO A 105 0.97 12.86 7.87
CA PRO A 105 0.70 12.96 9.31
C PRO A 105 -0.81 12.94 9.57
N GLU A 106 -1.52 13.85 8.91
CA GLU A 106 -2.95 13.95 9.08
C GLU A 106 -3.63 14.05 7.72
N MET A 21 -17.51 -16.13 26.88
CA MET A 21 -18.17 -16.33 25.60
C MET A 21 -17.95 -15.12 24.68
N ILE A 22 -17.66 -15.42 23.43
CA ILE A 22 -17.42 -14.38 22.45
C ILE A 22 -17.24 -15.02 21.06
N GLN A 23 -18.06 -14.58 20.13
CA GLN A 23 -18.00 -15.09 18.76
C GLN A 23 -17.72 -13.95 17.78
N ASP A 24 -17.28 -14.34 16.59
CA ASP A 24 -16.97 -13.37 15.55
C ASP A 24 -17.69 -13.77 14.26
N PRO A 25 -18.14 -12.73 13.51
CA PRO A 25 -18.83 -12.96 12.25
C PRO A 25 -17.85 -13.39 11.15
N SER A 26 -18.40 -14.04 10.13
CA SER A 26 -17.60 -14.50 9.02
C SER A 26 -16.53 -13.46 8.67
N LEU A 27 -16.95 -12.20 8.71
CA LEU A 27 -16.06 -11.10 8.41
C LEU A 27 -14.77 -11.27 9.20
N ILE A 28 -13.68 -11.49 8.47
CA ILE A 28 -12.38 -11.67 9.09
C ILE A 28 -11.55 -10.40 8.89
N ILE A 29 -10.73 -10.11 9.90
CA ILE A 29 -9.88 -8.93 9.85
C ILE A 29 -8.49 -9.29 10.38
N CYS A 30 -7.49 -8.63 9.83
CA CYS A 30 -6.12 -8.87 10.25
C CYS A 30 -5.55 -7.56 10.79
N HIS A 31 -4.48 -7.68 11.56
CA HIS A 31 -3.83 -6.52 12.15
C HIS A 31 -2.55 -6.21 11.38
N ASP A 32 -1.91 -5.11 11.77
CA ASP A 32 -0.68 -4.69 11.12
C ASP A 32 0.51 -5.36 11.83
N VAL A 33 1.40 -5.92 11.02
CA VAL A 33 2.57 -6.60 11.55
C VAL A 33 3.67 -5.56 11.80
N ASP A 34 4.53 -5.87 12.76
CA ASP A 34 5.62 -4.98 13.10
C ASP A 34 6.65 -4.98 11.96
N GLY A 35 7.18 -3.79 11.70
CA GLY A 35 8.17 -3.64 10.65
C GLY A 35 7.49 -3.42 9.29
N ALA A 36 7.23 -2.16 8.99
CA ALA A 36 6.60 -1.81 7.74
C ALA A 36 6.75 -0.30 7.49
N PRO A 37 6.61 0.09 6.20
CA PRO A 37 6.73 1.48 5.82
C PRO A 37 5.49 2.27 6.24
N VAL A 38 4.34 1.76 5.83
CA VAL A 38 3.07 2.40 6.15
C VAL A 38 2.16 1.41 6.86
N ARG A 39 0.99 1.89 7.25
CA ARG A 39 0.03 1.05 7.94
C ARG A 39 -1.20 0.82 7.06
N ILE A 40 -1.75 -0.38 7.16
CA ILE A 40 -2.93 -0.74 6.38
C ILE A 40 -4.04 0.27 6.66
N GLY A 41 -4.62 0.77 5.58
CA GLY A 41 -5.70 1.75 5.69
C GLY A 41 -5.15 3.13 6.06
N ALA A 42 -3.85 3.29 5.86
CA ALA A 42 -3.20 4.55 6.16
C ALA A 42 -3.23 5.45 4.92
N LYS A 43 -3.41 6.74 5.16
CA LYS A 43 -3.46 7.70 4.07
C LYS A 43 -2.05 8.29 3.87
N VAL A 44 -1.58 8.16 2.64
CA VAL A 44 -0.26 8.66 2.29
C VAL A 44 -0.38 9.58 1.07
N LYS A 45 0.73 10.24 0.76
CA LYS A 45 0.77 11.14 -0.38
C LYS A 45 1.78 10.63 -1.42
N VAL A 46 1.27 10.39 -2.62
CA VAL A 46 2.12 9.89 -3.69
C VAL A 46 3.14 10.97 -4.06
N VAL A 47 4.41 10.60 -3.92
CA VAL A 47 5.49 11.52 -4.25
C VAL A 47 5.41 11.91 -5.73
N PRO A 48 5.48 13.24 -5.97
CA PRO A 48 5.41 13.75 -7.34
C PRO A 48 6.73 13.50 -8.08
N HIS A 49 7.81 13.73 -7.36
CA HIS A 49 9.14 13.54 -7.93
C HIS A 49 9.36 12.07 -8.26
N SER A 50 10.00 11.84 -9.39
CA SER A 50 10.28 10.47 -9.83
C SER A 50 11.69 10.07 -9.40
N GLU A 51 11.73 9.16 -8.43
CA GLU A 51 13.00 8.67 -7.93
C GLU A 51 13.24 7.23 -8.39
N ASP A 52 12.19 6.42 -8.28
CA ASP A 52 12.27 5.03 -8.67
C ASP A 52 11.70 4.88 -10.09
N GLY A 53 12.07 3.78 -10.72
CA GLY A 53 11.61 3.50 -12.08
C GLY A 53 10.08 3.60 -12.16
N THR A 54 9.43 3.16 -11.09
CA THR A 54 7.98 3.20 -11.04
C THR A 54 7.51 4.59 -10.64
N ILE A 55 6.52 5.08 -11.38
CA ILE A 55 5.97 6.40 -11.12
C ILE A 55 4.60 6.51 -11.79
N SER A 56 3.86 7.53 -11.39
CA SER A 56 2.53 7.76 -11.94
C SER A 56 2.26 9.26 -12.01
N GLN A 57 2.01 9.73 -13.22
CA GLN A 57 1.72 11.14 -13.45
C GLN A 57 0.27 11.46 -13.08
N ARG A 58 -0.53 10.39 -13.02
CA ARG A 58 -1.93 10.54 -12.68
C ARG A 58 -2.09 10.87 -11.20
N PHE A 59 -1.37 10.13 -10.37
CA PHE A 59 -1.42 10.33 -8.93
C PHE A 59 -0.47 11.45 -8.50
N LEU A 60 0.38 11.85 -9.44
CA LEU A 60 1.33 12.91 -9.17
C LEU A 60 0.61 14.11 -8.56
N GLY A 61 0.58 14.15 -7.24
CA GLY A 61 -0.08 15.22 -6.53
C GLY A 61 -1.46 14.79 -6.04
N GLN A 62 -1.51 13.60 -5.46
CA GLN A 62 -2.76 13.07 -4.95
C GLN A 62 -2.55 12.46 -3.56
N THR A 63 -3.57 11.73 -3.11
CA THR A 63 -3.50 11.10 -1.80
C THR A 63 -4.46 9.91 -1.75
N GLY A 64 -3.88 8.73 -1.59
CA GLY A 64 -4.67 7.51 -1.52
C GLY A 64 -4.29 6.69 -0.28
N ILE A 65 -4.92 5.52 -0.18
CA ILE A 65 -4.67 4.64 0.96
C ILE A 65 -3.95 3.38 0.46
N VAL A 66 -3.18 2.79 1.36
CA VAL A 66 -2.44 1.58 1.02
C VAL A 66 -3.32 0.36 1.34
N VAL A 67 -3.63 -0.38 0.29
CA VAL A 67 -4.45 -1.57 0.44
C VAL A 67 -3.62 -2.68 1.09
N GLY A 68 -2.55 -3.05 0.40
CA GLY A 68 -1.67 -4.10 0.89
C GLY A 68 -0.34 -3.51 1.37
N LEU A 69 0.31 -4.24 2.26
CA LEU A 69 1.58 -3.81 2.80
C LEU A 69 2.71 -4.64 2.19
N VAL A 70 3.94 -4.27 2.52
CA VAL A 70 5.10 -4.97 2.01
C VAL A 70 5.77 -5.73 3.15
N PHE A 71 5.54 -7.03 3.18
CA PHE A 71 6.12 -7.87 4.21
C PHE A 71 6.67 -9.17 3.61
N ASP A 72 7.40 -9.91 4.43
CA ASP A 72 7.98 -11.17 4.00
C ASP A 72 6.95 -11.94 3.18
N ASP A 73 7.18 -11.97 1.87
CA ASP A 73 6.28 -12.66 0.96
C ASP A 73 6.39 -14.17 1.20
N PRO A 74 5.27 -14.75 1.69
CA PRO A 74 5.23 -16.18 1.97
C PRO A 74 5.12 -16.99 0.67
N ALA A 75 4.72 -18.24 0.82
CA ALA A 75 4.57 -19.12 -0.32
C ALA A 75 3.17 -18.94 -0.92
N THR A 76 2.40 -18.05 -0.30
CA THR A 76 1.06 -17.77 -0.77
C THR A 76 0.86 -16.26 -0.93
N GLN A 77 1.95 -15.53 -0.82
CA GLN A 77 1.90 -14.08 -0.95
C GLN A 77 0.99 -13.49 0.12
N TYR A 78 1.34 -12.27 0.53
CA TYR A 78 0.56 -11.58 1.56
C TYR A 78 0.91 -10.09 1.59
N PRO A 79 -0.06 -9.29 2.08
CA PRO A 79 -1.33 -9.83 2.52
C PRO A 79 -2.21 -10.22 1.33
N ASP A 80 -2.50 -9.23 0.48
CA ASP A 80 -3.31 -9.47 -0.69
C ASP A 80 -2.49 -9.17 -1.94
N ASP A 81 -1.52 -8.28 -1.78
CA ASP A 81 -0.65 -7.91 -2.89
C ASP A 81 0.81 -8.13 -2.48
N PRO A 82 1.69 -8.13 -3.51
CA PRO A 82 3.11 -8.31 -3.27
C PRO A 82 3.75 -7.05 -2.68
N LEU A 83 3.52 -5.94 -3.35
CA LEU A 83 4.05 -4.67 -2.91
C LEU A 83 2.90 -3.75 -2.48
N ILE A 84 3.27 -2.60 -1.95
CA ILE A 84 2.28 -1.62 -1.50
C ILE A 84 1.66 -0.93 -2.71
N GLN A 85 0.37 -0.68 -2.61
CA GLN A 85 -0.36 -0.02 -3.69
C GLN A 85 -1.29 1.06 -3.13
N VAL A 86 -1.19 2.25 -3.71
CA VAL A 86 -2.01 3.36 -3.28
C VAL A 86 -3.18 3.52 -4.25
N LEU A 87 -4.35 3.75 -3.68
CA LEU A 87 -5.56 3.93 -4.48
C LEU A 87 -6.22 5.25 -4.10
N VAL A 88 -6.42 6.08 -5.11
CA VAL A 88 -7.04 7.38 -4.91
C VAL A 88 -8.55 7.27 -5.13
N GLU A 89 -9.29 8.13 -4.46
CA GLU A 89 -10.74 8.13 -4.59
C GLU A 89 -11.15 8.60 -5.98
N GLY A 90 -11.90 7.75 -6.66
CA GLY A 90 -12.37 8.06 -8.00
C GLY A 90 -11.28 7.77 -9.04
N LEU A 91 -10.10 7.44 -8.54
CA LEU A 91 -8.98 7.13 -9.41
C LEU A 91 -8.70 5.63 -9.35
N GLY A 92 -7.54 5.26 -9.87
CA GLY A 92 -7.13 3.86 -9.89
C GLY A 92 -6.16 3.55 -8.74
N GLU A 93 -5.40 2.48 -8.92
CA GLU A 93 -4.43 2.07 -7.92
C GLU A 93 -3.11 1.68 -8.59
N ASP A 94 -2.02 2.07 -7.96
CA ASP A 94 -0.70 1.77 -8.47
C ASP A 94 0.21 1.33 -7.32
N LEU A 95 1.35 0.76 -7.69
CA LEU A 95 2.31 0.30 -6.70
C LEU A 95 3.45 1.31 -6.59
N PHE A 96 3.80 1.62 -5.34
CA PHE A 96 4.87 2.56 -5.08
C PHE A 96 5.88 2.00 -4.08
N PHE A 97 6.97 2.71 -3.93
CA PHE A 97 8.02 2.29 -3.01
C PHE A 97 7.87 2.98 -1.65
N PRO A 98 8.47 2.34 -0.61
CA PRO A 98 8.40 2.87 0.74
C PRO A 98 9.33 4.08 0.89
N GLU A 99 10.27 4.19 -0.03
CA GLU A 99 11.22 5.28 -0.01
C GLU A 99 10.79 6.38 -0.99
N GLU A 100 9.73 6.08 -1.72
CA GLU A 100 9.22 7.04 -2.69
C GLU A 100 8.25 8.02 -2.02
N LEU A 101 7.16 7.47 -1.52
CA LEU A 101 6.15 8.29 -0.84
C LEU A 101 6.38 8.21 0.67
N GLU A 102 5.80 9.17 1.37
CA GLU A 102 5.93 9.24 2.82
C GLU A 102 4.55 9.14 3.48
N LEU A 103 4.57 8.95 4.79
CA LEU A 103 3.34 8.83 5.54
C LEU A 103 2.75 10.23 5.74
N ALA A 104 1.49 10.37 5.34
CA ALA A 104 0.80 11.64 5.46
C ALA A 104 0.94 12.14 6.90
N PRO A 105 0.94 13.50 7.05
CA PRO A 105 1.07 14.11 8.36
C PRO A 105 -0.25 14.01 9.13
N GLU A 106 -1.31 14.51 8.50
CA GLU A 106 -2.63 14.48 9.12
C GLU A 106 -3.16 13.05 9.16
N MET A 21 -15.42 -35.19 9.84
CA MET A 21 -14.48 -34.10 10.02
C MET A 21 -14.28 -33.32 8.72
N ILE A 22 -14.70 -32.06 8.75
CA ILE A 22 -14.57 -31.20 7.59
C ILE A 22 -14.72 -29.75 8.01
N GLN A 23 -13.84 -28.91 7.48
CA GLN A 23 -13.87 -27.49 7.80
C GLN A 23 -13.16 -26.69 6.71
N ASP A 24 -13.89 -25.76 6.12
CA ASP A 24 -13.34 -24.92 5.08
C ASP A 24 -13.60 -23.45 5.42
N PRO A 25 -12.59 -22.60 5.10
CA PRO A 25 -12.69 -21.18 5.37
C PRO A 25 -13.62 -20.49 4.36
N SER A 26 -14.07 -19.30 4.73
CA SER A 26 -14.96 -18.55 3.86
C SER A 26 -14.37 -17.17 3.59
N LEU A 27 -13.83 -16.57 4.64
CA LEU A 27 -13.23 -15.25 4.51
C LEU A 27 -12.28 -15.01 5.69
N ILE A 28 -11.17 -14.35 5.40
CA ILE A 28 -10.19 -14.05 6.42
C ILE A 28 -9.82 -12.56 6.36
N ILE A 29 -9.73 -11.96 7.54
CA ILE A 29 -9.39 -10.55 7.64
C ILE A 29 -7.92 -10.41 8.06
N CYS A 30 -7.23 -9.50 7.40
CA CYS A 30 -5.83 -9.25 7.69
C CYS A 30 -5.70 -7.83 8.25
N HIS A 31 -4.84 -7.70 9.25
CA HIS A 31 -4.62 -6.41 9.88
C HIS A 31 -3.15 -6.02 9.73
N ASP A 32 -2.83 -4.82 10.20
CA ASP A 32 -1.48 -4.32 10.13
C ASP A 32 -0.58 -5.14 11.06
N VAL A 33 0.60 -5.45 10.56
CA VAL A 33 1.55 -6.23 11.33
C VAL A 33 2.72 -5.33 11.74
N ASP A 34 3.06 -5.39 13.02
CA ASP A 34 4.15 -4.59 13.56
C ASP A 34 5.39 -4.78 12.67
N GLY A 35 6.00 -3.67 12.31
CA GLY A 35 7.19 -3.70 11.47
C GLY A 35 6.83 -3.45 10.01
N ALA A 36 6.63 -2.18 9.68
CA ALA A 36 6.28 -1.80 8.32
C ALA A 36 6.56 -0.31 8.14
N PRO A 37 6.70 0.09 6.85
CA PRO A 37 6.97 1.48 6.51
C PRO A 37 5.71 2.33 6.66
N VAL A 38 4.57 1.71 6.38
CA VAL A 38 3.29 2.40 6.48
C VAL A 38 2.36 1.58 7.37
N ARG A 39 1.16 2.13 7.57
CA ARG A 39 0.16 1.46 8.39
C ARG A 39 -1.09 1.17 7.57
N ILE A 40 -1.71 0.04 7.87
CA ILE A 40 -2.92 -0.37 7.16
C ILE A 40 -3.97 0.74 7.30
N GLY A 41 -4.50 1.16 6.16
CA GLY A 41 -5.51 2.20 6.13
C GLY A 41 -4.88 3.59 6.34
N ALA A 42 -3.55 3.61 6.26
CA ALA A 42 -2.82 4.85 6.44
C ALA A 42 -2.93 5.69 5.16
N LYS A 43 -3.06 6.99 5.35
CA LYS A 43 -3.17 7.91 4.23
C LYS A 43 -1.78 8.45 3.88
N VAL A 44 -1.34 8.11 2.67
CA VAL A 44 -0.04 8.56 2.20
C VAL A 44 -0.22 9.50 1.00
N LYS A 45 0.88 10.09 0.59
CA LYS A 45 0.86 11.01 -0.54
C LYS A 45 1.88 10.56 -1.57
N VAL A 46 1.38 10.32 -2.79
CA VAL A 46 2.24 9.88 -3.87
C VAL A 46 3.09 11.06 -4.34
N VAL A 47 4.40 10.93 -4.13
CA VAL A 47 5.33 11.97 -4.52
C VAL A 47 5.15 12.27 -6.02
N PRO A 48 5.65 13.47 -6.43
CA PRO A 48 5.56 13.88 -7.81
C PRO A 48 6.58 13.11 -8.68
N HIS A 49 7.82 13.15 -8.24
CA HIS A 49 8.89 12.47 -8.96
C HIS A 49 9.49 11.38 -8.07
N SER A 50 9.40 10.16 -8.57
CA SER A 50 9.93 9.02 -7.84
C SER A 50 11.45 9.07 -7.81
N GLU A 51 12.03 8.14 -7.07
CA GLU A 51 13.48 8.08 -6.95
C GLU A 51 14.03 6.94 -7.81
N ASP A 52 13.18 5.96 -8.05
CA ASP A 52 13.56 4.81 -8.85
C ASP A 52 13.34 5.12 -10.33
N GLY A 53 12.06 5.12 -10.71
CA GLY A 53 11.70 5.40 -12.08
C GLY A 53 10.18 5.35 -12.27
N THR A 54 9.58 4.32 -11.71
CA THR A 54 8.14 4.14 -11.80
C THR A 54 7.42 5.31 -11.13
N ILE A 55 6.40 5.82 -11.82
CA ILE A 55 5.63 6.93 -11.31
C ILE A 55 4.29 6.98 -12.03
N SER A 56 3.33 7.65 -11.39
CA SER A 56 2.00 7.77 -11.96
C SER A 56 1.59 9.24 -12.00
N GLN A 57 1.51 9.76 -13.21
CA GLN A 57 1.13 11.16 -13.41
C GLN A 57 -0.32 11.38 -12.97
N ARG A 58 -1.10 10.31 -13.04
CA ARG A 58 -2.50 10.37 -12.65
C ARG A 58 -2.62 10.63 -11.15
N PHE A 59 -1.73 10.00 -10.39
CA PHE A 59 -1.73 10.16 -8.95
C PHE A 59 -0.80 11.29 -8.53
N LEU A 60 0.10 11.64 -9.43
CA LEU A 60 1.06 12.70 -9.16
C LEU A 60 0.30 13.94 -8.64
N GLY A 61 0.23 14.03 -7.32
CA GLY A 61 -0.45 15.14 -6.69
C GLY A 61 -1.79 14.69 -6.09
N GLN A 62 -1.78 13.48 -5.56
CA GLN A 62 -2.98 12.92 -4.95
C GLN A 62 -2.65 12.34 -3.58
N THR A 63 -3.62 11.60 -3.04
CA THR A 63 -3.45 10.99 -1.74
C THR A 63 -4.39 9.79 -1.59
N GLY A 64 -3.80 8.61 -1.53
CA GLY A 64 -4.57 7.38 -1.38
C GLY A 64 -4.22 6.66 -0.08
N ILE A 65 -4.84 5.51 0.10
CA ILE A 65 -4.60 4.71 1.29
C ILE A 65 -4.01 3.36 0.89
N VAL A 66 -3.21 2.80 1.79
CA VAL A 66 -2.58 1.52 1.55
C VAL A 66 -3.55 0.40 1.93
N VAL A 67 -3.93 -0.38 0.93
CA VAL A 67 -4.84 -1.48 1.15
C VAL A 67 -4.07 -2.67 1.72
N GLY A 68 -2.83 -2.79 1.28
CA GLY A 68 -1.97 -3.89 1.73
C GLY A 68 -0.71 -3.34 2.40
N LEU A 69 0.38 -4.07 2.20
CA LEU A 69 1.66 -3.68 2.78
C LEU A 69 2.75 -4.62 2.27
N VAL A 70 3.98 -4.30 2.65
CA VAL A 70 5.12 -5.11 2.23
C VAL A 70 5.62 -5.93 3.44
N PHE A 71 5.28 -7.20 3.42
CA PHE A 71 5.67 -8.09 4.50
C PHE A 71 6.18 -9.43 3.94
N ASP A 72 6.77 -10.22 4.82
CA ASP A 72 7.28 -11.52 4.44
C ASP A 72 6.28 -12.21 3.51
N ASP A 73 6.63 -12.26 2.23
CA ASP A 73 5.77 -12.88 1.24
C ASP A 73 5.99 -14.40 1.27
N PRO A 74 4.91 -15.13 1.65
CA PRO A 74 4.97 -16.57 1.72
C PRO A 74 4.94 -17.20 0.32
N ALA A 75 4.62 -18.48 0.29
CA ALA A 75 4.54 -19.19 -0.97
C ALA A 75 3.29 -18.76 -1.73
N THR A 76 2.51 -17.92 -1.08
CA THR A 76 1.28 -17.42 -1.69
C THR A 76 1.27 -15.88 -1.69
N GLN A 77 2.38 -15.32 -1.23
CA GLN A 77 2.52 -13.88 -1.17
C GLN A 77 1.41 -13.27 -0.29
N TYR A 78 1.74 -12.13 0.30
CA TYR A 78 0.79 -11.45 1.16
C TYR A 78 1.16 -9.96 1.30
N PRO A 79 0.12 -9.14 1.60
CA PRO A 79 -1.23 -9.66 1.77
C PRO A 79 -1.85 -10.01 0.41
N ASP A 80 -1.93 -9.01 -0.44
CA ASP A 80 -2.50 -9.19 -1.76
C ASP A 80 -1.43 -8.91 -2.82
N ASP A 81 -0.49 -8.06 -2.45
CA ASP A 81 0.59 -7.70 -3.35
C ASP A 81 1.92 -7.86 -2.62
N PRO A 82 3.01 -7.94 -3.43
CA PRO A 82 4.35 -8.09 -2.88
C PRO A 82 4.84 -6.79 -2.27
N LEU A 83 4.44 -5.69 -2.90
CA LEU A 83 4.83 -4.37 -2.43
C LEU A 83 3.59 -3.60 -1.98
N ILE A 84 3.83 -2.41 -1.46
CA ILE A 84 2.75 -1.56 -0.99
C ILE A 84 2.02 -0.95 -2.18
N GLN A 85 0.71 -0.80 -2.02
CA GLN A 85 -0.11 -0.23 -3.08
C GLN A 85 -1.00 0.88 -2.52
N VAL A 86 -1.11 1.95 -3.30
CA VAL A 86 -1.91 3.08 -2.90
C VAL A 86 -3.16 3.17 -3.80
N LEU A 87 -4.28 3.53 -3.20
CA LEU A 87 -5.52 3.66 -3.93
C LEU A 87 -6.19 4.98 -3.57
N VAL A 88 -6.41 5.79 -4.59
CA VAL A 88 -7.03 7.08 -4.40
C VAL A 88 -8.56 6.93 -4.49
N GLU A 89 -9.26 7.83 -3.81
CA GLU A 89 -10.71 7.80 -3.81
C GLU A 89 -11.26 8.17 -5.20
N GLY A 90 -12.13 7.31 -5.69
CA GLY A 90 -12.73 7.54 -7.00
C GLY A 90 -11.70 7.32 -8.12
N LEU A 91 -10.53 6.84 -7.72
CA LEU A 91 -9.47 6.59 -8.67
C LEU A 91 -9.07 5.12 -8.61
N GLY A 92 -7.96 4.80 -9.27
CA GLY A 92 -7.47 3.43 -9.29
C GLY A 92 -6.43 3.21 -8.18
N GLU A 93 -5.64 2.16 -8.36
CA GLU A 93 -4.61 1.84 -7.38
C GLU A 93 -3.35 1.36 -8.09
N ASP A 94 -2.21 1.82 -7.59
CA ASP A 94 -0.93 1.46 -8.16
C ASP A 94 0.02 1.03 -7.05
N LEU A 95 1.13 0.42 -7.45
CA LEU A 95 2.12 -0.04 -6.49
C LEU A 95 3.29 0.95 -6.47
N PHE A 96 3.64 1.38 -5.26
CA PHE A 96 4.74 2.32 -5.09
C PHE A 96 5.79 1.76 -4.13
N PHE A 97 6.95 2.39 -4.16
CA PHE A 97 8.05 1.96 -3.30
C PHE A 97 7.97 2.65 -1.93
N PRO A 98 8.64 2.01 -0.94
CA PRO A 98 8.64 2.54 0.42
C PRO A 98 9.58 3.75 0.52
N GLU A 99 10.53 3.81 -0.40
CA GLU A 99 11.49 4.91 -0.41
C GLU A 99 11.08 5.95 -1.46
N GLU A 100 9.94 5.70 -2.08
CA GLU A 100 9.43 6.60 -3.10
C GLU A 100 8.56 7.69 -2.46
N LEU A 101 7.41 7.27 -1.94
CA LEU A 101 6.49 8.19 -1.29
C LEU A 101 6.71 8.15 0.22
N GLU A 102 6.25 9.20 0.88
CA GLU A 102 6.38 9.29 2.31
C GLU A 102 5.00 9.38 2.97
N LEU A 103 5.00 9.23 4.30
CA LEU A 103 3.75 9.28 5.05
C LEU A 103 3.34 10.74 5.22
N ALA A 104 2.10 11.02 4.81
CA ALA A 104 1.57 12.37 4.92
C ALA A 104 1.40 12.74 6.39
N PRO A 105 1.52 14.07 6.67
CA PRO A 105 1.39 14.56 8.02
C PRO A 105 -0.07 14.56 8.47
N GLU A 106 -0.90 15.21 7.67
CA GLU A 106 -2.32 15.30 7.97
C GLU A 106 -3.14 14.81 6.78
N MET A 21 -4.74 -34.88 10.79
CA MET A 21 -5.58 -33.74 11.11
C MET A 21 -5.64 -32.76 9.93
N ILE A 22 -6.70 -31.97 9.91
CA ILE A 22 -6.89 -30.99 8.86
C ILE A 22 -7.88 -29.91 9.33
N GLN A 23 -7.42 -28.67 9.25
CA GLN A 23 -8.26 -27.55 9.67
C GLN A 23 -8.15 -26.41 8.65
N ASP A 24 -9.24 -26.21 7.92
CA ASP A 24 -9.28 -25.16 6.91
C ASP A 24 -9.36 -23.81 7.61
N PRO A 25 -8.60 -22.83 7.05
CA PRO A 25 -8.58 -21.49 7.61
C PRO A 25 -9.86 -20.72 7.25
N SER A 26 -10.80 -20.76 8.19
CA SER A 26 -12.07 -20.08 7.98
C SER A 26 -11.83 -18.64 7.55
N LEU A 27 -10.96 -17.97 8.29
CA LEU A 27 -10.63 -16.58 8.00
C LEU A 27 -9.48 -16.14 8.91
N ILE A 28 -8.27 -16.37 8.43
CA ILE A 28 -7.08 -16.00 9.19
C ILE A 28 -6.77 -14.52 8.93
N ILE A 29 -6.40 -13.83 10.00
CA ILE A 29 -6.07 -12.43 9.91
C ILE A 29 -4.77 -12.15 10.67
N CYS A 30 -3.92 -11.36 10.05
CA CYS A 30 -2.63 -11.02 10.65
C CYS A 30 -2.63 -9.51 10.94
N HIS A 31 -2.44 -9.18 12.20
CA HIS A 31 -2.41 -7.79 12.62
C HIS A 31 -1.17 -7.12 12.05
N ASP A 32 -1.03 -5.83 12.36
CA ASP A 32 0.12 -5.07 11.89
C ASP A 32 1.40 -5.64 12.50
N VAL A 33 2.39 -5.81 11.64
CA VAL A 33 3.68 -6.34 12.08
C VAL A 33 4.74 -5.24 12.00
N ASP A 34 5.53 -5.16 13.06
CA ASP A 34 6.58 -4.16 13.13
C ASP A 34 7.49 -4.31 11.92
N GLY A 35 7.98 -3.17 11.43
CA GLY A 35 8.86 -3.16 10.28
C GLY A 35 8.17 -2.51 9.06
N ALA A 36 6.93 -2.92 8.84
CA ALA A 36 6.16 -2.38 7.73
C ALA A 36 6.40 -0.88 7.63
N PRO A 37 6.12 -0.34 6.41
CA PRO A 37 6.31 1.09 6.17
C PRO A 37 5.19 1.91 6.83
N VAL A 38 3.96 1.54 6.48
CA VAL A 38 2.80 2.23 7.02
C VAL A 38 1.77 1.19 7.49
N ARG A 39 0.69 1.70 8.05
CA ARG A 39 -0.37 0.83 8.55
C ARG A 39 -1.45 0.64 7.48
N ILE A 40 -2.37 -0.27 7.76
CA ILE A 40 -3.45 -0.54 6.84
C ILE A 40 -4.50 0.56 6.95
N GLY A 41 -5.05 0.93 5.80
CA GLY A 41 -6.07 1.96 5.75
C GLY A 41 -5.46 3.34 6.02
N ALA A 42 -4.14 3.37 6.03
CA ALA A 42 -3.42 4.61 6.28
C ALA A 42 -3.47 5.49 5.03
N LYS A 43 -3.61 6.79 5.25
CA LYS A 43 -3.68 7.73 4.15
C LYS A 43 -2.29 8.31 3.90
N VAL A 44 -1.75 7.97 2.74
CA VAL A 44 -0.44 8.45 2.35
C VAL A 44 -0.55 9.37 1.13
N LYS A 45 0.56 9.99 0.79
CA LYS A 45 0.60 10.90 -0.35
C LYS A 45 1.71 10.47 -1.30
N VAL A 46 1.31 10.07 -2.50
CA VAL A 46 2.25 9.63 -3.50
C VAL A 46 3.11 10.83 -3.95
N VAL A 47 4.40 10.65 -3.85
CA VAL A 47 5.34 11.70 -4.23
C VAL A 47 5.12 12.05 -5.71
N PRO A 48 4.98 13.37 -5.96
CA PRO A 48 4.77 13.85 -7.32
C PRO A 48 6.06 13.79 -8.14
N HIS A 49 7.13 14.31 -7.52
CA HIS A 49 8.42 14.32 -8.18
C HIS A 49 8.79 12.90 -8.63
N SER A 50 9.56 12.83 -9.70
CA SER A 50 9.98 11.56 -10.24
C SER A 50 11.50 11.42 -10.13
N GLU A 51 11.92 10.71 -9.09
CA GLU A 51 13.34 10.51 -8.86
C GLU A 51 13.70 9.03 -9.07
N ASP A 52 12.81 8.17 -8.60
CA ASP A 52 13.02 6.73 -8.73
C ASP A 52 12.68 6.30 -10.15
N GLY A 53 12.74 4.99 -10.37
CA GLY A 53 12.45 4.44 -11.68
C GLY A 53 10.95 4.49 -11.97
N THR A 54 10.22 3.57 -11.35
CA THR A 54 8.78 3.50 -11.53
C THR A 54 8.09 4.64 -10.79
N ILE A 55 7.18 5.31 -11.50
CA ILE A 55 6.45 6.41 -10.92
C ILE A 55 5.10 6.55 -11.63
N SER A 56 4.17 7.20 -10.94
CA SER A 56 2.84 7.42 -11.50
C SER A 56 2.69 8.85 -11.96
N GLN A 57 2.39 9.01 -13.24
CA GLN A 57 2.21 10.32 -13.82
C GLN A 57 0.78 10.82 -13.58
N ARG A 58 -0.14 9.86 -13.50
CA ARG A 58 -1.54 10.18 -13.28
C ARG A 58 -1.77 10.57 -11.81
N PHE A 59 -0.92 10.03 -10.96
CA PHE A 59 -1.02 10.31 -9.53
C PHE A 59 -0.02 11.38 -9.10
N LEU A 60 0.47 12.11 -10.10
CA LEU A 60 1.43 13.17 -9.84
C LEU A 60 0.95 14.01 -8.66
N GLY A 61 1.46 13.67 -7.48
CA GLY A 61 1.09 14.37 -6.27
C GLY A 61 -0.35 14.06 -5.86
N GLN A 62 -0.68 12.78 -5.87
CA GLN A 62 -2.01 12.34 -5.51
C GLN A 62 -2.05 11.88 -4.05
N THR A 63 -3.21 11.38 -3.65
CA THR A 63 -3.38 10.91 -2.29
C THR A 63 -4.37 9.74 -2.25
N GLY A 64 -3.89 8.62 -1.72
CA GLY A 64 -4.71 7.43 -1.63
C GLY A 64 -4.41 6.67 -0.34
N ILE A 65 -5.02 5.49 -0.23
CA ILE A 65 -4.83 4.65 0.93
C ILE A 65 -4.09 3.36 0.52
N VAL A 66 -3.40 2.78 1.48
CA VAL A 66 -2.66 1.56 1.24
C VAL A 66 -3.60 0.35 1.37
N VAL A 67 -3.94 -0.20 0.22
CA VAL A 67 -4.83 -1.35 0.18
C VAL A 67 -4.06 -2.59 0.63
N GLY A 68 -2.80 -2.65 0.25
CA GLY A 68 -1.95 -3.77 0.61
C GLY A 68 -0.65 -3.29 1.26
N LEU A 69 -0.14 -4.11 2.17
CA LEU A 69 1.09 -3.79 2.87
C LEU A 69 2.17 -4.78 2.47
N VAL A 70 3.41 -4.41 2.75
CA VAL A 70 4.54 -5.25 2.42
C VAL A 70 4.93 -6.07 3.66
N PHE A 71 4.57 -7.35 3.62
CA PHE A 71 4.86 -8.25 4.73
C PHE A 71 5.42 -9.58 4.21
N ASP A 72 5.92 -10.37 5.15
CA ASP A 72 6.48 -11.66 4.81
C ASP A 72 5.57 -12.35 3.80
N ASP A 73 6.04 -12.40 2.56
CA ASP A 73 5.28 -13.02 1.49
C ASP A 73 5.45 -14.54 1.57
N PRO A 74 4.32 -15.23 1.85
CA PRO A 74 4.33 -16.67 1.96
C PRO A 74 4.43 -17.33 0.58
N ALA A 75 4.11 -18.62 0.55
CA ALA A 75 4.16 -19.37 -0.70
C ALA A 75 2.91 -19.04 -1.53
N THR A 76 2.04 -18.22 -0.94
CA THR A 76 0.82 -17.83 -1.60
C THR A 76 0.68 -16.31 -1.61
N GLN A 77 1.75 -15.65 -1.21
CA GLN A 77 1.77 -14.19 -1.16
C GLN A 77 0.70 -13.68 -0.20
N TYR A 78 0.95 -12.50 0.34
CA TYR A 78 0.02 -11.89 1.28
C TYR A 78 0.32 -10.40 1.46
N PRO A 79 -0.74 -9.65 1.84
CA PRO A 79 -2.06 -10.24 2.04
C PRO A 79 -2.72 -10.56 0.71
N ASP A 80 -2.90 -9.52 -0.09
CA ASP A 80 -3.52 -9.69 -1.40
C ASP A 80 -2.54 -9.27 -2.49
N ASP A 81 -1.66 -8.35 -2.12
CA ASP A 81 -0.65 -7.87 -3.05
C ASP A 81 0.74 -8.09 -2.46
N PRO A 82 1.75 -8.17 -3.36
CA PRO A 82 3.13 -8.37 -2.94
C PRO A 82 3.72 -7.09 -2.34
N LEU A 83 3.48 -5.99 -3.05
CA LEU A 83 3.98 -4.70 -2.60
C LEU A 83 2.80 -3.82 -2.19
N ILE A 84 3.14 -2.65 -1.65
CA ILE A 84 2.12 -1.71 -1.22
C ILE A 84 1.48 -1.03 -2.43
N GLN A 85 0.19 -0.77 -2.32
CA GLN A 85 -0.53 -0.13 -3.40
C GLN A 85 -1.40 1.01 -2.85
N VAL A 86 -1.36 2.13 -3.58
CA VAL A 86 -2.13 3.29 -3.18
C VAL A 86 -3.23 3.55 -4.21
N LEU A 87 -4.47 3.56 -3.72
CA LEU A 87 -5.62 3.79 -4.59
C LEU A 87 -6.19 5.18 -4.31
N VAL A 88 -6.28 5.97 -5.36
CA VAL A 88 -6.81 7.33 -5.23
C VAL A 88 -8.32 7.29 -5.40
N GLU A 89 -8.98 8.24 -4.76
CA GLU A 89 -10.43 8.33 -4.81
C GLU A 89 -10.88 8.78 -6.21
N GLY A 90 -11.82 8.03 -6.76
CA GLY A 90 -12.34 8.35 -8.09
C GLY A 90 -11.30 8.06 -9.16
N LEU A 91 -10.18 7.49 -8.73
CA LEU A 91 -9.10 7.16 -9.65
C LEU A 91 -8.80 5.66 -9.55
N GLY A 92 -7.69 5.29 -10.17
CA GLY A 92 -7.27 3.89 -10.16
C GLY A 92 -6.32 3.61 -8.99
N GLU A 93 -5.50 2.59 -9.17
CA GLU A 93 -4.56 2.20 -8.14
C GLU A 93 -3.21 1.81 -8.77
N ASP A 94 -2.16 2.05 -8.02
CA ASP A 94 -0.81 1.72 -8.49
C ASP A 94 0.05 1.27 -7.31
N LEU A 95 1.19 0.71 -7.64
CA LEU A 95 2.12 0.23 -6.62
C LEU A 95 3.24 1.24 -6.44
N PHE A 96 3.50 1.59 -5.19
CA PHE A 96 4.54 2.55 -4.87
C PHE A 96 5.52 1.97 -3.85
N PHE A 97 6.68 2.60 -3.76
CA PHE A 97 7.71 2.16 -2.84
C PHE A 97 7.55 2.83 -1.48
N PRO A 98 8.15 2.18 -0.44
CA PRO A 98 8.08 2.71 0.91
C PRO A 98 9.00 3.92 1.08
N GLU A 99 9.98 4.01 0.19
CA GLU A 99 10.92 5.11 0.22
C GLU A 99 10.54 6.18 -0.79
N GLU A 100 9.50 5.88 -1.57
CA GLU A 100 9.03 6.80 -2.58
C GLU A 100 8.08 7.83 -1.96
N LEU A 101 6.99 7.31 -1.41
CA LEU A 101 5.99 8.18 -0.78
C LEU A 101 6.23 8.20 0.72
N GLU A 102 5.52 9.10 1.38
CA GLU A 102 5.64 9.23 2.82
C GLU A 102 4.26 9.37 3.47
N LEU A 103 4.24 9.24 4.78
CA LEU A 103 2.99 9.35 5.53
C LEU A 103 2.61 10.83 5.67
N ALA A 104 1.35 11.11 5.35
CA ALA A 104 0.85 12.47 5.44
C ALA A 104 1.20 13.05 6.80
N PRO A 105 1.33 14.41 6.83
CA PRO A 105 1.66 15.10 8.06
C PRO A 105 0.45 15.17 8.99
N GLU A 106 -0.65 15.69 8.46
CA GLU A 106 -1.87 15.83 9.23
C GLU A 106 -2.49 14.44 9.47
N MET A 21 -27.34 -23.08 9.93
CA MET A 21 -25.91 -22.93 10.18
C MET A 21 -25.13 -22.88 8.86
N ILE A 22 -24.68 -21.69 8.53
CA ILE A 22 -23.91 -21.48 7.31
C ILE A 22 -23.40 -20.04 7.26
N GLN A 23 -22.10 -19.91 7.13
CA GLN A 23 -21.47 -18.60 7.07
C GLN A 23 -20.25 -18.63 6.15
N ASP A 24 -20.35 -17.92 5.04
CA ASP A 24 -19.26 -17.86 4.08
C ASP A 24 -18.33 -16.70 4.44
N PRO A 25 -17.04 -17.05 4.66
CA PRO A 25 -16.04 -16.05 5.00
C PRO A 25 -15.64 -15.21 3.79
N SER A 26 -16.16 -13.99 3.75
CA SER A 26 -15.88 -13.09 2.65
C SER A 26 -15.03 -11.92 3.15
N LEU A 27 -15.43 -11.39 4.30
CA LEU A 27 -14.71 -10.26 4.89
C LEU A 27 -13.38 -10.75 5.47
N ILE A 28 -12.31 -10.31 4.85
CA ILE A 28 -10.98 -10.70 5.30
C ILE A 28 -10.35 -9.55 6.09
N ILE A 29 -9.88 -9.89 7.29
CA ILE A 29 -9.26 -8.90 8.16
C ILE A 29 -7.75 -9.11 8.16
N CYS A 30 -7.03 -8.03 7.95
CA CYS A 30 -5.57 -8.07 7.93
C CYS A 30 -5.06 -7.32 9.15
N HIS A 31 -4.12 -7.95 9.85
CA HIS A 31 -3.54 -7.36 11.03
C HIS A 31 -2.22 -6.66 10.67
N ASP A 32 -1.65 -6.00 11.66
CA ASP A 32 -0.40 -5.29 11.45
C ASP A 32 0.75 -6.13 12.02
N VAL A 33 1.93 -5.93 11.43
CA VAL A 33 3.11 -6.66 11.87
C VAL A 33 4.25 -5.67 12.11
N ASP A 34 5.04 -5.97 13.13
CA ASP A 34 6.16 -5.12 13.48
C ASP A 34 7.24 -5.22 12.40
N GLY A 35 7.47 -4.11 11.72
CA GLY A 35 8.47 -4.07 10.66
C GLY A 35 7.82 -3.74 9.32
N ALA A 36 7.27 -2.53 9.23
CA ALA A 36 6.63 -2.08 8.01
C ALA A 36 6.86 -0.59 7.84
N PRO A 37 6.72 -0.12 6.57
CA PRO A 37 6.91 1.28 6.25
C PRO A 37 5.72 2.12 6.73
N VAL A 38 4.53 1.68 6.34
CA VAL A 38 3.32 2.38 6.71
C VAL A 38 2.36 1.40 7.39
N ARG A 39 1.23 1.93 7.83
CA ARG A 39 0.23 1.11 8.50
C ARG A 39 -0.96 0.87 7.57
N ILE A 40 -1.69 -0.21 7.86
CA ILE A 40 -2.85 -0.57 7.06
C ILE A 40 -3.89 0.53 7.18
N GLY A 41 -4.42 0.93 6.03
CA GLY A 41 -5.43 1.98 5.99
C GLY A 41 -4.80 3.36 6.16
N ALA A 42 -3.48 3.36 6.26
CA ALA A 42 -2.74 4.61 6.43
C ALA A 42 -2.87 5.45 5.15
N LYS A 43 -3.00 6.75 5.34
CA LYS A 43 -3.11 7.66 4.22
C LYS A 43 -1.73 8.19 3.85
N VAL A 44 -1.34 7.93 2.61
CA VAL A 44 -0.04 8.37 2.12
C VAL A 44 -0.25 9.37 0.99
N LYS A 45 0.85 9.98 0.57
CA LYS A 45 0.80 10.96 -0.50
C LYS A 45 1.84 10.60 -1.57
N VAL A 46 1.35 10.29 -2.75
CA VAL A 46 2.21 9.92 -3.87
C VAL A 46 3.03 11.15 -4.29
N VAL A 47 4.34 10.95 -4.35
CA VAL A 47 5.24 12.03 -4.73
C VAL A 47 4.81 12.58 -6.10
N PRO A 48 5.27 13.82 -6.39
CA PRO A 48 4.95 14.46 -7.66
C PRO A 48 5.75 13.85 -8.80
N HIS A 49 7.07 13.89 -8.65
CA HIS A 49 7.96 13.36 -9.67
C HIS A 49 8.68 12.13 -9.11
N SER A 50 8.97 11.20 -10.01
CA SER A 50 9.66 9.97 -9.62
C SER A 50 10.87 10.31 -8.75
N GLU A 51 11.15 9.41 -7.82
CA GLU A 51 12.27 9.60 -6.91
C GLU A 51 13.35 8.55 -7.18
N ASP A 52 12.91 7.42 -7.70
CA ASP A 52 13.81 6.33 -8.01
C ASP A 52 13.56 5.84 -9.44
N GLY A 53 12.29 5.61 -9.74
CA GLY A 53 11.90 5.14 -11.06
C GLY A 53 10.39 5.07 -11.19
N THR A 54 9.79 4.18 -10.39
CA THR A 54 8.35 4.00 -10.42
C THR A 54 7.64 5.32 -10.05
N ILE A 55 6.63 5.64 -10.85
CA ILE A 55 5.88 6.86 -10.62
C ILE A 55 4.66 6.88 -11.54
N SER A 56 3.73 7.76 -11.23
CA SER A 56 2.52 7.89 -12.02
C SER A 56 2.15 9.36 -12.19
N GLN A 57 2.14 9.80 -13.44
CA GLN A 57 1.81 11.19 -13.75
C GLN A 57 0.35 11.47 -13.39
N ARG A 58 -0.41 10.39 -13.21
CA ARG A 58 -1.81 10.51 -12.88
C ARG A 58 -1.98 10.81 -11.39
N PHE A 59 -1.16 10.15 -10.58
CA PHE A 59 -1.20 10.35 -9.14
C PHE A 59 -0.19 11.40 -8.70
N LEU A 60 0.25 12.20 -9.67
CA LEU A 60 1.22 13.25 -9.40
C LEU A 60 0.68 14.15 -8.29
N GLY A 61 1.22 13.95 -7.09
CA GLY A 61 0.81 14.74 -5.94
C GLY A 61 -0.60 14.34 -5.48
N GLN A 62 -0.87 13.04 -5.58
CA GLN A 62 -2.17 12.52 -5.18
C GLN A 62 -2.08 11.88 -3.79
N THR A 63 -3.24 11.70 -3.18
CA THR A 63 -3.30 11.10 -1.86
C THR A 63 -4.29 9.93 -1.86
N GLY A 64 -3.80 8.79 -1.41
CA GLY A 64 -4.63 7.59 -1.35
C GLY A 64 -4.36 6.80 -0.07
N ILE A 65 -4.70 5.52 -0.11
CA ILE A 65 -4.50 4.66 1.04
C ILE A 65 -3.90 3.32 0.57
N VAL A 66 -3.17 2.69 1.48
CA VAL A 66 -2.55 1.42 1.18
C VAL A 66 -3.58 0.29 1.35
N VAL A 67 -3.51 -0.67 0.44
CA VAL A 67 -4.43 -1.80 0.47
C VAL A 67 -3.83 -2.91 1.33
N GLY A 68 -2.57 -3.20 1.08
CA GLY A 68 -1.87 -4.23 1.83
C GLY A 68 -0.59 -3.68 2.47
N LEU A 69 0.49 -4.44 2.30
CA LEU A 69 1.77 -4.04 2.85
C LEU A 69 2.86 -4.93 2.28
N VAL A 70 4.10 -4.47 2.42
CA VAL A 70 5.25 -5.21 1.92
C VAL A 70 5.91 -5.96 3.07
N PHE A 71 5.62 -7.26 3.12
CA PHE A 71 6.19 -8.10 4.17
C PHE A 71 6.66 -9.44 3.60
N ASP A 72 7.36 -10.19 4.44
CA ASP A 72 7.88 -11.48 4.03
C ASP A 72 6.80 -12.22 3.24
N ASP A 73 7.02 -12.30 1.93
CA ASP A 73 6.08 -12.97 1.05
C ASP A 73 6.08 -14.46 1.36
N PRO A 74 4.91 -14.95 1.86
CA PRO A 74 4.77 -16.36 2.19
C PRO A 74 4.62 -17.21 0.93
N ALA A 75 4.16 -18.44 1.14
CA ALA A 75 3.98 -19.37 0.04
C ALA A 75 2.62 -19.12 -0.61
N THR A 76 1.86 -18.22 0.00
CA THR A 76 0.54 -17.89 -0.50
C THR A 76 0.40 -16.36 -0.68
N GLN A 77 1.55 -15.70 -0.65
CA GLN A 77 1.57 -14.25 -0.80
C GLN A 77 0.76 -13.59 0.32
N TYR A 78 1.21 -12.41 0.71
CA TYR A 78 0.55 -11.66 1.76
C TYR A 78 1.01 -10.20 1.77
N PRO A 79 0.10 -9.32 2.28
CA PRO A 79 -1.19 -9.77 2.77
C PRO A 79 -2.13 -10.10 1.59
N ASP A 80 -2.36 -9.10 0.77
CA ASP A 80 -3.23 -9.27 -0.38
C ASP A 80 -2.43 -9.03 -1.67
N ASP A 81 -1.39 -8.21 -1.54
CA ASP A 81 -0.54 -7.91 -2.67
C ASP A 81 0.92 -8.10 -2.27
N PRO A 82 1.81 -8.08 -3.30
CA PRO A 82 3.23 -8.25 -3.06
C PRO A 82 3.85 -6.98 -2.46
N LEU A 83 3.37 -5.84 -2.92
CA LEU A 83 3.85 -4.57 -2.43
C LEU A 83 2.66 -3.67 -2.08
N ILE A 84 2.98 -2.50 -1.55
CA ILE A 84 1.96 -1.55 -1.16
C ILE A 84 1.37 -0.90 -2.43
N GLN A 85 0.07 -0.63 -2.36
CA GLN A 85 -0.62 -0.02 -3.49
C GLN A 85 -1.49 1.14 -3.00
N VAL A 86 -1.29 2.29 -3.64
CA VAL A 86 -2.05 3.48 -3.29
C VAL A 86 -3.24 3.62 -4.24
N LEU A 87 -4.40 3.88 -3.65
CA LEU A 87 -5.61 4.05 -4.44
C LEU A 87 -6.25 5.41 -4.12
N VAL A 88 -6.40 6.21 -5.17
CA VAL A 88 -6.99 7.53 -5.00
C VAL A 88 -8.50 7.45 -5.26
N GLU A 89 -9.23 8.33 -4.60
CA GLU A 89 -10.67 8.37 -4.75
C GLU A 89 -11.05 8.91 -6.13
N GLY A 90 -11.93 8.17 -6.78
CA GLY A 90 -12.38 8.55 -8.11
C GLY A 90 -11.31 8.27 -9.17
N LEU A 91 -10.20 7.72 -8.69
CA LEU A 91 -9.10 7.39 -9.58
C LEU A 91 -8.83 5.89 -9.53
N GLY A 92 -7.68 5.49 -10.04
CA GLY A 92 -7.29 4.09 -10.06
C GLY A 92 -6.35 3.77 -8.91
N GLU A 93 -5.70 2.61 -9.02
CA GLU A 93 -4.77 2.18 -8.00
C GLU A 93 -3.47 1.67 -8.64
N ASP A 94 -2.36 2.04 -8.03
CA ASP A 94 -1.06 1.63 -8.52
C ASP A 94 -0.20 1.16 -7.35
N LEU A 95 0.90 0.51 -7.69
CA LEU A 95 1.82 0.01 -6.69
C LEU A 95 3.02 0.94 -6.59
N PHE A 96 3.30 1.36 -5.36
CA PHE A 96 4.42 2.26 -5.11
C PHE A 96 5.38 1.66 -4.08
N PHE A 97 6.59 2.20 -4.08
CA PHE A 97 7.61 1.73 -3.16
C PHE A 97 7.54 2.49 -1.83
N PRO A 98 8.12 1.86 -0.77
CA PRO A 98 8.13 2.46 0.55
C PRO A 98 9.15 3.61 0.62
N GLU A 99 10.09 3.58 -0.32
CA GLU A 99 11.11 4.60 -0.37
C GLU A 99 10.76 5.67 -1.42
N GLU A 100 9.64 5.44 -2.09
CA GLU A 100 9.19 6.36 -3.12
C GLU A 100 8.42 7.53 -2.48
N LEU A 101 7.26 7.21 -1.95
CA LEU A 101 6.42 8.21 -1.31
C LEU A 101 6.64 8.17 0.20
N GLU A 102 6.13 9.19 0.87
CA GLU A 102 6.27 9.29 2.32
C GLU A 102 4.89 9.29 2.98
N LEU A 103 4.91 9.06 4.28
CA LEU A 103 3.67 9.04 5.05
C LEU A 103 3.20 10.48 5.30
N ALA A 104 1.93 10.70 5.02
CA ALA A 104 1.35 12.02 5.21
C ALA A 104 0.66 12.08 6.58
N PRO A 105 0.62 13.32 7.13
CA PRO A 105 -0.01 13.52 8.43
C PRO A 105 -1.53 13.46 8.33
N GLU A 106 -2.07 14.29 7.44
CA GLU A 106 -3.51 14.33 7.24
C GLU A 106 -3.89 13.51 6.01
N MET A 21 -17.68 -23.13 -4.38
CA MET A 21 -17.10 -21.80 -4.24
C MET A 21 -17.83 -20.99 -3.17
N ILE A 22 -18.15 -21.68 -2.08
CA ILE A 22 -18.85 -21.05 -0.97
C ILE A 22 -18.02 -21.21 0.30
N GLN A 23 -16.72 -21.00 0.16
CA GLN A 23 -15.81 -21.12 1.29
C GLN A 23 -15.39 -19.74 1.77
N ASP A 24 -14.78 -18.99 0.86
CA ASP A 24 -14.32 -17.65 1.19
C ASP A 24 -15.48 -16.84 1.78
N PRO A 25 -15.16 -16.09 2.86
CA PRO A 25 -16.15 -15.27 3.52
C PRO A 25 -16.48 -14.02 2.71
N SER A 26 -17.38 -13.22 3.23
CA SER A 26 -17.79 -11.99 2.58
C SER A 26 -16.66 -10.96 2.64
N LEU A 27 -15.81 -11.13 3.64
CA LEU A 27 -14.69 -10.23 3.84
C LEU A 27 -13.57 -10.95 4.58
N ILE A 28 -12.36 -10.43 4.44
CA ILE A 28 -11.20 -11.02 5.09
C ILE A 28 -10.67 -10.05 6.14
N ILE A 29 -10.31 -10.59 7.29
CA ILE A 29 -9.77 -9.79 8.37
C ILE A 29 -8.27 -9.62 8.18
N CYS A 30 -7.78 -8.45 8.57
CA CYS A 30 -6.37 -8.14 8.44
C CYS A 30 -5.97 -7.23 9.60
N HIS A 31 -4.67 -7.18 9.85
CA HIS A 31 -4.15 -6.34 10.93
C HIS A 31 -2.71 -5.93 10.59
N ASP A 32 -2.23 -4.95 11.34
CA ASP A 32 -0.88 -4.44 11.15
C ASP A 32 0.12 -5.41 11.79
N VAL A 33 1.29 -5.49 11.17
CA VAL A 33 2.33 -6.37 11.65
C VAL A 33 3.57 -5.54 12.00
N ASP A 34 4.39 -6.09 12.88
CA ASP A 34 5.61 -5.42 13.30
C ASP A 34 6.63 -5.46 12.16
N GLY A 35 7.16 -4.29 11.84
CA GLY A 35 8.15 -4.17 10.78
C GLY A 35 7.47 -3.89 9.44
N ALA A 36 7.24 -2.61 9.18
CA ALA A 36 6.61 -2.19 7.94
C ALA A 36 6.84 -0.70 7.73
N PRO A 37 6.71 -0.27 6.45
CA PRO A 37 6.90 1.13 6.10
C PRO A 37 5.70 1.97 6.54
N VAL A 38 4.52 1.52 6.15
CA VAL A 38 3.29 2.21 6.50
C VAL A 38 2.35 1.25 7.23
N ARG A 39 1.21 1.79 7.64
CA ARG A 39 0.23 0.99 8.35
C ARG A 39 -1.02 0.80 7.49
N ILE A 40 -1.73 -0.28 7.76
CA ILE A 40 -2.95 -0.59 7.02
C ILE A 40 -3.96 0.55 7.21
N GLY A 41 -4.54 0.97 6.10
CA GLY A 41 -5.52 2.04 6.12
C GLY A 41 -4.84 3.40 6.25
N ALA A 42 -3.52 3.37 6.25
CA ALA A 42 -2.74 4.59 6.37
C ALA A 42 -2.85 5.38 5.06
N LYS A 43 -3.10 6.68 5.21
CA LYS A 43 -3.23 7.55 4.05
C LYS A 43 -1.87 8.19 3.75
N VAL A 44 -1.34 7.83 2.60
CA VAL A 44 -0.04 8.36 2.19
C VAL A 44 -0.25 9.35 1.04
N LYS A 45 0.82 10.04 0.69
CA LYS A 45 0.78 11.00 -0.39
C LYS A 45 1.81 10.63 -1.46
N VAL A 46 1.30 10.28 -2.62
CA VAL A 46 2.16 9.91 -3.73
C VAL A 46 2.96 11.12 -4.19
N VAL A 47 4.27 10.97 -4.18
CA VAL A 47 5.16 12.05 -4.59
C VAL A 47 4.77 12.50 -6.00
N PRO A 48 5.16 13.77 -6.32
CA PRO A 48 4.86 14.35 -7.62
C PRO A 48 5.77 13.75 -8.70
N HIS A 49 7.07 13.81 -8.43
CA HIS A 49 8.05 13.29 -9.37
C HIS A 49 8.62 11.98 -8.84
N SER A 50 8.98 11.11 -9.76
CA SER A 50 9.54 9.81 -9.40
C SER A 50 10.73 10.00 -8.45
N GLU A 51 10.86 9.06 -7.53
CA GLU A 51 11.95 9.12 -6.57
C GLU A 51 13.00 8.04 -6.89
N ASP A 52 12.50 6.92 -7.39
CA ASP A 52 13.39 5.82 -7.75
C ASP A 52 13.27 5.54 -9.25
N GLY A 53 12.06 5.20 -9.65
CA GLY A 53 11.81 4.91 -11.07
C GLY A 53 10.30 4.89 -11.35
N THR A 54 9.62 3.95 -10.72
CA THR A 54 8.19 3.81 -10.90
C THR A 54 7.47 5.08 -10.43
N ILE A 55 6.48 5.48 -11.20
CA ILE A 55 5.70 6.67 -10.88
C ILE A 55 4.50 6.76 -11.82
N SER A 56 3.48 7.47 -11.36
CA SER A 56 2.27 7.65 -12.15
C SER A 56 1.91 9.13 -12.21
N GLN A 57 1.84 9.63 -13.44
CA GLN A 57 1.51 11.04 -13.66
C GLN A 57 0.06 11.31 -13.20
N ARG A 58 -0.70 10.23 -13.10
CA ARG A 58 -2.09 10.34 -12.68
C ARG A 58 -2.16 10.69 -11.19
N PHE A 59 -1.39 9.94 -10.40
CA PHE A 59 -1.36 10.16 -8.97
C PHE A 59 -0.31 11.20 -8.59
N LEU A 60 0.09 11.97 -9.59
CA LEU A 60 1.09 13.01 -9.37
C LEU A 60 0.52 14.07 -8.42
N GLY A 61 0.91 13.94 -7.16
CA GLY A 61 0.45 14.87 -6.14
C GLY A 61 -0.94 14.49 -5.62
N GLN A 62 -1.17 13.19 -5.58
CA GLN A 62 -2.45 12.67 -5.11
C GLN A 62 -2.26 11.98 -3.76
N THR A 63 -3.39 11.79 -3.08
CA THR A 63 -3.38 11.16 -1.77
C THR A 63 -4.33 9.95 -1.76
N GLY A 64 -3.78 8.81 -1.36
CA GLY A 64 -4.56 7.59 -1.29
C GLY A 64 -4.20 6.77 -0.06
N ILE A 65 -4.78 5.59 0.02
CA ILE A 65 -4.51 4.70 1.14
C ILE A 65 -3.88 3.39 0.62
N VAL A 66 -3.23 2.68 1.53
CA VAL A 66 -2.59 1.44 1.18
C VAL A 66 -3.61 0.29 1.25
N VAL A 67 -3.52 -0.60 0.28
CA VAL A 67 -4.43 -1.73 0.22
C VAL A 67 -3.88 -2.87 1.07
N GLY A 68 -2.58 -3.09 0.95
CA GLY A 68 -1.91 -4.14 1.70
C GLY A 68 -0.64 -3.62 2.37
N LEU A 69 0.44 -4.36 2.18
CA LEU A 69 1.71 -3.99 2.76
C LEU A 69 2.81 -4.87 2.18
N VAL A 70 4.05 -4.53 2.54
CA VAL A 70 5.19 -5.29 2.05
C VAL A 70 5.81 -6.06 3.22
N PHE A 71 5.54 -7.35 3.24
CA PHE A 71 6.06 -8.21 4.28
C PHE A 71 6.57 -9.53 3.72
N ASP A 72 7.25 -10.29 4.57
CA ASP A 72 7.79 -11.58 4.16
C ASP A 72 6.76 -12.30 3.30
N ASP A 73 7.03 -12.35 2.00
CA ASP A 73 6.15 -13.00 1.07
C ASP A 73 6.28 -14.52 1.23
N PRO A 74 5.16 -15.15 1.68
CA PRO A 74 5.15 -16.59 1.88
C PRO A 74 5.05 -17.32 0.55
N ALA A 75 4.71 -18.60 0.64
CA ALA A 75 4.57 -19.42 -0.56
C ALA A 75 3.21 -19.17 -1.20
N THR A 76 2.44 -18.31 -0.56
CA THR A 76 1.12 -17.97 -1.06
C THR A 76 0.95 -16.45 -1.17
N GLN A 77 2.07 -15.75 -0.97
CA GLN A 77 2.06 -14.30 -1.04
C GLN A 77 1.12 -13.72 0.02
N TYR A 78 1.57 -12.61 0.61
CA TYR A 78 0.78 -11.95 1.64
C TYR A 78 1.15 -10.47 1.73
N PRO A 79 0.17 -9.68 2.22
CA PRO A 79 -1.12 -10.21 2.62
C PRO A 79 -1.98 -10.57 1.40
N ASP A 80 -2.27 -9.54 0.62
CA ASP A 80 -3.07 -9.73 -0.58
C ASP A 80 -2.25 -9.31 -1.81
N ASP A 81 -1.34 -8.38 -1.58
CA ASP A 81 -0.49 -7.89 -2.66
C ASP A 81 0.98 -8.10 -2.27
N PRO A 82 1.85 -8.08 -3.32
CA PRO A 82 3.28 -8.26 -3.10
C PRO A 82 3.91 -7.01 -2.48
N LEU A 83 3.56 -5.86 -3.07
CA LEU A 83 4.08 -4.60 -2.59
C LEU A 83 2.91 -3.68 -2.20
N ILE A 84 3.27 -2.53 -1.66
CA ILE A 84 2.27 -1.56 -1.24
C ILE A 84 1.69 -0.87 -2.47
N GLN A 85 0.39 -0.57 -2.39
CA GLN A 85 -0.30 0.09 -3.48
C GLN A 85 -1.21 1.20 -2.94
N VAL A 86 -1.20 2.32 -3.65
CA VAL A 86 -2.02 3.45 -3.25
C VAL A 86 -3.21 3.57 -4.21
N LEU A 87 -4.36 3.87 -3.63
CA LEU A 87 -5.58 4.02 -4.42
C LEU A 87 -6.23 5.37 -4.10
N VAL A 88 -6.55 6.10 -5.16
CA VAL A 88 -7.17 7.41 -5.01
C VAL A 88 -8.67 7.28 -5.23
N GLU A 89 -9.41 8.14 -4.56
CA GLU A 89 -10.87 8.13 -4.68
C GLU A 89 -11.29 8.63 -6.06
N GLY A 90 -12.06 7.80 -6.74
CA GLY A 90 -12.54 8.15 -8.08
C GLY A 90 -11.46 7.87 -9.13
N LEU A 91 -10.29 7.50 -8.66
CA LEU A 91 -9.17 7.19 -9.54
C LEU A 91 -8.92 5.68 -9.54
N GLY A 92 -7.76 5.31 -10.07
CA GLY A 92 -7.38 3.91 -10.13
C GLY A 92 -6.47 3.54 -8.96
N GLU A 93 -5.58 2.59 -9.24
CA GLU A 93 -4.64 2.14 -8.22
C GLU A 93 -3.29 1.82 -8.86
N ASP A 94 -2.24 2.00 -8.07
CA ASP A 94 -0.89 1.75 -8.54
C ASP A 94 -0.02 1.26 -7.36
N LEU A 95 1.14 0.74 -7.72
CA LEU A 95 2.06 0.24 -6.70
C LEU A 95 3.23 1.21 -6.55
N PHE A 96 3.57 1.50 -5.30
CA PHE A 96 4.67 2.42 -5.02
C PHE A 96 5.63 1.80 -4.00
N PHE A 97 6.76 2.47 -3.83
CA PHE A 97 7.77 2.01 -2.89
C PHE A 97 7.72 2.82 -1.60
N PRO A 98 8.30 2.21 -0.52
CA PRO A 98 8.32 2.86 0.78
C PRO A 98 9.37 3.98 0.81
N GLU A 99 10.27 3.94 -0.16
CA GLU A 99 11.31 4.94 -0.25
C GLU A 99 10.95 6.00 -1.29
N GLU A 100 9.83 5.77 -1.96
CA GLU A 100 9.35 6.69 -2.97
C GLU A 100 8.50 7.79 -2.34
N LEU A 101 7.37 7.38 -1.80
CA LEU A 101 6.45 8.32 -1.16
C LEU A 101 6.70 8.31 0.34
N GLU A 102 6.10 9.28 1.01
CA GLU A 102 6.24 9.40 2.46
C GLU A 102 4.86 9.37 3.13
N LEU A 103 4.88 9.23 4.44
CA LEU A 103 3.65 9.20 5.22
C LEU A 103 3.12 10.62 5.37
N ALA A 104 1.87 10.80 4.94
CA ALA A 104 1.24 12.10 5.02
C ALA A 104 1.42 12.67 6.44
N PRO A 105 1.55 14.02 6.50
CA PRO A 105 1.74 14.69 7.77
C PRO A 105 0.41 14.75 8.56
N GLU A 106 -0.60 15.31 7.92
CA GLU A 106 -1.90 15.43 8.54
C GLU A 106 -2.81 14.28 8.10
N MET A 21 -12.20 -22.74 -5.88
CA MET A 21 -11.95 -23.76 -4.87
C MET A 21 -11.65 -23.12 -3.52
N ILE A 22 -10.88 -22.03 -3.56
CA ILE A 22 -10.52 -21.33 -2.35
C ILE A 22 -11.68 -20.44 -1.91
N GLN A 23 -11.93 -20.44 -0.61
CA GLN A 23 -13.02 -19.65 -0.05
C GLN A 23 -12.48 -18.32 0.48
N ASP A 24 -13.40 -17.45 0.87
CA ASP A 24 -13.04 -16.15 1.40
C ASP A 24 -12.20 -16.34 2.67
N PRO A 25 -11.18 -15.44 2.82
CA PRO A 25 -10.31 -15.48 3.97
C PRO A 25 -11.01 -14.96 5.23
N SER A 26 -12.23 -14.49 5.03
CA SER A 26 -13.03 -13.96 6.12
C SER A 26 -12.81 -14.81 7.38
N LEU A 27 -12.84 -16.12 7.19
CA LEU A 27 -12.64 -17.04 8.29
C LEU A 27 -11.57 -16.50 9.23
N ILE A 28 -10.40 -16.27 8.66
CA ILE A 28 -9.27 -15.74 9.43
C ILE A 28 -9.16 -14.23 9.20
N ILE A 29 -8.66 -13.55 10.22
CA ILE A 29 -8.50 -12.11 10.14
C ILE A 29 -7.01 -11.76 10.24
N CYS A 30 -6.62 -10.75 9.48
CA CYS A 30 -5.24 -10.32 9.47
C CYS A 30 -5.17 -8.93 10.12
N HIS A 31 -4.04 -8.66 10.76
CA HIS A 31 -3.83 -7.39 11.41
C HIS A 31 -2.47 -6.82 11.03
N ASP A 32 -2.17 -5.65 11.57
CA ASP A 32 -0.90 -5.00 11.29
C ASP A 32 0.24 -5.85 11.86
N VAL A 33 1.43 -5.62 11.33
CA VAL A 33 2.61 -6.36 11.77
C VAL A 33 3.76 -5.38 12.00
N ASP A 34 4.56 -5.68 13.02
CA ASP A 34 5.69 -4.83 13.36
C ASP A 34 6.69 -4.85 12.19
N GLY A 35 7.15 -3.65 11.83
CA GLY A 35 8.10 -3.52 10.75
C GLY A 35 7.39 -3.30 9.41
N ALA A 36 7.16 -2.04 9.11
CA ALA A 36 6.48 -1.67 7.87
C ALA A 36 6.69 -0.19 7.60
N PRO A 37 6.51 0.20 6.31
CA PRO A 37 6.66 1.58 5.90
C PRO A 37 5.47 2.42 6.35
N VAL A 38 4.28 1.90 6.06
CA VAL A 38 3.05 2.60 6.42
C VAL A 38 2.14 1.63 7.18
N ARG A 39 1.01 2.17 7.63
CA ARG A 39 0.05 1.37 8.36
C ARG A 39 -1.19 1.10 7.52
N ILE A 40 -1.86 0.00 7.82
CA ILE A 40 -3.06 -0.38 7.09
C ILE A 40 -4.12 0.71 7.26
N GLY A 41 -4.73 1.07 6.15
CA GLY A 41 -5.76 2.10 6.16
C GLY A 41 -5.14 3.49 6.30
N ALA A 42 -3.82 3.54 6.21
CA ALA A 42 -3.11 4.79 6.34
C ALA A 42 -3.16 5.54 4.99
N LYS A 43 -3.39 6.84 5.09
CA LYS A 43 -3.47 7.68 3.90
C LYS A 43 -2.10 8.29 3.62
N VAL A 44 -1.51 7.87 2.53
CA VAL A 44 -0.19 8.37 2.14
C VAL A 44 -0.35 9.37 0.99
N LYS A 45 0.75 10.03 0.67
CA LYS A 45 0.74 11.02 -0.40
C LYS A 45 1.79 10.63 -1.44
N VAL A 46 1.30 10.28 -2.63
CA VAL A 46 2.18 9.90 -3.71
C VAL A 46 3.00 11.12 -4.16
N VAL A 47 4.31 11.00 -4.01
CA VAL A 47 5.21 12.07 -4.39
C VAL A 47 4.96 12.45 -5.85
N PRO A 48 5.41 13.68 -6.22
CA PRO A 48 5.24 14.16 -7.57
C PRO A 48 6.22 13.48 -8.53
N HIS A 49 7.49 13.48 -8.13
CA HIS A 49 8.52 12.87 -8.94
C HIS A 49 9.15 11.71 -8.16
N SER A 50 9.45 10.65 -8.90
CA SER A 50 10.06 9.47 -8.30
C SER A 50 11.57 9.62 -8.26
N GLU A 51 12.19 8.90 -7.34
CA GLU A 51 13.63 8.94 -7.19
C GLU A 51 14.25 7.58 -7.53
N ASP A 52 13.39 6.69 -8.00
CA ASP A 52 13.83 5.35 -8.35
C ASP A 52 13.46 5.07 -9.81
N GLY A 53 12.22 4.67 -10.02
CA GLY A 53 11.73 4.37 -11.34
C GLY A 53 10.20 4.41 -11.39
N THR A 54 9.59 3.63 -10.52
CA THR A 54 8.14 3.57 -10.45
C THR A 54 7.56 4.95 -10.15
N ILE A 55 6.50 5.27 -10.86
CA ILE A 55 5.84 6.56 -10.68
C ILE A 55 4.52 6.58 -11.47
N SER A 56 3.69 7.55 -11.14
CA SER A 56 2.41 7.69 -11.81
C SER A 56 2.10 9.17 -12.03
N GLN A 57 2.05 9.55 -13.29
CA GLN A 57 1.75 10.93 -13.65
C GLN A 57 0.29 11.26 -13.34
N ARG A 58 -0.48 10.21 -13.08
CA ARG A 58 -1.89 10.37 -12.78
C ARG A 58 -2.07 10.71 -11.29
N PHE A 59 -1.23 10.10 -10.47
CA PHE A 59 -1.29 10.33 -9.04
C PHE A 59 -0.26 11.37 -8.61
N LEU A 60 0.20 12.14 -9.58
CA LEU A 60 1.19 13.17 -9.31
C LEU A 60 0.57 14.26 -8.44
N GLY A 61 0.70 14.07 -7.14
CA GLY A 61 0.14 15.03 -6.19
C GLY A 61 -1.20 14.55 -5.65
N GLN A 62 -1.36 13.24 -5.63
CA GLN A 62 -2.59 12.63 -5.14
C GLN A 62 -2.39 12.10 -3.72
N THR A 63 -3.46 11.55 -3.17
CA THR A 63 -3.41 11.00 -1.82
C THR A 63 -4.41 9.85 -1.68
N GLY A 64 -3.88 8.66 -1.52
CA GLY A 64 -4.71 7.48 -1.38
C GLY A 64 -4.33 6.70 -0.11
N ILE A 65 -4.94 5.53 0.02
CA ILE A 65 -4.70 4.68 1.18
C ILE A 65 -4.09 3.36 0.71
N VAL A 66 -3.26 2.79 1.56
CA VAL A 66 -2.62 1.52 1.25
C VAL A 66 -3.62 0.37 1.44
N VAL A 67 -3.77 -0.43 0.40
CA VAL A 67 -4.68 -1.55 0.45
C VAL A 67 -4.10 -2.64 1.36
N GLY A 68 -2.82 -2.90 1.16
CA GLY A 68 -2.14 -3.91 1.95
C GLY A 68 -0.88 -3.34 2.62
N LEU A 69 0.24 -4.00 2.35
CA LEU A 69 1.50 -3.56 2.92
C LEU A 69 2.64 -4.36 2.27
N VAL A 70 3.86 -4.01 2.67
CA VAL A 70 5.03 -4.69 2.13
C VAL A 70 5.71 -5.49 3.26
N PHE A 71 5.47 -6.79 3.23
CA PHE A 71 6.04 -7.68 4.23
C PHE A 71 6.55 -8.97 3.59
N ASP A 72 7.29 -9.74 4.38
CA ASP A 72 7.84 -10.99 3.91
C ASP A 72 6.80 -11.73 3.08
N ASP A 73 7.01 -11.72 1.77
CA ASP A 73 6.09 -12.38 0.85
C ASP A 73 6.28 -13.89 0.97
N PRO A 74 5.20 -14.57 1.46
CA PRO A 74 5.23 -16.01 1.61
C PRO A 74 5.09 -16.71 0.27
N ALA A 75 4.84 -18.01 0.33
CA ALA A 75 4.68 -18.81 -0.87
C ALA A 75 3.30 -18.55 -1.47
N THR A 76 2.52 -17.75 -0.75
CA THR A 76 1.18 -17.41 -1.21
C THR A 76 0.99 -15.89 -1.22
N GLN A 77 2.11 -15.19 -1.09
CA GLN A 77 2.07 -13.73 -1.09
C GLN A 77 1.19 -13.21 0.03
N TYR A 78 1.51 -12.02 0.50
CA TYR A 78 0.76 -11.40 1.57
C TYR A 78 1.07 -9.91 1.67
N PRO A 79 0.07 -9.14 2.21
CA PRO A 79 -1.18 -9.75 2.65
C PRO A 79 -2.05 -10.10 1.45
N ASP A 80 -2.33 -9.09 0.64
CA ASP A 80 -3.16 -9.29 -0.54
C ASP A 80 -2.32 -9.05 -1.79
N ASP A 81 -1.32 -8.21 -1.64
CA ASP A 81 -0.43 -7.87 -2.74
C ASP A 81 1.03 -8.09 -2.31
N PRO A 82 1.92 -8.14 -3.33
CA PRO A 82 3.34 -8.34 -3.06
C PRO A 82 3.98 -7.06 -2.51
N LEU A 83 3.48 -5.93 -3.00
CA LEU A 83 3.99 -4.63 -2.58
C LEU A 83 2.81 -3.74 -2.17
N ILE A 84 3.16 -2.56 -1.69
CA ILE A 84 2.15 -1.60 -1.26
C ILE A 84 1.48 -0.99 -2.50
N GLN A 85 0.19 -0.72 -2.35
CA GLN A 85 -0.58 -0.13 -3.44
C GLN A 85 -1.47 0.99 -2.91
N VAL A 86 -1.40 2.13 -3.60
CA VAL A 86 -2.19 3.28 -3.22
C VAL A 86 -3.38 3.42 -4.18
N LEU A 87 -4.51 3.83 -3.63
CA LEU A 87 -5.72 4.01 -4.41
C LEU A 87 -6.35 5.36 -4.08
N VAL A 88 -6.63 6.13 -5.12
CA VAL A 88 -7.22 7.44 -4.95
C VAL A 88 -8.73 7.34 -5.15
N GLU A 89 -9.46 8.22 -4.48
CA GLU A 89 -10.91 8.24 -4.58
C GLU A 89 -11.34 8.74 -5.95
N GLY A 90 -12.11 7.91 -6.63
CA GLY A 90 -12.60 8.25 -7.96
C GLY A 90 -11.56 7.94 -9.03
N LEU A 91 -10.36 7.63 -8.57
CA LEU A 91 -9.26 7.30 -9.46
C LEU A 91 -8.98 5.80 -9.40
N GLY A 92 -7.85 5.41 -9.98
CA GLY A 92 -7.45 4.02 -10.00
C GLY A 92 -6.48 3.72 -8.86
N GLU A 93 -5.77 2.61 -9.00
CA GLU A 93 -4.80 2.21 -7.99
C GLU A 93 -3.51 1.72 -8.66
N ASP A 94 -2.40 2.02 -8.00
CA ASP A 94 -1.10 1.62 -8.52
C ASP A 94 -0.20 1.18 -7.36
N LEU A 95 0.89 0.54 -7.71
CA LEU A 95 1.84 0.07 -6.71
C LEU A 95 3.03 1.02 -6.63
N PHE A 96 3.39 1.37 -5.41
CA PHE A 96 4.51 2.27 -5.19
C PHE A 96 5.55 1.64 -4.26
N PHE A 97 6.69 2.31 -4.16
CA PHE A 97 7.77 1.83 -3.32
C PHE A 97 7.75 2.52 -1.96
N PRO A 98 8.41 1.85 -0.97
CA PRO A 98 8.47 2.39 0.39
C PRO A 98 9.46 3.56 0.47
N GLU A 99 10.40 3.56 -0.47
CA GLU A 99 11.40 4.62 -0.52
C GLU A 99 11.03 5.66 -1.56
N GLU A 100 9.86 5.48 -2.15
CA GLU A 100 9.37 6.39 -3.16
C GLU A 100 8.55 7.51 -2.52
N LEU A 101 7.41 7.13 -1.96
CA LEU A 101 6.54 8.09 -1.31
C LEU A 101 6.80 8.07 0.20
N GLU A 102 6.16 9.01 0.89
CA GLU A 102 6.32 9.11 2.33
C GLU A 102 4.95 9.06 3.02
N LEU A 103 4.99 8.91 4.33
CA LEU A 103 3.77 8.85 5.12
C LEU A 103 3.21 10.26 5.30
N ALA A 104 1.98 10.45 4.82
CA ALA A 104 1.33 11.74 4.93
C ALA A 104 1.10 12.07 6.40
N PRO A 105 1.24 13.39 6.72
CA PRO A 105 1.06 13.85 8.08
C PRO A 105 -0.43 13.89 8.44
N GLU A 106 -1.18 14.57 7.61
CA GLU A 106 -2.62 14.69 7.83
C GLU A 106 -3.38 13.71 6.94
N MET A 21 -26.25 -19.79 18.93
CA MET A 21 -24.82 -19.64 18.77
C MET A 21 -24.37 -20.13 17.39
N ILE A 22 -24.61 -19.29 16.39
CA ILE A 22 -24.23 -19.64 15.02
C ILE A 22 -23.71 -18.39 14.31
N GLN A 23 -22.66 -18.57 13.53
CA GLN A 23 -22.06 -17.48 12.79
C GLN A 23 -21.66 -17.94 11.39
N ASP A 24 -21.56 -16.96 10.49
CA ASP A 24 -21.19 -17.25 9.12
C ASP A 24 -20.03 -16.34 8.70
N PRO A 25 -18.98 -16.99 8.11
CA PRO A 25 -17.81 -16.25 7.68
C PRO A 25 -18.10 -15.47 6.39
N SER A 26 -17.90 -14.16 6.48
CA SER A 26 -18.13 -13.29 5.33
C SER A 26 -16.82 -13.05 4.58
N LEU A 27 -15.81 -12.67 5.33
CA LEU A 27 -14.50 -12.41 4.75
C LEU A 27 -13.42 -12.60 5.83
N ILE A 28 -12.18 -12.56 5.38
CA ILE A 28 -11.05 -12.73 6.28
C ILE A 28 -10.38 -11.38 6.52
N ILE A 29 -10.38 -10.96 7.77
CA ILE A 29 -9.78 -9.70 8.14
C ILE A 29 -8.29 -9.91 8.43
N CYS A 30 -7.51 -8.87 8.19
CA CYS A 30 -6.09 -8.92 8.43
C CYS A 30 -5.71 -7.80 9.40
N HIS A 31 -4.56 -7.96 10.04
CA HIS A 31 -4.08 -6.97 10.98
C HIS A 31 -2.67 -6.54 10.60
N ASP A 32 -2.25 -5.41 11.16
CA ASP A 32 -0.93 -4.88 10.89
C ASP A 32 0.12 -5.76 11.56
N VAL A 33 1.37 -5.57 11.16
CA VAL A 33 2.46 -6.33 11.73
C VAL A 33 3.60 -5.38 12.10
N ASP A 34 4.25 -5.69 13.22
CA ASP A 34 5.36 -4.87 13.68
C ASP A 34 6.51 -4.93 12.68
N GLY A 35 6.89 -3.77 12.19
CA GLY A 35 7.96 -3.67 11.21
C GLY A 35 7.41 -3.41 9.81
N ALA A 36 7.24 -2.14 9.50
CA ALA A 36 6.73 -1.74 8.20
C ALA A 36 6.99 -0.25 7.99
N PRO A 37 6.98 0.16 6.70
CA PRO A 37 7.20 1.55 6.34
C PRO A 37 5.98 2.41 6.66
N VAL A 38 4.82 1.88 6.28
CA VAL A 38 3.56 2.57 6.51
C VAL A 38 2.65 1.69 7.36
N ARG A 39 1.50 2.25 7.70
CA ARG A 39 0.51 1.54 8.50
C ARG A 39 -0.71 1.20 7.66
N ILE A 40 -1.20 -0.01 7.86
CA ILE A 40 -2.37 -0.48 7.13
C ILE A 40 -3.54 0.48 7.39
N GLY A 41 -4.17 0.89 6.30
CA GLY A 41 -5.31 1.80 6.40
C GLY A 41 -4.83 3.24 6.61
N ALA A 42 -3.55 3.45 6.37
CA ALA A 42 -2.96 4.77 6.52
C ALA A 42 -3.05 5.52 5.19
N LYS A 43 -3.33 6.81 5.30
CA LYS A 43 -3.44 7.65 4.12
C LYS A 43 -2.09 8.32 3.85
N VAL A 44 -1.51 7.94 2.71
CA VAL A 44 -0.21 8.49 2.32
C VAL A 44 -0.41 9.45 1.13
N LYS A 45 0.66 10.14 0.79
CA LYS A 45 0.62 11.09 -0.31
C LYS A 45 1.67 10.70 -1.35
N VAL A 46 1.18 10.35 -2.53
CA VAL A 46 2.06 9.96 -3.62
C VAL A 46 2.85 11.17 -4.10
N VAL A 47 4.17 11.06 -3.98
CA VAL A 47 5.05 12.15 -4.39
C VAL A 47 4.77 12.49 -5.86
N PRO A 48 5.20 13.72 -6.25
CA PRO A 48 5.01 14.19 -7.61
C PRO A 48 5.98 13.50 -8.57
N HIS A 49 7.26 13.60 -8.24
CA HIS A 49 8.30 13.00 -9.06
C HIS A 49 9.04 11.93 -8.25
N SER A 50 9.29 10.81 -8.90
CA SER A 50 9.98 9.70 -8.26
C SER A 50 11.39 9.58 -8.81
N GLU A 51 12.14 8.65 -8.24
CA GLU A 51 13.52 8.42 -8.66
C GLU A 51 13.61 7.12 -9.47
N ASP A 52 12.90 6.12 -8.99
CA ASP A 52 12.89 4.82 -9.65
C ASP A 52 12.12 4.92 -10.97
N GLY A 53 12.05 3.80 -11.66
CA GLY A 53 11.35 3.75 -12.93
C GLY A 53 9.84 3.82 -12.71
N THR A 54 9.39 3.19 -11.64
CA THR A 54 7.97 3.18 -11.30
C THR A 54 7.50 4.58 -10.93
N ILE A 55 6.39 4.97 -11.52
CA ILE A 55 5.82 6.29 -11.26
C ILE A 55 4.44 6.38 -11.91
N SER A 56 3.69 7.39 -11.49
CA SER A 56 2.35 7.61 -12.02
C SER A 56 2.05 9.10 -12.09
N GLN A 57 1.90 9.59 -13.31
CA GLN A 57 1.61 11.00 -13.52
C GLN A 57 0.14 11.30 -13.19
N ARG A 58 -0.65 10.23 -13.14
CA ARG A 58 -2.06 10.36 -12.83
C ARG A 58 -2.25 10.61 -11.33
N PHE A 59 -1.21 10.29 -10.57
CA PHE A 59 -1.26 10.48 -9.13
C PHE A 59 -0.28 11.58 -8.69
N LEU A 60 0.10 12.41 -9.65
CA LEU A 60 1.02 13.50 -9.38
C LEU A 60 0.48 14.34 -8.22
N GLY A 61 0.99 14.05 -7.03
CA GLY A 61 0.56 14.77 -5.85
C GLY A 61 -0.82 14.30 -5.38
N GLN A 62 -1.04 13.00 -5.52
CA GLN A 62 -2.30 12.41 -5.11
C GLN A 62 -2.22 11.89 -3.67
N THR A 63 -3.38 11.60 -3.11
CA THR A 63 -3.46 11.09 -1.75
C THR A 63 -4.40 9.89 -1.68
N GLY A 64 -3.80 8.73 -1.46
CA GLY A 64 -4.58 7.50 -1.36
C GLY A 64 -4.18 6.70 -0.12
N ILE A 65 -4.84 5.56 0.05
CA ILE A 65 -4.57 4.70 1.18
C ILE A 65 -3.90 3.41 0.69
N VAL A 66 -3.18 2.78 1.59
CA VAL A 66 -2.48 1.54 1.27
C VAL A 66 -3.43 0.36 1.45
N VAL A 67 -3.55 -0.43 0.39
CA VAL A 67 -4.42 -1.59 0.42
C VAL A 67 -3.68 -2.76 1.06
N GLY A 68 -2.41 -2.89 0.69
CA GLY A 68 -1.59 -3.97 1.22
C GLY A 68 -0.19 -3.46 1.58
N LEU A 69 0.44 -4.15 2.52
CA LEU A 69 1.77 -3.77 2.96
C LEU A 69 2.79 -4.70 2.31
N VAL A 70 4.05 -4.47 2.64
CA VAL A 70 5.13 -5.27 2.08
C VAL A 70 5.77 -6.10 3.20
N PHE A 71 5.43 -7.38 3.21
CA PHE A 71 5.96 -8.29 4.21
C PHE A 71 6.38 -9.61 3.58
N ASP A 72 7.07 -10.42 4.38
CA ASP A 72 7.53 -11.72 3.92
C ASP A 72 6.42 -12.39 3.13
N ASP A 73 6.60 -12.41 1.81
CA ASP A 73 5.63 -13.02 0.92
C ASP A 73 5.76 -14.55 1.00
N PRO A 74 4.69 -15.19 1.53
CA PRO A 74 4.67 -16.64 1.66
C PRO A 74 4.45 -17.32 0.31
N ALA A 75 4.04 -18.57 0.37
CA ALA A 75 3.79 -19.33 -0.83
C ALA A 75 2.45 -18.89 -1.45
N THR A 76 1.81 -17.95 -0.77
CA THR A 76 0.53 -17.43 -1.23
C THR A 76 0.56 -15.90 -1.27
N GLN A 77 1.75 -15.36 -1.03
CA GLN A 77 1.92 -13.92 -1.03
C GLN A 77 1.00 -13.27 0.00
N TYR A 78 1.39 -12.08 0.44
CA TYR A 78 0.61 -11.35 1.43
C TYR A 78 1.04 -9.88 1.48
N PRO A 79 0.07 -9.01 1.89
CA PRO A 79 -1.25 -9.49 2.24
C PRO A 79 -2.06 -9.85 0.99
N ASP A 80 -2.20 -8.86 0.12
CA ASP A 80 -2.94 -9.06 -1.12
C ASP A 80 -1.99 -8.91 -2.31
N ASP A 81 -0.95 -8.11 -2.09
CA ASP A 81 0.05 -7.88 -3.13
C ASP A 81 1.45 -8.05 -2.54
N PRO A 82 2.46 -8.02 -3.45
CA PRO A 82 3.84 -8.18 -3.04
C PRO A 82 4.36 -6.90 -2.37
N LEU A 83 4.19 -5.80 -3.07
CA LEU A 83 4.63 -4.50 -2.57
C LEU A 83 3.41 -3.68 -2.15
N ILE A 84 3.69 -2.52 -1.59
CA ILE A 84 2.63 -1.63 -1.14
C ILE A 84 1.98 -0.96 -2.36
N GLN A 85 0.68 -0.74 -2.24
CA GLN A 85 -0.06 -0.11 -3.32
C GLN A 85 -1.03 0.94 -2.75
N VAL A 86 -1.10 2.06 -3.46
CA VAL A 86 -1.98 3.15 -3.04
C VAL A 86 -3.18 3.23 -3.99
N LEU A 87 -4.31 3.62 -3.43
CA LEU A 87 -5.53 3.75 -4.22
C LEU A 87 -6.18 5.10 -3.94
N VAL A 88 -6.27 5.91 -4.98
CA VAL A 88 -6.85 7.23 -4.86
C VAL A 88 -8.37 7.12 -5.04
N GLU A 89 -9.07 8.04 -4.40
CA GLU A 89 -10.53 8.06 -4.48
C GLU A 89 -10.98 8.46 -5.88
N GLY A 90 -11.92 7.68 -6.40
CA GLY A 90 -12.44 7.94 -7.74
C GLY A 90 -11.35 7.78 -8.80
N LEU A 91 -10.28 7.12 -8.40
CA LEU A 91 -9.16 6.89 -9.30
C LEU A 91 -8.79 5.40 -9.27
N GLY A 92 -7.61 5.11 -9.82
CA GLY A 92 -7.12 3.75 -9.86
C GLY A 92 -6.17 3.46 -8.70
N GLU A 93 -5.30 2.48 -8.92
CA GLU A 93 -4.33 2.10 -7.91
C GLU A 93 -3.00 1.73 -8.56
N ASP A 94 -1.92 2.05 -7.86
CA ASP A 94 -0.59 1.76 -8.36
C ASP A 94 0.31 1.33 -7.20
N LEU A 95 1.46 0.78 -7.55
CA LEU A 95 2.40 0.32 -6.54
C LEU A 95 3.52 1.36 -6.40
N PHE A 96 3.89 1.62 -5.16
CA PHE A 96 4.94 2.59 -4.87
C PHE A 96 5.91 2.03 -3.84
N PHE A 97 7.01 2.75 -3.66
CA PHE A 97 8.04 2.35 -2.71
C PHE A 97 7.84 3.06 -1.37
N PRO A 98 8.43 2.44 -0.30
CA PRO A 98 8.33 3.00 1.03
C PRO A 98 9.24 4.21 1.19
N GLU A 99 10.26 4.27 0.34
CA GLU A 99 11.20 5.37 0.36
C GLU A 99 10.86 6.40 -0.71
N GLU A 100 9.78 6.12 -1.43
CA GLU A 100 9.34 7.01 -2.49
C GLU A 100 8.38 8.06 -1.93
N LEU A 101 7.26 7.58 -1.42
CA LEU A 101 6.26 8.47 -0.85
C LEU A 101 6.42 8.51 0.68
N GLU A 102 5.91 9.58 1.26
CA GLU A 102 5.99 9.75 2.70
C GLU A 102 4.59 9.64 3.33
N LEU A 103 4.58 9.52 4.65
CA LEU A 103 3.33 9.41 5.38
C LEU A 103 2.68 10.79 5.48
N ALA A 104 1.40 10.83 5.17
CA ALA A 104 0.64 12.07 5.22
C ALA A 104 0.49 12.50 6.68
N PRO A 105 0.32 13.84 6.87
CA PRO A 105 0.16 14.40 8.21
C PRO A 105 -1.23 14.11 8.76
N GLU A 106 -2.24 14.54 8.01
CA GLU A 106 -3.62 14.34 8.40
C GLU A 106 -4.26 13.26 7.52
N MET A 21 -20.94 -15.39 -9.87
CA MET A 21 -20.13 -16.24 -9.02
C MET A 21 -19.02 -15.43 -8.35
N ILE A 22 -19.24 -15.14 -7.07
CA ILE A 22 -18.27 -14.38 -6.30
C ILE A 22 -17.05 -15.25 -6.01
N GLN A 23 -15.90 -14.75 -6.43
CA GLN A 23 -14.65 -15.48 -6.22
C GLN A 23 -13.95 -14.97 -4.97
N ASP A 24 -13.82 -13.66 -4.88
CA ASP A 24 -13.17 -13.03 -3.74
C ASP A 24 -14.22 -12.63 -2.72
N PRO A 25 -13.83 -12.69 -1.42
CA PRO A 25 -14.73 -12.33 -0.34
C PRO A 25 -14.90 -10.82 -0.25
N SER A 26 -16.09 -10.40 0.15
CA SER A 26 -16.39 -8.99 0.28
C SER A 26 -15.89 -8.48 1.64
N LEU A 27 -16.20 -9.24 2.67
CA LEU A 27 -15.79 -8.88 4.02
C LEU A 27 -14.34 -9.32 4.24
N ILE A 28 -13.44 -8.35 4.20
CA ILE A 28 -12.03 -8.63 4.40
C ILE A 28 -11.48 -7.69 5.47
N ILE A 29 -10.61 -8.24 6.30
CA ILE A 29 -10.00 -7.47 7.37
C ILE A 29 -8.51 -7.80 7.45
N CYS A 30 -7.70 -6.76 7.39
CA CYS A 30 -6.26 -6.92 7.46
C CYS A 30 -5.76 -6.32 8.77
N HIS A 31 -4.68 -6.90 9.28
CA HIS A 31 -4.10 -6.43 10.52
C HIS A 31 -2.73 -5.83 10.26
N ASP A 32 -2.17 -5.22 11.29
CA ASP A 32 -0.86 -4.59 11.18
C ASP A 32 0.18 -5.50 11.82
N VAL A 33 1.14 -5.91 11.01
CA VAL A 33 2.21 -6.78 11.49
C VAL A 33 3.43 -5.94 11.82
N ASP A 34 4.17 -6.39 12.83
CA ASP A 34 5.37 -5.68 13.25
C ASP A 34 6.38 -5.67 12.11
N GLY A 35 6.93 -4.50 11.86
CA GLY A 35 7.91 -4.33 10.79
C GLY A 35 7.24 -3.97 9.47
N ALA A 36 7.08 -2.67 9.26
CA ALA A 36 6.45 -2.19 8.04
C ALA A 36 6.72 -0.69 7.91
N PRO A 37 6.59 -0.18 6.64
CA PRO A 37 6.81 1.23 6.37
C PRO A 37 5.64 2.07 6.86
N VAL A 38 4.44 1.61 6.52
CA VAL A 38 3.24 2.32 6.92
C VAL A 38 2.27 1.34 7.59
N ARG A 39 1.15 1.88 8.06
CA ARG A 39 0.15 1.06 8.73
C ARG A 39 -1.07 0.88 7.82
N ILE A 40 -1.81 -0.18 8.09
CA ILE A 40 -3.01 -0.48 7.32
C ILE A 40 -4.04 0.64 7.53
N GLY A 41 -4.57 1.14 6.42
CA GLY A 41 -5.56 2.20 6.48
C GLY A 41 -4.90 3.56 6.64
N ALA A 42 -3.58 3.57 6.49
CA ALA A 42 -2.82 4.80 6.61
C ALA A 42 -2.95 5.61 5.31
N LYS A 43 -3.10 6.92 5.48
CA LYS A 43 -3.23 7.80 4.35
C LYS A 43 -1.86 8.38 3.99
N VAL A 44 -1.37 8.00 2.82
CA VAL A 44 -0.07 8.46 2.35
C VAL A 44 -0.27 9.38 1.15
N LYS A 45 0.82 10.00 0.72
CA LYS A 45 0.78 10.90 -0.41
C LYS A 45 1.78 10.42 -1.48
N VAL A 46 1.25 10.21 -2.67
CA VAL A 46 2.08 9.75 -3.78
C VAL A 46 3.10 10.84 -4.13
N VAL A 47 4.37 10.44 -4.10
CA VAL A 47 5.44 11.37 -4.42
C VAL A 47 5.35 11.78 -5.89
N PRO A 48 5.08 13.09 -6.10
CA PRO A 48 4.96 13.63 -7.45
C PRO A 48 6.34 13.76 -8.11
N HIS A 49 7.36 13.73 -7.28
CA HIS A 49 8.72 13.85 -7.76
C HIS A 49 9.23 12.48 -8.22
N SER A 50 10.07 12.51 -9.24
CA SER A 50 10.62 11.28 -9.79
C SER A 50 12.14 11.25 -9.58
N GLU A 51 12.55 10.48 -8.59
CA GLU A 51 13.97 10.36 -8.28
C GLU A 51 14.46 8.94 -8.58
N ASP A 52 13.59 7.98 -8.31
CA ASP A 52 13.92 6.59 -8.54
C ASP A 52 13.99 6.33 -10.05
N GLY A 53 12.92 6.68 -10.73
CA GLY A 53 12.84 6.50 -12.18
C GLY A 53 11.39 6.41 -12.64
N THR A 54 10.74 5.32 -12.27
CA THR A 54 9.36 5.11 -12.65
C THR A 54 8.43 5.77 -11.64
N ILE A 55 7.46 6.50 -12.18
CA ILE A 55 6.49 7.20 -11.34
C ILE A 55 5.14 7.22 -12.04
N SER A 56 4.10 7.45 -11.26
CA SER A 56 2.75 7.49 -11.79
C SER A 56 2.44 8.90 -12.32
N GLN A 57 1.78 8.94 -13.46
CA GLN A 57 1.42 10.21 -14.07
C GLN A 57 0.02 10.63 -13.65
N ARG A 58 -0.81 9.62 -13.37
CA ARG A 58 -2.18 9.87 -12.96
C ARG A 58 -2.22 10.30 -11.49
N PHE A 59 -1.56 9.50 -10.66
CA PHE A 59 -1.50 9.78 -9.24
C PHE A 59 -0.42 10.83 -8.92
N LEU A 60 0.15 11.38 -9.98
CA LEU A 60 1.18 12.38 -9.83
C LEU A 60 0.69 13.49 -8.89
N GLY A 61 1.06 13.36 -7.63
CA GLY A 61 0.67 14.34 -6.63
C GLY A 61 -0.76 14.07 -6.15
N GLN A 62 -1.02 12.81 -5.84
CA GLN A 62 -2.34 12.41 -5.36
C GLN A 62 -2.24 11.92 -3.91
N THR A 63 -3.35 11.38 -3.43
CA THR A 63 -3.42 10.87 -2.07
C THR A 63 -4.40 9.71 -1.98
N GLY A 64 -3.92 8.62 -1.41
CA GLY A 64 -4.74 7.43 -1.25
C GLY A 64 -4.42 6.70 0.05
N ILE A 65 -4.85 5.46 0.12
CA ILE A 65 -4.62 4.64 1.30
C ILE A 65 -4.03 3.29 0.89
N VAL A 66 -3.25 2.72 1.78
CA VAL A 66 -2.61 1.44 1.52
C VAL A 66 -3.61 0.32 1.82
N VAL A 67 -3.86 -0.49 0.80
CA VAL A 67 -4.78 -1.61 0.93
C VAL A 67 -4.12 -2.73 1.74
N GLY A 68 -2.93 -3.10 1.28
CA GLY A 68 -2.18 -4.16 1.96
C GLY A 68 -0.89 -3.62 2.56
N LEU A 69 0.19 -4.34 2.32
CA LEU A 69 1.49 -3.94 2.84
C LEU A 69 2.57 -4.81 2.20
N VAL A 70 3.81 -4.51 2.55
CA VAL A 70 4.95 -5.25 2.02
C VAL A 70 5.58 -6.08 3.14
N PHE A 71 5.30 -7.37 3.12
CA PHE A 71 5.83 -8.26 4.13
C PHE A 71 6.32 -9.57 3.50
N ASP A 72 7.04 -10.34 4.30
CA ASP A 72 7.57 -11.61 3.82
C ASP A 72 6.44 -12.42 3.19
N ASP A 73 6.77 -13.06 2.07
CA ASP A 73 5.80 -13.86 1.35
C ASP A 73 6.02 -15.34 1.70
N PRO A 74 5.04 -15.91 2.43
CA PRO A 74 5.11 -17.30 2.83
C PRO A 74 4.80 -18.23 1.65
N ALA A 75 3.58 -18.12 1.15
CA ALA A 75 3.15 -18.94 0.04
C ALA A 75 3.38 -18.17 -1.27
N THR A 76 2.76 -17.01 -1.35
CA THR A 76 2.89 -16.16 -2.52
C THR A 76 3.18 -14.71 -2.11
N GLN A 77 2.49 -14.27 -1.08
CA GLN A 77 2.66 -12.92 -0.58
C GLN A 77 1.54 -12.58 0.40
N TYR A 78 1.60 -11.35 0.92
CA TYR A 78 0.61 -10.89 1.87
C TYR A 78 0.62 -9.36 1.97
N PRO A 79 -0.55 -8.80 2.37
CA PRO A 79 -1.71 -9.62 2.66
C PRO A 79 -2.36 -10.15 1.38
N ASP A 80 -2.68 -9.21 0.49
CA ASP A 80 -3.29 -9.56 -0.77
C ASP A 80 -2.32 -9.27 -1.91
N ASP A 81 -1.45 -8.30 -1.67
CA ASP A 81 -0.46 -7.92 -2.66
C ASP A 81 0.94 -8.07 -2.07
N PRO A 82 1.94 -8.12 -2.98
CA PRO A 82 3.33 -8.28 -2.56
C PRO A 82 3.87 -6.96 -1.99
N LEU A 83 3.58 -5.88 -2.70
CA LEU A 83 4.02 -4.56 -2.27
C LEU A 83 2.82 -3.72 -1.88
N ILE A 84 3.11 -2.52 -1.39
CA ILE A 84 2.05 -1.61 -0.98
C ILE A 84 1.36 -1.02 -2.22
N GLN A 85 0.06 -0.80 -2.08
CA GLN A 85 -0.72 -0.26 -3.18
C GLN A 85 -1.58 0.91 -2.70
N VAL A 86 -1.51 2.01 -3.42
CA VAL A 86 -2.28 3.19 -3.08
C VAL A 86 -3.48 3.32 -4.02
N LEU A 87 -4.63 3.60 -3.43
CA LEU A 87 -5.85 3.74 -4.19
C LEU A 87 -6.47 5.11 -3.92
N VAL A 88 -6.65 5.88 -4.98
CA VAL A 88 -7.23 7.20 -4.86
C VAL A 88 -8.76 7.11 -5.00
N GLU A 89 -9.43 8.03 -4.34
CA GLU A 89 -10.89 8.07 -4.39
C GLU A 89 -11.37 8.53 -5.77
N GLY A 90 -12.13 7.64 -6.40
CA GLY A 90 -12.65 7.94 -7.74
C GLY A 90 -11.64 7.57 -8.81
N LEU A 91 -10.42 7.31 -8.38
CA LEU A 91 -9.36 6.95 -9.30
C LEU A 91 -9.12 5.43 -9.23
N GLY A 92 -7.99 5.02 -9.79
CA GLY A 92 -7.63 3.61 -9.79
C GLY A 92 -6.70 3.28 -8.63
N GLU A 93 -5.93 2.21 -8.80
CA GLU A 93 -5.00 1.77 -7.77
C GLU A 93 -3.71 1.26 -8.42
N ASP A 94 -2.60 1.72 -7.87
CA ASP A 94 -1.30 1.32 -8.38
C ASP A 94 -0.41 0.89 -7.20
N LEU A 95 0.69 0.24 -7.55
CA LEU A 95 1.63 -0.23 -6.53
C LEU A 95 2.83 0.72 -6.49
N PHE A 96 3.12 1.21 -5.29
CA PHE A 96 4.24 2.11 -5.11
C PHE A 96 5.27 1.52 -4.16
N PHE A 97 6.42 2.17 -4.09
CA PHE A 97 7.50 1.72 -3.23
C PHE A 97 7.52 2.50 -1.91
N PRO A 98 8.16 1.88 -0.88
CA PRO A 98 8.26 2.50 0.42
C PRO A 98 9.30 3.63 0.41
N GLU A 99 10.12 3.62 -0.62
CA GLU A 99 11.16 4.63 -0.76
C GLU A 99 10.72 5.72 -1.73
N GLU A 100 9.58 5.49 -2.35
CA GLU A 100 9.03 6.45 -3.29
C GLU A 100 8.21 7.51 -2.56
N LEU A 101 7.10 7.06 -1.98
CA LEU A 101 6.23 7.96 -1.24
C LEU A 101 6.55 7.87 0.24
N GLU A 102 6.01 8.83 1.00
CA GLU A 102 6.22 8.86 2.43
C GLU A 102 4.88 8.95 3.17
N LEU A 103 4.95 8.75 4.48
CA LEU A 103 3.76 8.81 5.31
C LEU A 103 3.39 10.27 5.56
N ALA A 104 2.12 10.57 5.36
CA ALA A 104 1.63 11.92 5.57
C ALA A 104 1.27 12.11 7.05
N PRO A 105 1.48 13.36 7.53
CA PRO A 105 1.20 13.69 8.92
C PRO A 105 -0.32 13.81 9.14
N GLU A 106 -0.93 14.66 8.34
CA GLU A 106 -2.36 14.89 8.44
C GLU A 106 -3.08 14.26 7.24
N MET A 21 -17.72 -21.24 0.10
CA MET A 21 -17.84 -20.42 1.29
C MET A 21 -18.09 -18.95 0.92
N ILE A 22 -19.25 -18.45 1.32
CA ILE A 22 -19.61 -17.07 1.03
C ILE A 22 -19.26 -16.20 2.24
N GLN A 23 -19.02 -14.92 1.97
CA GLN A 23 -18.68 -13.98 3.01
C GLN A 23 -18.77 -14.66 4.39
N ASP A 24 -17.67 -15.31 4.76
CA ASP A 24 -17.61 -16.00 6.03
C ASP A 24 -16.59 -15.30 6.94
N PRO A 25 -16.79 -15.48 8.27
CA PRO A 25 -15.91 -14.87 9.25
C PRO A 25 -14.57 -15.62 9.31
N SER A 26 -14.55 -16.77 8.69
CA SER A 26 -13.35 -17.59 8.67
C SER A 26 -12.16 -16.77 8.19
N LEU A 27 -12.46 -15.80 7.34
CA LEU A 27 -11.43 -14.94 6.80
C LEU A 27 -10.43 -14.60 7.90
N ILE A 28 -9.25 -15.19 7.80
CA ILE A 28 -8.20 -14.97 8.78
C ILE A 28 -7.53 -13.61 8.50
N ILE A 29 -7.36 -12.85 9.56
CA ILE A 29 -6.73 -11.55 9.44
C ILE A 29 -5.56 -11.45 10.43
N CYS A 30 -4.46 -10.89 9.94
CA CYS A 30 -3.27 -10.74 10.76
C CYS A 30 -3.11 -9.25 11.09
N HIS A 31 -2.74 -8.99 12.33
CA HIS A 31 -2.54 -7.62 12.79
C HIS A 31 -1.27 -7.04 12.15
N ASP A 32 -1.00 -5.79 12.49
CA ASP A 32 0.18 -5.12 11.97
C ASP A 32 1.43 -5.78 12.53
N VAL A 33 2.41 -5.97 11.65
CA VAL A 33 3.67 -6.59 12.05
C VAL A 33 4.76 -5.52 12.12
N ASP A 34 5.61 -5.65 13.12
CA ASP A 34 6.70 -4.70 13.30
C ASP A 34 7.66 -4.80 12.10
N GLY A 35 7.79 -3.68 11.41
CA GLY A 35 8.67 -3.62 10.25
C GLY A 35 7.87 -3.38 8.97
N ALA A 36 7.25 -2.21 8.90
CA ALA A 36 6.45 -1.85 7.74
C ALA A 36 6.63 -0.36 7.46
N PRO A 37 6.28 0.02 6.19
CA PRO A 37 6.39 1.40 5.78
C PRO A 37 5.27 2.26 6.37
N VAL A 38 4.04 1.84 6.08
CA VAL A 38 2.87 2.54 6.59
C VAL A 38 1.88 1.53 7.14
N ARG A 39 0.80 2.06 7.72
CA ARG A 39 -0.22 1.21 8.31
C ARG A 39 -1.33 0.96 7.29
N ILE A 40 -2.20 0.02 7.64
CA ILE A 40 -3.32 -0.33 6.77
C ILE A 40 -4.38 0.77 6.84
N GLY A 41 -4.97 1.06 5.70
CA GLY A 41 -6.00 2.08 5.62
C GLY A 41 -5.41 3.47 5.86
N ALA A 42 -4.10 3.51 5.94
CA ALA A 42 -3.40 4.77 6.17
C ALA A 42 -3.40 5.59 4.87
N LYS A 43 -3.60 6.88 5.03
CA LYS A 43 -3.63 7.79 3.88
C LYS A 43 -2.22 8.38 3.68
N VAL A 44 -1.65 8.05 2.52
CA VAL A 44 -0.32 8.55 2.19
C VAL A 44 -0.41 9.45 0.97
N LYS A 45 0.70 10.10 0.66
CA LYS A 45 0.76 11.00 -0.48
C LYS A 45 1.80 10.48 -1.47
N VAL A 46 1.32 10.24 -2.70
CA VAL A 46 2.19 9.74 -3.74
C VAL A 46 3.22 10.81 -4.10
N VAL A 47 4.49 10.43 -3.99
CA VAL A 47 5.58 11.33 -4.29
C VAL A 47 5.46 11.80 -5.75
N PRO A 48 5.44 13.15 -5.92
CA PRO A 48 5.33 13.73 -7.25
C PRO A 48 6.65 13.62 -8.00
N HIS A 49 7.73 13.90 -7.29
CA HIS A 49 9.06 13.84 -7.88
C HIS A 49 9.40 12.40 -8.22
N SER A 50 10.19 12.24 -9.27
CA SER A 50 10.59 10.91 -9.72
C SER A 50 12.10 10.71 -9.45
N GLU A 51 12.38 10.12 -8.31
CA GLU A 51 13.76 9.86 -7.92
C GLU A 51 14.10 8.39 -8.14
N ASP A 52 13.18 7.53 -7.71
CA ASP A 52 13.38 6.10 -7.86
C ASP A 52 13.48 5.74 -9.35
N GLY A 53 12.38 5.96 -10.05
CA GLY A 53 12.33 5.67 -11.47
C GLY A 53 10.90 5.71 -12.00
N THR A 54 10.20 4.60 -11.82
CA THR A 54 8.82 4.50 -12.27
C THR A 54 7.92 5.42 -11.43
N ILE A 55 7.08 6.17 -12.13
CA ILE A 55 6.17 7.09 -11.48
C ILE A 55 4.87 7.17 -12.27
N SER A 56 3.84 7.64 -11.60
CA SER A 56 2.52 7.77 -12.23
C SER A 56 2.19 9.25 -12.43
N GLN A 57 2.02 9.63 -13.69
CA GLN A 57 1.69 11.00 -14.02
C GLN A 57 0.24 11.31 -13.63
N ARG A 58 -0.48 10.26 -13.29
CA ARG A 58 -1.88 10.41 -12.90
C ARG A 58 -1.97 10.77 -11.41
N PHE A 59 -1.30 9.98 -10.59
CA PHE A 59 -1.30 10.21 -9.16
C PHE A 59 -0.28 11.28 -8.78
N LEU A 60 0.30 11.90 -9.80
CA LEU A 60 1.28 12.95 -9.59
C LEU A 60 0.71 13.99 -8.64
N GLY A 61 1.25 14.00 -7.42
CA GLY A 61 0.80 14.94 -6.41
C GLY A 61 -0.61 14.60 -5.92
N GLN A 62 -0.87 13.31 -5.84
CA GLN A 62 -2.18 12.83 -5.40
C GLN A 62 -2.06 12.15 -4.04
N THR A 63 -3.21 11.84 -3.46
CA THR A 63 -3.25 11.19 -2.17
C THR A 63 -4.24 10.02 -2.19
N GLY A 64 -3.76 8.88 -1.70
CA GLY A 64 -4.60 7.69 -1.66
C GLY A 64 -4.35 6.88 -0.39
N ILE A 65 -4.94 5.70 -0.34
CA ILE A 65 -4.78 4.83 0.81
C ILE A 65 -4.18 3.50 0.37
N VAL A 66 -3.47 2.87 1.29
CA VAL A 66 -2.84 1.59 1.00
C VAL A 66 -3.84 0.46 1.27
N VAL A 67 -4.13 -0.28 0.21
CA VAL A 67 -5.07 -1.39 0.31
C VAL A 67 -4.47 -2.47 1.20
N GLY A 68 -3.22 -2.81 0.91
CA GLY A 68 -2.53 -3.83 1.67
C GLY A 68 -1.30 -3.25 2.37
N LEU A 69 -0.21 -4.02 2.33
CA LEU A 69 1.03 -3.60 2.95
C LEU A 69 2.15 -4.55 2.53
N VAL A 70 3.38 -4.09 2.73
CA VAL A 70 4.54 -4.89 2.38
C VAL A 70 5.01 -5.67 3.61
N PHE A 71 4.71 -6.96 3.61
CA PHE A 71 5.09 -7.82 4.71
C PHE A 71 5.68 -9.14 4.20
N ASP A 72 6.25 -9.89 5.13
CA ASP A 72 6.86 -11.16 4.79
C ASP A 72 5.94 -11.91 3.83
N ASP A 73 6.36 -11.96 2.57
CA ASP A 73 5.58 -12.63 1.54
C ASP A 73 5.75 -14.15 1.71
N PRO A 74 4.61 -14.81 2.06
CA PRO A 74 4.61 -16.25 2.25
C PRO A 74 4.66 -16.98 0.90
N ALA A 75 4.31 -18.25 0.94
CA ALA A 75 4.31 -19.07 -0.26
C ALA A 75 3.09 -18.71 -1.11
N THR A 76 2.03 -18.31 -0.42
CA THR A 76 0.79 -17.94 -1.10
C THR A 76 0.67 -16.43 -1.19
N GLN A 77 1.77 -15.75 -0.89
CA GLN A 77 1.79 -14.30 -0.93
C GLN A 77 0.75 -13.73 0.03
N TYR A 78 1.05 -12.52 0.52
CA TYR A 78 0.15 -11.86 1.44
C TYR A 78 0.49 -10.37 1.57
N PRO A 79 -0.55 -9.57 1.93
CA PRO A 79 -1.87 -10.13 2.18
C PRO A 79 -2.57 -10.48 0.87
N ASP A 80 -2.76 -9.48 0.04
CA ASP A 80 -3.42 -9.67 -1.25
C ASP A 80 -2.46 -9.28 -2.37
N ASP A 81 -1.58 -8.34 -2.05
CA ASP A 81 -0.60 -7.87 -3.01
C ASP A 81 0.81 -8.13 -2.48
N PRO A 82 1.78 -8.20 -3.44
CA PRO A 82 3.16 -8.44 -3.07
C PRO A 82 3.80 -7.20 -2.47
N LEU A 83 3.37 -6.04 -2.98
CA LEU A 83 3.89 -4.78 -2.50
C LEU A 83 2.72 -3.85 -2.15
N ILE A 84 3.07 -2.67 -1.64
CA ILE A 84 2.06 -1.70 -1.27
C ILE A 84 1.48 -1.06 -2.53
N GLN A 85 0.19 -0.78 -2.47
CA GLN A 85 -0.50 -0.16 -3.60
C GLN A 85 -1.44 0.94 -3.11
N VAL A 86 -1.30 2.10 -3.74
CA VAL A 86 -2.12 3.25 -3.38
C VAL A 86 -3.32 3.33 -4.34
N LEU A 87 -4.43 3.81 -3.81
CA LEU A 87 -5.65 3.95 -4.60
C LEU A 87 -6.32 5.28 -4.27
N VAL A 88 -6.38 6.13 -5.28
CA VAL A 88 -7.00 7.44 -5.12
C VAL A 88 -8.51 7.31 -5.31
N GLU A 89 -9.22 8.22 -4.64
CA GLU A 89 -10.67 8.22 -4.73
C GLU A 89 -11.13 8.66 -6.11
N GLY A 90 -11.90 7.80 -6.76
CA GLY A 90 -12.41 8.08 -8.09
C GLY A 90 -11.33 7.80 -9.15
N LEU A 91 -10.14 7.47 -8.67
CA LEU A 91 -9.04 7.19 -9.57
C LEU A 91 -8.80 5.67 -9.61
N GLY A 92 -7.64 5.29 -10.13
CA GLY A 92 -7.29 3.89 -10.22
C GLY A 92 -6.37 3.47 -9.07
N GLU A 93 -5.65 2.39 -9.28
CA GLU A 93 -4.75 1.88 -8.27
C GLU A 93 -3.41 1.48 -8.90
N ASP A 94 -2.35 1.86 -8.21
CA ASP A 94 -1.00 1.55 -8.70
C ASP A 94 -0.14 1.05 -7.53
N LEU A 95 0.99 0.46 -7.88
CA LEU A 95 1.90 -0.05 -6.87
C LEU A 95 3.09 0.90 -6.74
N PHE A 96 3.34 1.32 -5.51
CA PHE A 96 4.45 2.23 -5.25
C PHE A 96 5.43 1.62 -4.24
N PHE A 97 6.56 2.28 -4.10
CA PHE A 97 7.59 1.81 -3.18
C PHE A 97 7.47 2.50 -1.82
N PRO A 98 8.05 1.83 -0.78
CA PRO A 98 8.00 2.37 0.57
C PRO A 98 8.99 3.53 0.72
N GLU A 99 9.91 3.62 -0.22
CA GLU A 99 10.91 4.66 -0.19
C GLU A 99 10.51 5.79 -1.15
N GLU A 100 9.48 5.53 -1.93
CA GLU A 100 8.99 6.51 -2.89
C GLU A 100 8.09 7.54 -2.18
N LEU A 101 6.97 7.06 -1.67
CA LEU A 101 6.03 7.91 -0.97
C LEU A 101 6.26 7.80 0.53
N GLU A 102 5.77 8.80 1.25
CA GLU A 102 5.91 8.82 2.70
C GLU A 102 4.55 8.93 3.37
N LEU A 103 4.54 8.72 4.67
CA LEU A 103 3.31 8.78 5.45
C LEU A 103 2.94 10.25 5.67
N ALA A 104 1.67 10.55 5.44
CA ALA A 104 1.17 11.91 5.62
C ALA A 104 1.03 12.20 7.12
N PRO A 105 1.23 13.50 7.46
CA PRO A 105 1.13 13.93 8.84
C PRO A 105 -0.34 14.00 9.29
N GLU A 106 -1.12 14.75 8.53
CA GLU A 106 -2.53 14.91 8.82
C GLU A 106 -3.34 13.77 8.19
N MET A 21 -25.60 -24.60 21.34
CA MET A 21 -24.93 -24.16 20.14
C MET A 21 -23.48 -23.76 20.44
N ILE A 22 -22.67 -23.74 19.39
CA ILE A 22 -21.27 -23.38 19.53
C ILE A 22 -20.66 -23.19 18.14
N GLN A 23 -19.80 -22.18 18.04
CA GLN A 23 -19.14 -21.89 16.77
C GLN A 23 -17.77 -21.25 17.03
N ASP A 24 -16.73 -22.02 16.71
CA ASP A 24 -15.38 -21.54 16.91
C ASP A 24 -14.63 -21.60 15.57
N PRO A 25 -14.78 -20.50 14.79
CA PRO A 25 -14.12 -20.41 13.49
C PRO A 25 -12.63 -20.13 13.64
N SER A 26 -11.89 -20.51 12.62
CA SER A 26 -10.45 -20.31 12.61
C SER A 26 -10.10 -18.96 11.99
N LEU A 27 -10.57 -18.77 10.78
CA LEU A 27 -10.33 -17.53 10.05
C LEU A 27 -9.45 -16.61 10.92
N ILE A 28 -8.16 -16.90 10.90
CA ILE A 28 -7.21 -16.10 11.67
C ILE A 28 -6.94 -14.79 10.94
N ILE A 29 -6.71 -13.75 11.73
CA ILE A 29 -6.44 -12.44 11.17
C ILE A 29 -5.19 -11.86 11.84
N CYS A 30 -4.49 -11.02 11.09
CA CYS A 30 -3.28 -10.39 11.60
C CYS A 30 -3.48 -8.87 11.59
N HIS A 31 -2.86 -8.22 12.55
CA HIS A 31 -2.96 -6.77 12.66
C HIS A 31 -1.78 -6.12 11.93
N ASP A 32 -1.78 -4.79 11.95
CA ASP A 32 -0.72 -4.04 11.30
C ASP A 32 0.61 -4.34 11.98
N VAL A 33 1.61 -4.60 11.15
CA VAL A 33 2.94 -4.91 11.66
C VAL A 33 3.65 -3.61 12.05
N ASP A 34 4.32 -3.67 13.18
CA ASP A 34 5.04 -2.49 13.67
C ASP A 34 6.45 -2.49 13.08
N GLY A 35 6.74 -1.42 12.34
CA GLY A 35 8.04 -1.28 11.71
C GLY A 35 7.90 -1.17 10.19
N ALA A 36 6.83 -1.77 9.68
CA ALA A 36 6.57 -1.76 8.26
C ALA A 36 6.73 -0.33 7.72
N PRO A 37 6.64 -0.21 6.37
CA PRO A 37 6.78 1.10 5.73
C PRO A 37 5.52 1.94 5.93
N VAL A 38 4.38 1.32 5.66
CA VAL A 38 3.10 2.00 5.81
C VAL A 38 2.18 1.16 6.70
N ARG A 39 1.00 1.71 6.95
CA ARG A 39 0.02 1.03 7.77
C ARG A 39 -1.18 0.60 6.93
N ILE A 40 -2.04 -0.21 7.55
CA ILE A 40 -3.23 -0.69 6.87
C ILE A 40 -4.31 0.39 6.92
N GLY A 41 -4.83 0.73 5.75
CA GLY A 41 -5.86 1.74 5.65
C GLY A 41 -5.30 3.14 5.91
N ALA A 42 -3.99 3.19 6.05
CA ALA A 42 -3.31 4.45 6.31
C ALA A 42 -3.33 5.30 5.04
N LYS A 43 -3.52 6.60 5.24
CA LYS A 43 -3.56 7.53 4.12
C LYS A 43 -2.16 8.12 3.90
N VAL A 44 -1.64 7.87 2.72
CA VAL A 44 -0.33 8.36 2.35
C VAL A 44 -0.45 9.29 1.14
N LYS A 45 0.67 9.93 0.82
CA LYS A 45 0.72 10.85 -0.30
C LYS A 45 1.76 10.38 -1.31
N VAL A 46 1.29 10.10 -2.52
CA VAL A 46 2.18 9.63 -3.57
C VAL A 46 3.14 10.76 -3.96
N VAL A 47 4.42 10.48 -3.80
CA VAL A 47 5.45 11.45 -4.12
C VAL A 47 5.36 11.81 -5.61
N PRO A 48 5.28 13.14 -5.88
CA PRO A 48 5.19 13.61 -7.25
C PRO A 48 6.55 13.51 -7.96
N HIS A 49 7.60 13.77 -7.19
CA HIS A 49 8.95 13.71 -7.74
C HIS A 49 9.29 12.26 -8.09
N SER A 50 10.16 12.12 -9.09
CA SER A 50 10.57 10.80 -9.53
C SER A 50 12.10 10.68 -9.41
N GLU A 51 12.53 10.02 -8.34
CA GLU A 51 13.94 9.82 -8.11
C GLU A 51 14.31 8.34 -8.28
N ASP A 52 13.47 7.49 -7.74
CA ASP A 52 13.69 6.05 -7.84
C ASP A 52 13.74 5.65 -9.31
N GLY A 53 12.62 5.83 -9.98
CA GLY A 53 12.52 5.49 -11.39
C GLY A 53 11.08 5.55 -11.88
N THR A 54 10.36 4.46 -11.65
CA THR A 54 8.97 4.38 -12.05
C THR A 54 8.10 5.29 -11.18
N ILE A 55 7.19 5.99 -11.83
CA ILE A 55 6.30 6.90 -11.14
C ILE A 55 4.95 6.95 -11.87
N SER A 56 3.92 7.33 -11.11
CA SER A 56 2.59 7.42 -11.68
C SER A 56 2.24 8.89 -11.95
N GLN A 57 2.16 9.21 -13.24
CA GLN A 57 1.83 10.57 -13.64
C GLN A 57 0.37 10.88 -13.33
N ARG A 58 -0.40 9.82 -13.12
CA ARG A 58 -1.81 9.96 -12.82
C ARG A 58 -1.99 10.39 -11.36
N PHE A 59 -1.30 9.70 -10.48
CA PHE A 59 -1.37 9.99 -9.06
C PHE A 59 -0.36 11.08 -8.67
N LEU A 60 0.21 11.70 -9.70
CA LEU A 60 1.19 12.75 -9.47
C LEU A 60 0.58 13.82 -8.57
N GLY A 61 0.95 13.75 -7.29
CA GLY A 61 0.45 14.70 -6.32
C GLY A 61 -0.95 14.32 -5.84
N GLN A 62 -1.17 13.02 -5.75
CA GLN A 62 -2.45 12.50 -5.30
C GLN A 62 -2.35 11.95 -3.88
N THR A 63 -3.47 11.43 -3.39
CA THR A 63 -3.51 10.87 -2.05
C THR A 63 -4.50 9.72 -1.99
N GLY A 64 -3.99 8.57 -1.57
CA GLY A 64 -4.82 7.37 -1.47
C GLY A 64 -4.54 6.62 -0.17
N ILE A 65 -4.94 5.36 -0.15
CA ILE A 65 -4.74 4.52 1.02
C ILE A 65 -4.09 3.20 0.59
N VAL A 66 -3.38 2.60 1.53
CA VAL A 66 -2.71 1.34 1.27
C VAL A 66 -3.72 0.20 1.39
N VAL A 67 -3.78 -0.61 0.34
CA VAL A 67 -4.70 -1.74 0.33
C VAL A 67 -4.14 -2.86 1.20
N GLY A 68 -2.82 -3.07 1.09
CA GLY A 68 -2.16 -4.10 1.87
C GLY A 68 -0.88 -3.57 2.50
N LEU A 69 0.15 -4.40 2.46
CA LEU A 69 1.44 -4.03 3.02
C LEU A 69 2.52 -4.96 2.46
N VAL A 70 3.73 -4.42 2.39
CA VAL A 70 4.86 -5.20 1.89
C VAL A 70 5.39 -6.11 2.99
N PHE A 71 5.03 -7.38 2.87
CA PHE A 71 5.46 -8.37 3.85
C PHE A 71 5.93 -9.66 3.16
N ASP A 72 6.70 -10.44 3.91
CA ASP A 72 7.21 -11.70 3.37
C ASP A 72 6.11 -12.41 2.61
N ASP A 73 6.23 -12.39 1.28
CA ASP A 73 5.24 -13.03 0.43
C ASP A 73 5.48 -14.54 0.43
N PRO A 74 4.49 -15.28 0.99
CA PRO A 74 4.58 -16.73 1.06
C PRO A 74 4.33 -17.37 -0.31
N ALA A 75 4.03 -18.65 -0.28
CA ALA A 75 3.77 -19.39 -1.51
C ALA A 75 2.39 -19.00 -2.04
N THR A 76 1.70 -18.19 -1.26
CA THR A 76 0.37 -17.74 -1.64
C THR A 76 0.32 -16.22 -1.73
N GLN A 77 1.43 -15.59 -1.34
CA GLN A 77 1.53 -14.15 -1.37
C GLN A 77 0.62 -13.53 -0.33
N TYR A 78 1.07 -12.40 0.21
CA TYR A 78 0.30 -11.70 1.23
C TYR A 78 0.77 -10.25 1.36
N PRO A 79 -0.16 -9.38 1.83
CA PRO A 79 -1.51 -9.83 2.16
C PRO A 79 -2.32 -10.09 0.88
N ASP A 80 -2.45 -9.06 0.07
CA ASP A 80 -3.20 -9.16 -1.16
C ASP A 80 -2.25 -8.93 -2.35
N ASP A 81 -1.22 -8.14 -2.09
CA ASP A 81 -0.24 -7.83 -3.12
C ASP A 81 1.17 -8.04 -2.56
N PRO A 82 2.16 -8.04 -3.49
CA PRO A 82 3.55 -8.23 -3.10
C PRO A 82 4.11 -6.96 -2.45
N LEU A 83 3.61 -5.82 -2.92
CA LEU A 83 4.05 -4.54 -2.39
C LEU A 83 2.83 -3.69 -2.03
N ILE A 84 3.10 -2.53 -1.47
CA ILE A 84 2.04 -1.62 -1.07
C ILE A 84 1.45 -0.96 -2.32
N GLN A 85 0.15 -0.72 -2.26
CA GLN A 85 -0.55 -0.09 -3.37
C GLN A 85 -1.44 1.04 -2.86
N VAL A 86 -1.35 2.17 -3.54
CA VAL A 86 -2.14 3.33 -3.17
C VAL A 86 -3.36 3.44 -4.10
N LEU A 87 -4.50 3.71 -3.49
CA LEU A 87 -5.73 3.84 -4.25
C LEU A 87 -6.40 5.17 -3.92
N VAL A 88 -6.53 6.01 -4.93
CA VAL A 88 -7.14 7.32 -4.76
C VAL A 88 -8.65 7.20 -4.98
N GLU A 89 -9.38 8.08 -4.31
CA GLU A 89 -10.83 8.08 -4.43
C GLU A 89 -11.25 8.59 -5.82
N GLY A 90 -12.06 7.78 -6.48
CA GLY A 90 -12.54 8.13 -7.81
C GLY A 90 -11.48 7.83 -8.87
N LEU A 91 -10.31 7.43 -8.40
CA LEU A 91 -9.21 7.11 -9.29
C LEU A 91 -8.97 5.59 -9.28
N GLY A 92 -7.83 5.21 -9.83
CA GLY A 92 -7.47 3.80 -9.88
C GLY A 92 -6.53 3.43 -8.72
N GLU A 93 -5.72 2.41 -8.97
CA GLU A 93 -4.78 1.95 -7.97
C GLU A 93 -3.44 1.59 -8.62
N ASP A 94 -2.37 1.85 -7.89
CA ASP A 94 -1.03 1.56 -8.39
C ASP A 94 -0.16 1.10 -7.22
N LEU A 95 0.96 0.49 -7.57
CA LEU A 95 1.89 -0.01 -6.58
C LEU A 95 3.09 0.94 -6.49
N PHE A 96 3.39 1.37 -5.27
CA PHE A 96 4.50 2.27 -5.03
C PHE A 96 5.51 1.65 -4.05
N PHE A 97 6.68 2.27 -4.01
CA PHE A 97 7.74 1.80 -3.12
C PHE A 97 7.62 2.45 -1.74
N PRO A 98 8.23 1.77 -0.74
CA PRO A 98 8.20 2.27 0.63
C PRO A 98 9.16 3.45 0.80
N GLU A 99 10.15 3.50 -0.08
CA GLU A 99 11.13 4.57 -0.05
C GLU A 99 10.77 5.67 -1.06
N GLU A 100 9.67 5.43 -1.76
CA GLU A 100 9.21 6.39 -2.75
C GLU A 100 8.36 7.47 -2.09
N LEU A 101 7.21 7.04 -1.58
CA LEU A 101 6.30 7.96 -0.91
C LEU A 101 6.53 7.91 0.59
N GLU A 102 5.95 8.87 1.29
CA GLU A 102 6.07 8.94 2.73
C GLU A 102 4.69 8.97 3.38
N LEU A 103 4.68 8.80 4.70
CA LEU A 103 3.44 8.80 5.45
C LEU A 103 2.97 10.24 5.65
N ALA A 104 1.89 10.57 4.95
CA ALA A 104 1.33 11.91 5.03
C ALA A 104 1.25 12.34 6.50
N PRO A 105 1.46 13.66 6.73
CA PRO A 105 1.41 14.20 8.08
C PRO A 105 -0.04 14.31 8.57
N GLU A 106 -0.84 15.00 7.78
CA GLU A 106 -2.25 15.18 8.12
C GLU A 106 -3.00 13.86 8.00
N MET A 21 -4.26 -31.72 21.03
CA MET A 21 -5.03 -30.50 20.83
C MET A 21 -5.38 -30.31 19.35
N ILE A 22 -6.39 -29.48 19.12
CA ILE A 22 -6.83 -29.21 17.76
C ILE A 22 -7.34 -27.77 17.68
N GLN A 23 -7.13 -27.17 16.52
CA GLN A 23 -7.56 -25.80 16.29
C GLN A 23 -8.32 -25.68 14.96
N ASP A 24 -9.59 -25.34 15.07
CA ASP A 24 -10.43 -25.19 13.90
C ASP A 24 -11.00 -23.78 13.84
N PRO A 25 -10.15 -22.83 13.33
CA PRO A 25 -10.56 -21.44 13.22
C PRO A 25 -11.54 -21.26 12.07
N SER A 26 -12.44 -20.29 12.25
CA SER A 26 -13.44 -19.99 11.24
C SER A 26 -13.16 -18.62 10.63
N LEU A 27 -13.01 -17.63 11.49
CA LEU A 27 -12.74 -16.27 11.05
C LEU A 27 -11.24 -15.99 11.18
N ILE A 28 -10.61 -15.79 10.04
CA ILE A 28 -9.17 -15.51 10.02
C ILE A 28 -8.96 -14.02 10.34
N ILE A 29 -7.82 -13.75 10.96
CA ILE A 29 -7.48 -12.39 11.33
C ILE A 29 -5.99 -12.16 11.10
N CYS A 30 -5.61 -10.90 10.97
CA CYS A 30 -4.22 -10.54 10.75
C CYS A 30 -3.88 -9.36 11.67
N HIS A 31 -2.60 -9.03 11.69
CA HIS A 31 -2.13 -7.92 12.52
C HIS A 31 -1.01 -7.17 11.78
N ASP A 32 -0.56 -6.10 12.42
CA ASP A 32 0.49 -5.28 11.84
C ASP A 32 1.84 -5.71 12.43
N VAL A 33 2.83 -5.80 11.55
CA VAL A 33 4.17 -6.20 11.97
C VAL A 33 5.08 -4.98 11.96
N ASP A 34 5.87 -4.84 13.03
CA ASP A 34 6.79 -3.73 13.14
C ASP A 34 7.87 -3.86 12.06
N GLY A 35 8.09 -2.77 11.35
CA GLY A 35 9.09 -2.75 10.30
C GLY A 35 8.48 -2.26 8.98
N ALA A 36 7.21 -2.59 8.79
CA ALA A 36 6.52 -2.19 7.57
C ALA A 36 6.75 -0.70 7.32
N PRO A 37 6.48 -0.29 6.06
CA PRO A 37 6.66 1.10 5.68
C PRO A 37 5.53 1.98 6.23
N VAL A 38 4.31 1.53 5.97
CA VAL A 38 3.15 2.26 6.44
C VAL A 38 2.18 1.29 7.11
N ARG A 39 1.09 1.84 7.63
CA ARG A 39 0.08 1.04 8.28
C ARG A 39 -1.12 0.84 7.37
N ILE A 40 -1.89 -0.20 7.66
CA ILE A 40 -3.07 -0.52 6.87
C ILE A 40 -4.09 0.62 7.00
N GLY A 41 -4.72 0.95 5.89
CA GLY A 41 -5.71 2.01 5.87
C GLY A 41 -5.05 3.37 6.05
N ALA A 42 -3.73 3.38 5.97
CA ALA A 42 -2.97 4.60 6.14
C ALA A 42 -3.08 5.44 4.86
N LYS A 43 -3.33 6.72 5.04
CA LYS A 43 -3.46 7.63 3.91
C LYS A 43 -2.10 8.29 3.64
N VAL A 44 -1.49 7.86 2.55
CA VAL A 44 -0.19 8.39 2.17
C VAL A 44 -0.36 9.32 0.96
N LYS A 45 0.72 10.00 0.62
CA LYS A 45 0.70 10.92 -0.51
C LYS A 45 1.73 10.46 -1.55
N VAL A 46 1.22 10.17 -2.75
CA VAL A 46 2.07 9.72 -3.83
C VAL A 46 3.02 10.85 -4.23
N VAL A 47 4.31 10.56 -4.17
CA VAL A 47 5.32 11.53 -4.52
C VAL A 47 5.14 11.95 -5.98
N PRO A 48 5.08 13.29 -6.20
CA PRO A 48 4.91 13.82 -7.53
C PRO A 48 6.21 13.72 -8.33
N HIS A 49 7.31 13.65 -7.61
CA HIS A 49 8.62 13.54 -8.23
C HIS A 49 9.05 12.08 -8.28
N SER A 50 10.26 11.88 -8.78
CA SER A 50 10.81 10.53 -8.89
C SER A 50 12.04 10.40 -7.98
N GLU A 51 11.89 9.59 -6.95
CA GLU A 51 12.97 9.35 -6.01
C GLU A 51 13.66 8.02 -6.31
N ASP A 52 12.84 7.01 -6.55
CA ASP A 52 13.35 5.69 -6.84
C ASP A 52 13.47 5.51 -8.35
N GLY A 53 12.32 5.54 -9.02
CA GLY A 53 12.28 5.38 -10.46
C GLY A 53 10.84 5.43 -10.97
N THR A 54 10.05 4.45 -10.54
CA THR A 54 8.66 4.37 -10.96
C THR A 54 7.91 5.64 -10.55
N ILE A 55 6.91 5.97 -11.35
CA ILE A 55 6.11 7.15 -11.09
C ILE A 55 4.84 7.11 -11.94
N SER A 56 3.88 7.94 -11.57
CA SER A 56 2.62 8.00 -12.29
C SER A 56 2.11 9.44 -12.33
N GLN A 57 2.10 10.00 -13.53
CA GLN A 57 1.64 11.36 -13.71
C GLN A 57 0.18 11.49 -13.28
N ARG A 58 -0.55 10.41 -13.46
CA ARG A 58 -1.95 10.39 -13.10
C ARG A 58 -2.13 10.66 -11.60
N PHE A 59 -1.25 10.04 -10.83
CA PHE A 59 -1.29 10.19 -9.38
C PHE A 59 -0.32 11.28 -8.93
N LEU A 60 0.05 12.14 -9.88
CA LEU A 60 0.96 13.23 -9.59
C LEU A 60 0.33 14.17 -8.55
N GLY A 61 0.93 14.17 -7.37
CA GLY A 61 0.44 15.00 -6.29
C GLY A 61 -0.95 14.55 -5.82
N GLN A 62 -1.13 13.24 -5.83
CA GLN A 62 -2.40 12.65 -5.42
C GLN A 62 -2.31 12.17 -3.97
N THR A 63 -3.36 11.49 -3.53
CA THR A 63 -3.42 10.99 -2.18
C THR A 63 -4.41 9.82 -2.09
N GLY A 64 -3.89 8.67 -1.70
CA GLY A 64 -4.71 7.48 -1.58
C GLY A 64 -4.34 6.69 -0.32
N ILE A 65 -4.94 5.51 -0.20
CA ILE A 65 -4.70 4.65 0.95
C ILE A 65 -4.05 3.35 0.46
N VAL A 66 -3.38 2.68 1.39
CA VAL A 66 -2.72 1.42 1.08
C VAL A 66 -3.71 0.27 1.31
N VAL A 67 -4.12 -0.35 0.21
CA VAL A 67 -5.05 -1.46 0.27
C VAL A 67 -4.45 -2.57 1.14
N GLY A 68 -3.21 -2.92 0.83
CA GLY A 68 -2.52 -3.96 1.57
C GLY A 68 -1.27 -3.41 2.25
N LEU A 69 -0.17 -4.14 2.09
CA LEU A 69 1.09 -3.73 2.68
C LEU A 69 2.19 -4.68 2.22
N VAL A 70 3.43 -4.26 2.44
CA VAL A 70 4.58 -5.06 2.04
C VAL A 70 5.09 -5.84 3.26
N PHE A 71 4.78 -7.14 3.25
CA PHE A 71 5.20 -8.00 4.34
C PHE A 71 5.75 -9.33 3.82
N ASP A 72 6.37 -10.08 4.71
CA ASP A 72 6.94 -11.35 4.35
C ASP A 72 5.97 -12.10 3.44
N ASP A 73 6.34 -12.15 2.16
CA ASP A 73 5.51 -12.83 1.17
C ASP A 73 5.67 -14.34 1.32
N PRO A 74 4.57 -15.01 1.73
CA PRO A 74 4.58 -16.45 1.91
C PRO A 74 4.56 -17.17 0.57
N ALA A 75 4.28 -18.46 0.63
CA ALA A 75 4.22 -19.27 -0.57
C ALA A 75 2.88 -19.04 -1.28
N THR A 76 2.05 -18.23 -0.64
CA THR A 76 0.75 -17.91 -1.21
C THR A 76 0.55 -16.39 -1.27
N GLN A 77 1.64 -15.68 -1.05
CA GLN A 77 1.60 -14.23 -1.08
C GLN A 77 0.63 -13.70 -0.02
N TYR A 78 0.94 -12.51 0.48
CA TYR A 78 0.12 -11.89 1.50
C TYR A 78 0.45 -10.40 1.64
N PRO A 79 -0.57 -9.63 2.12
CA PRO A 79 -1.86 -10.21 2.46
C PRO A 79 -2.66 -10.55 1.20
N ASP A 80 -2.92 -9.52 0.41
CA ASP A 80 -3.67 -9.68 -0.82
C ASP A 80 -2.80 -9.28 -2.01
N ASP A 81 -1.87 -8.36 -1.74
CA ASP A 81 -0.97 -7.88 -2.77
C ASP A 81 0.47 -8.17 -2.36
N PRO A 82 1.36 -8.26 -3.39
CA PRO A 82 2.77 -8.53 -3.14
C PRO A 82 3.47 -7.29 -2.59
N LEU A 83 3.09 -6.15 -3.12
CA LEU A 83 3.67 -4.88 -2.71
C LEU A 83 2.56 -3.91 -2.30
N ILE A 84 2.97 -2.75 -1.82
CA ILE A 84 2.03 -1.74 -1.40
C ILE A 84 1.42 -1.07 -2.64
N GLN A 85 0.14 -0.73 -2.51
CA GLN A 85 -0.57 -0.08 -3.61
C GLN A 85 -1.44 1.05 -3.08
N VAL A 86 -1.39 2.17 -3.79
CA VAL A 86 -2.17 3.33 -3.41
C VAL A 86 -3.33 3.51 -4.39
N LEU A 87 -4.51 3.77 -3.82
CA LEU A 87 -5.70 3.96 -4.64
C LEU A 87 -6.30 5.33 -4.33
N VAL A 88 -6.48 6.10 -5.40
CA VAL A 88 -7.04 7.44 -5.27
C VAL A 88 -8.54 7.38 -5.51
N GLU A 89 -9.25 8.31 -4.90
CA GLU A 89 -10.70 8.38 -5.05
C GLU A 89 -11.06 8.82 -6.47
N GLY A 90 -11.91 8.02 -7.09
CA GLY A 90 -12.35 8.31 -8.45
C GLY A 90 -11.23 8.05 -9.45
N LEU A 91 -10.21 7.33 -8.99
CA LEU A 91 -9.08 7.01 -9.84
C LEU A 91 -8.81 5.50 -9.77
N GLY A 92 -7.63 5.13 -10.26
CA GLY A 92 -7.24 3.72 -10.26
C GLY A 92 -6.30 3.41 -9.10
N GLU A 93 -5.65 2.26 -9.20
CA GLU A 93 -4.72 1.85 -8.16
C GLU A 93 -3.40 1.40 -8.78
N ASP A 94 -2.30 1.86 -8.20
CA ASP A 94 -0.99 1.52 -8.69
C ASP A 94 -0.11 1.11 -7.51
N LEU A 95 1.03 0.50 -7.84
CA LEU A 95 1.97 0.06 -6.82
C LEU A 95 3.13 1.06 -6.74
N PHE A 96 3.49 1.38 -5.51
CA PHE A 96 4.58 2.31 -5.28
C PHE A 96 5.59 1.74 -4.28
N PHE A 97 6.73 2.42 -4.19
CA PHE A 97 7.78 1.98 -3.28
C PHE A 97 7.62 2.64 -1.91
N PRO A 98 8.25 2.00 -0.88
CA PRO A 98 8.19 2.51 0.48
C PRO A 98 9.08 3.74 0.64
N GLU A 99 10.07 3.83 -0.23
CA GLU A 99 11.00 4.95 -0.20
C GLU A 99 10.56 6.04 -1.18
N GLU A 100 9.60 5.69 -2.01
CA GLU A 100 9.08 6.62 -2.99
C GLU A 100 8.21 7.68 -2.32
N LEU A 101 7.11 7.23 -1.76
CA LEU A 101 6.18 8.13 -1.09
C LEU A 101 6.44 8.07 0.42
N GLU A 102 5.84 9.02 1.13
CA GLU A 102 5.99 9.10 2.56
C GLU A 102 4.61 9.21 3.24
N LEU A 103 4.63 9.03 4.55
CA LEU A 103 3.39 9.11 5.32
C LEU A 103 3.00 10.58 5.51
N ALA A 104 1.82 10.92 5.02
CA ALA A 104 1.32 12.28 5.12
C ALA A 104 1.35 12.71 6.59
N PRO A 105 1.45 14.04 6.79
CA PRO A 105 1.48 14.60 8.14
C PRO A 105 0.09 14.57 8.77
N GLU A 106 -0.85 15.18 8.06
CA GLU A 106 -2.22 15.24 8.55
C GLU A 106 -3.12 14.31 7.72
N MET A 21 -4.86 -30.71 9.30
CA MET A 21 -5.78 -29.61 9.45
C MET A 21 -7.14 -29.95 8.82
N ILE A 22 -7.83 -30.89 9.46
CA ILE A 22 -9.13 -31.33 8.98
C ILE A 22 -9.53 -30.46 7.78
N GLN A 23 -10.32 -29.44 8.06
CA GLN A 23 -10.78 -28.54 7.01
C GLN A 23 -9.82 -27.36 6.86
N ASP A 24 -9.90 -26.72 5.70
CA ASP A 24 -9.04 -25.58 5.43
C ASP A 24 -9.62 -24.33 6.10
N PRO A 25 -8.70 -23.45 6.56
CA PRO A 25 -9.11 -22.22 7.22
C PRO A 25 -9.63 -21.20 6.22
N SER A 26 -10.94 -21.12 6.13
CA SER A 26 -11.58 -20.18 5.22
C SER A 26 -11.47 -18.76 5.75
N LEU A 27 -11.73 -18.62 7.05
CA LEU A 27 -11.66 -17.34 7.70
C LEU A 27 -10.21 -16.87 7.76
N ILE A 28 -9.96 -15.73 7.15
CA ILE A 28 -8.61 -15.17 7.13
C ILE A 28 -8.47 -14.15 8.25
N ILE A 29 -7.24 -13.95 8.69
CA ILE A 29 -6.96 -13.01 9.76
C ILE A 29 -5.75 -12.15 9.36
N CYS A 30 -5.99 -10.84 9.35
CA CYS A 30 -4.94 -9.90 9.00
C CYS A 30 -4.67 -9.00 10.20
N HIS A 31 -3.44 -8.54 10.30
CA HIS A 31 -3.05 -7.67 11.40
C HIS A 31 -1.83 -6.84 10.98
N ASP A 32 -1.38 -6.00 11.91
CA ASP A 32 -0.23 -5.15 11.66
C ASP A 32 1.02 -5.78 12.30
N VAL A 33 2.03 -5.98 11.47
CA VAL A 33 3.27 -6.56 11.94
C VAL A 33 4.34 -5.47 12.06
N ASP A 34 5.20 -5.64 13.06
CA ASP A 34 6.26 -4.69 13.30
C ASP A 34 7.33 -4.83 12.22
N GLY A 35 7.74 -3.68 11.68
CA GLY A 35 8.76 -3.68 10.64
C GLY A 35 8.13 -3.43 9.26
N ALA A 36 7.30 -2.41 9.21
CA ALA A 36 6.62 -2.05 7.97
C ALA A 36 6.82 -0.56 7.69
N PRO A 37 6.57 -0.18 6.41
CA PRO A 37 6.71 1.21 6.00
C PRO A 37 5.56 2.06 6.52
N VAL A 38 4.35 1.64 6.17
CA VAL A 38 3.15 2.35 6.59
C VAL A 38 2.20 1.37 7.28
N ARG A 39 1.09 1.92 7.77
CA ARG A 39 0.10 1.10 8.44
C ARG A 39 -1.15 0.95 7.57
N ILE A 40 -1.86 -0.14 7.81
CA ILE A 40 -3.08 -0.42 7.06
C ILE A 40 -4.09 0.70 7.30
N GLY A 41 -4.71 1.14 6.21
CA GLY A 41 -5.69 2.20 6.30
C GLY A 41 -5.03 3.56 6.50
N ALA A 42 -3.71 3.58 6.31
CA ALA A 42 -2.95 4.80 6.46
C ALA A 42 -3.05 5.64 5.18
N LYS A 43 -3.24 6.94 5.38
CA LYS A 43 -3.37 7.84 4.25
C LYS A 43 -1.99 8.43 3.92
N VAL A 44 -1.55 8.17 2.70
CA VAL A 44 -0.26 8.67 2.26
C VAL A 44 -0.45 9.56 1.03
N LYS A 45 0.64 10.20 0.63
CA LYS A 45 0.59 11.09 -0.52
C LYS A 45 1.64 10.64 -1.54
N VAL A 46 1.14 10.23 -2.71
CA VAL A 46 2.02 9.78 -3.77
C VAL A 46 2.85 10.96 -4.29
N VAL A 47 4.14 10.88 -4.06
CA VAL A 47 5.04 11.93 -4.50
C VAL A 47 4.87 12.15 -6.00
N PRO A 48 5.34 13.34 -6.46
CA PRO A 48 5.24 13.69 -7.87
C PRO A 48 6.27 12.92 -8.70
N HIS A 49 7.53 13.07 -8.31
CA HIS A 49 8.62 12.40 -8.99
C HIS A 49 9.35 11.46 -8.03
N SER A 50 10.04 10.49 -8.61
CA SER A 50 10.77 9.52 -7.81
C SER A 50 12.28 9.66 -8.08
N GLU A 51 13.05 8.99 -7.25
CA GLU A 51 14.50 9.02 -7.38
C GLU A 51 14.97 7.87 -8.28
N ASP A 52 14.18 6.81 -8.29
CA ASP A 52 14.51 5.64 -9.09
C ASP A 52 14.21 5.93 -10.56
N GLY A 53 12.95 5.73 -10.93
CA GLY A 53 12.52 5.97 -12.30
C GLY A 53 11.00 5.85 -12.43
N THR A 54 10.49 4.72 -11.96
CA THR A 54 9.06 4.46 -12.02
C THR A 54 8.30 5.53 -11.24
N ILE A 55 7.23 6.02 -11.87
CA ILE A 55 6.41 7.05 -11.25
C ILE A 55 5.01 7.02 -11.87
N SER A 56 4.08 7.65 -11.18
CA SER A 56 2.70 7.70 -11.64
C SER A 56 2.30 9.15 -11.93
N GLN A 57 1.89 9.38 -13.17
CA GLN A 57 1.47 10.72 -13.58
C GLN A 57 -0.01 10.91 -13.29
N ARG A 58 -0.71 9.81 -13.12
CA ARG A 58 -2.14 9.85 -12.83
C ARG A 58 -2.38 10.27 -11.38
N PHE A 59 -1.40 9.94 -10.54
CA PHE A 59 -1.49 10.26 -9.13
C PHE A 59 -0.47 11.35 -8.76
N LEU A 60 -0.05 12.10 -9.77
CA LEU A 60 0.90 13.17 -9.56
C LEU A 60 0.32 14.19 -8.58
N GLY A 61 0.70 14.04 -7.33
CA GLY A 61 0.22 14.95 -6.29
C GLY A 61 -1.14 14.50 -5.76
N GLN A 62 -1.37 13.20 -5.85
CA GLN A 62 -2.63 12.63 -5.38
C GLN A 62 -2.47 12.11 -3.96
N THR A 63 -3.57 11.62 -3.41
CA THR A 63 -3.58 11.09 -2.06
C THR A 63 -4.54 9.91 -1.95
N GLY A 64 -4.01 8.79 -1.52
CA GLY A 64 -4.81 7.58 -1.36
C GLY A 64 -4.41 6.81 -0.09
N ILE A 65 -4.99 5.63 0.04
CA ILE A 65 -4.71 4.80 1.20
C ILE A 65 -4.06 3.49 0.74
N VAL A 66 -3.31 2.88 1.64
CA VAL A 66 -2.64 1.63 1.33
C VAL A 66 -3.59 0.47 1.58
N VAL A 67 -3.97 -0.19 0.49
CA VAL A 67 -4.87 -1.33 0.58
C VAL A 67 -4.11 -2.55 1.07
N GLY A 68 -2.83 -2.60 0.71
CA GLY A 68 -1.98 -3.71 1.10
C GLY A 68 -0.62 -3.20 1.60
N LEU A 69 -0.10 -3.91 2.60
CA LEU A 69 1.19 -3.54 3.18
C LEU A 69 2.25 -4.54 2.71
N VAL A 70 3.50 -4.10 2.78
CA VAL A 70 4.61 -4.95 2.37
C VAL A 70 5.10 -5.76 3.58
N PHE A 71 4.74 -7.04 3.58
CA PHE A 71 5.13 -7.93 4.66
C PHE A 71 5.66 -9.25 4.12
N ASP A 72 6.24 -10.04 5.02
CA ASP A 72 6.77 -11.34 4.64
C ASP A 72 5.80 -12.04 3.70
N ASP A 73 6.18 -12.08 2.43
CA ASP A 73 5.35 -12.72 1.42
C ASP A 73 5.65 -14.22 1.39
N PRO A 74 4.60 -15.02 1.71
CA PRO A 74 4.74 -16.47 1.73
C PRO A 74 4.78 -17.03 0.30
N ALA A 75 4.54 -18.33 0.20
CA ALA A 75 4.55 -19.00 -1.09
C ALA A 75 3.27 -18.65 -1.84
N THR A 76 2.41 -17.89 -1.17
CA THR A 76 1.15 -17.48 -1.77
C THR A 76 1.00 -15.96 -1.72
N GLN A 77 2.07 -15.31 -1.29
CA GLN A 77 2.07 -13.86 -1.18
C GLN A 77 0.97 -13.39 -0.23
N TYR A 78 1.18 -12.22 0.35
CA TYR A 78 0.21 -11.66 1.28
C TYR A 78 0.48 -10.17 1.52
N PRO A 79 -0.59 -9.45 1.92
CA PRO A 79 -1.90 -10.08 2.10
C PRO A 79 -2.55 -10.37 0.75
N ASP A 80 -2.72 -9.31 -0.03
CA ASP A 80 -3.34 -9.43 -1.34
C ASP A 80 -2.31 -9.09 -2.41
N ASP A 81 -1.36 -8.24 -2.03
CA ASP A 81 -0.32 -7.82 -2.96
C ASP A 81 1.04 -7.97 -2.28
N PRO A 82 2.11 -8.02 -3.12
CA PRO A 82 3.46 -8.15 -2.61
C PRO A 82 3.96 -6.84 -2.01
N LEU A 83 3.78 -5.77 -2.77
CA LEU A 83 4.21 -4.46 -2.32
C LEU A 83 2.98 -3.64 -1.93
N ILE A 84 3.25 -2.44 -1.42
CA ILE A 84 2.17 -1.55 -1.02
C ILE A 84 1.52 -0.94 -2.26
N GLN A 85 0.22 -0.73 -2.16
CA GLN A 85 -0.53 -0.16 -3.27
C GLN A 85 -1.47 0.94 -2.75
N VAL A 86 -1.43 2.08 -3.43
CA VAL A 86 -2.26 3.20 -3.06
C VAL A 86 -3.45 3.29 -4.02
N LEU A 87 -4.58 3.75 -3.49
CA LEU A 87 -5.78 3.90 -4.29
C LEU A 87 -6.41 5.26 -4.00
N VAL A 88 -6.76 5.95 -5.08
CA VAL A 88 -7.37 7.26 -4.97
C VAL A 88 -8.88 7.14 -5.22
N GLU A 89 -9.62 8.06 -4.63
CA GLU A 89 -11.06 8.07 -4.78
C GLU A 89 -11.44 8.52 -6.19
N GLY A 90 -12.25 7.69 -6.84
CA GLY A 90 -12.69 8.00 -8.19
C GLY A 90 -11.59 7.74 -9.21
N LEU A 91 -10.49 7.19 -8.71
CA LEU A 91 -9.35 6.88 -9.55
C LEU A 91 -9.04 5.38 -9.47
N GLY A 92 -7.86 5.02 -9.97
CA GLY A 92 -7.44 3.63 -9.96
C GLY A 92 -6.51 3.35 -8.79
N GLU A 93 -5.72 2.29 -8.93
CA GLU A 93 -4.79 1.92 -7.89
C GLU A 93 -3.48 1.42 -8.51
N ASP A 94 -2.38 1.88 -7.93
CA ASP A 94 -1.07 1.49 -8.41
C ASP A 94 -0.19 1.06 -7.22
N LEU A 95 0.93 0.44 -7.54
CA LEU A 95 1.85 -0.02 -6.52
C LEU A 95 3.02 0.96 -6.42
N PHE A 96 3.35 1.34 -5.20
CA PHE A 96 4.45 2.26 -4.97
C PHE A 96 5.44 1.68 -3.96
N PHE A 97 6.57 2.36 -3.83
CA PHE A 97 7.60 1.93 -2.90
C PHE A 97 7.43 2.60 -1.53
N PRO A 98 8.05 1.98 -0.50
CA PRO A 98 7.97 2.49 0.85
C PRO A 98 8.87 3.73 1.02
N GLU A 99 9.91 3.77 0.20
CA GLU A 99 10.85 4.89 0.24
C GLU A 99 10.49 5.93 -0.82
N GLU A 100 9.58 5.53 -1.70
CA GLU A 100 9.15 6.42 -2.77
C GLU A 100 8.31 7.56 -2.21
N LEU A 101 7.15 7.20 -1.68
CA LEU A 101 6.24 8.18 -1.10
C LEU A 101 6.44 8.22 0.42
N GLU A 102 6.07 9.35 1.01
CA GLU A 102 6.20 9.52 2.44
C GLU A 102 4.82 9.51 3.11
N LEU A 103 4.83 9.41 4.42
CA LEU A 103 3.60 9.38 5.19
C LEU A 103 3.04 10.80 5.29
N ALA A 104 1.76 10.92 4.97
CA ALA A 104 1.08 12.21 5.03
C ALA A 104 1.20 12.78 6.45
N PRO A 105 1.13 14.13 6.53
CA PRO A 105 1.23 14.81 7.81
C PRO A 105 -0.06 14.65 8.61
N GLU A 106 -1.17 15.04 7.99
CA GLU A 106 -2.47 14.94 8.63
C GLU A 106 -3.39 14.00 7.84
N MET A 21 -1.00 -33.36 -0.39
CA MET A 21 -2.13 -32.56 0.04
C MET A 21 -1.95 -31.10 -0.34
N ILE A 22 -3.08 -30.41 -0.46
CA ILE A 22 -3.06 -29.00 -0.81
C ILE A 22 -3.20 -28.15 0.46
N GLN A 23 -2.26 -27.23 0.62
CA GLN A 23 -2.26 -26.36 1.77
C GLN A 23 -3.62 -25.64 1.90
N ASP A 24 -4.22 -25.80 3.07
CA ASP A 24 -5.52 -25.19 3.33
C ASP A 24 -5.45 -23.71 2.97
N PRO A 25 -6.60 -23.19 2.48
CA PRO A 25 -6.69 -21.78 2.10
C PRO A 25 -6.77 -20.89 3.33
N SER A 26 -5.61 -20.40 3.75
CA SER A 26 -5.55 -19.53 4.92
C SER A 26 -6.08 -18.13 4.56
N LEU A 27 -5.52 -17.60 3.49
CA LEU A 27 -5.93 -16.27 3.03
C LEU A 27 -7.01 -15.72 3.96
N ILE A 28 -6.57 -15.06 5.01
CA ILE A 28 -7.49 -14.48 5.97
C ILE A 28 -7.06 -13.04 6.29
N ILE A 29 -8.03 -12.24 6.69
CA ILE A 29 -7.77 -10.85 7.03
C ILE A 29 -7.04 -10.79 8.37
N CYS A 30 -5.90 -10.11 8.35
CA CYS A 30 -5.10 -9.96 9.56
C CYS A 30 -4.86 -8.48 9.80
N HIS A 31 -4.54 -8.15 11.05
CA HIS A 31 -4.28 -6.76 11.41
C HIS A 31 -2.87 -6.38 10.98
N ASP A 32 -2.52 -5.13 11.27
CA ASP A 32 -1.20 -4.63 10.92
C ASP A 32 -0.14 -5.40 11.70
N VAL A 33 0.89 -5.82 10.99
CA VAL A 33 1.98 -6.56 11.60
C VAL A 33 3.13 -5.60 11.94
N ASP A 34 3.85 -5.94 12.99
CA ASP A 34 4.97 -5.13 13.42
C ASP A 34 6.07 -5.15 12.35
N GLY A 35 6.72 -4.01 12.20
CA GLY A 35 7.79 -3.89 11.21
C GLY A 35 7.21 -3.68 9.81
N ALA A 36 7.06 -2.40 9.45
CA ALA A 36 6.53 -2.05 8.15
C ALA A 36 6.79 -0.57 7.88
N PRO A 37 6.73 -0.20 6.57
CA PRO A 37 6.95 1.17 6.17
C PRO A 37 5.74 2.05 6.51
N VAL A 38 4.57 1.56 6.13
CA VAL A 38 3.33 2.28 6.38
C VAL A 38 2.39 1.39 7.20
N ARG A 39 1.24 1.96 7.53
CA ARG A 39 0.25 1.24 8.31
C ARG A 39 -1.00 0.97 7.46
N ILE A 40 -1.78 0.00 7.92
CA ILE A 40 -3.00 -0.36 7.20
C ILE A 40 -4.03 0.76 7.38
N GLY A 41 -4.63 1.14 6.26
CA GLY A 41 -5.64 2.19 6.28
C GLY A 41 -4.98 3.57 6.45
N ALA A 42 -3.68 3.59 6.28
CA ALA A 42 -2.92 4.83 6.43
C ALA A 42 -3.04 5.64 5.14
N LYS A 43 -3.24 6.94 5.32
CA LYS A 43 -3.37 7.84 4.18
C LYS A 43 -2.01 8.44 3.85
N VAL A 44 -1.44 7.97 2.75
CA VAL A 44 -0.14 8.46 2.31
C VAL A 44 -0.32 9.36 1.09
N LYS A 45 0.76 10.02 0.72
CA LYS A 45 0.74 10.92 -0.42
C LYS A 45 1.77 10.46 -1.45
N VAL A 46 1.27 10.14 -2.64
CA VAL A 46 2.13 9.69 -3.71
C VAL A 46 3.04 10.83 -4.16
N VAL A 47 4.34 10.58 -4.07
CA VAL A 47 5.32 11.58 -4.46
C VAL A 47 5.12 11.94 -5.93
N PRO A 48 4.90 13.27 -6.18
CA PRO A 48 4.70 13.75 -7.53
C PRO A 48 6.01 13.79 -8.31
N HIS A 49 7.10 13.55 -7.58
CA HIS A 49 8.42 13.55 -8.18
C HIS A 49 8.90 12.11 -8.36
N SER A 50 9.92 11.97 -9.21
CA SER A 50 10.48 10.65 -9.47
C SER A 50 11.81 10.50 -8.72
N GLU A 51 11.83 9.54 -7.81
CA GLU A 51 13.04 9.27 -7.03
C GLU A 51 13.68 7.97 -7.47
N ASP A 52 12.84 6.97 -7.71
CA ASP A 52 13.32 5.67 -8.15
C ASP A 52 13.44 5.65 -9.67
N GLY A 53 12.30 5.85 -10.32
CA GLY A 53 12.26 5.87 -11.77
C GLY A 53 10.81 5.88 -12.28
N THR A 54 10.15 4.74 -12.14
CA THR A 54 8.78 4.62 -12.57
C THR A 54 7.85 5.35 -11.61
N ILE A 55 6.95 6.14 -12.19
CA ILE A 55 6.00 6.91 -11.41
C ILE A 55 4.66 6.98 -12.16
N SER A 56 3.61 7.26 -11.40
CA SER A 56 2.28 7.36 -11.98
C SER A 56 1.97 8.82 -12.30
N GLN A 57 1.75 9.07 -13.58
CA GLN A 57 1.44 10.42 -14.04
C GLN A 57 0.01 10.79 -13.64
N ARG A 58 -0.79 9.77 -13.35
CA ARG A 58 -2.17 9.98 -12.96
C ARG A 58 -2.24 10.44 -11.50
N PHE A 59 -1.42 9.81 -10.68
CA PHE A 59 -1.38 10.15 -9.26
C PHE A 59 -0.29 11.18 -8.98
N LEU A 60 0.15 11.84 -10.03
CA LEU A 60 1.19 12.85 -9.91
C LEU A 60 0.71 13.94 -8.95
N GLY A 61 0.97 13.71 -7.67
CA GLY A 61 0.58 14.66 -6.64
C GLY A 61 -0.82 14.33 -6.11
N GLN A 62 -1.04 13.05 -5.86
CA GLN A 62 -2.32 12.60 -5.35
C GLN A 62 -2.15 11.98 -3.96
N THR A 63 -3.28 11.64 -3.35
CA THR A 63 -3.26 11.05 -2.03
C THR A 63 -4.23 9.86 -1.96
N GLY A 64 -3.70 8.72 -1.56
CA GLY A 64 -4.51 7.51 -1.46
C GLY A 64 -4.17 6.74 -0.18
N ILE A 65 -4.84 5.59 -0.03
CA ILE A 65 -4.62 4.76 1.13
C ILE A 65 -4.01 3.43 0.69
N VAL A 66 -3.31 2.80 1.62
CA VAL A 66 -2.68 1.52 1.34
C VAL A 66 -3.69 0.39 1.54
N VAL A 67 -3.77 -0.48 0.55
CA VAL A 67 -4.69 -1.61 0.60
C VAL A 67 -4.08 -2.71 1.44
N GLY A 68 -2.80 -2.98 1.19
CA GLY A 68 -2.09 -4.01 1.91
C GLY A 68 -0.83 -3.46 2.58
N LEU A 69 0.26 -4.17 2.40
CA LEU A 69 1.52 -3.75 2.99
C LEU A 69 2.66 -4.63 2.43
N VAL A 70 3.88 -4.25 2.76
CA VAL A 70 5.04 -4.98 2.30
C VAL A 70 5.62 -5.80 3.45
N PHE A 71 5.33 -7.10 3.43
CA PHE A 71 5.81 -7.99 4.47
C PHE A 71 6.31 -9.31 3.87
N ASP A 72 6.97 -10.09 4.71
CA ASP A 72 7.50 -11.37 4.28
C ASP A 72 6.47 -12.07 3.40
N ASP A 73 6.75 -12.10 2.10
CA ASP A 73 5.87 -12.73 1.14
C ASP A 73 6.00 -14.24 1.25
N PRO A 74 4.88 -14.90 1.65
CA PRO A 74 4.88 -16.35 1.79
C PRO A 74 4.83 -17.03 0.43
N ALA A 75 4.50 -18.31 0.46
CA ALA A 75 4.41 -19.09 -0.77
C ALA A 75 3.11 -18.75 -1.49
N THR A 76 2.33 -17.89 -0.86
CA THR A 76 1.06 -17.48 -1.43
C THR A 76 0.96 -15.95 -1.49
N GLN A 77 2.08 -15.32 -1.18
CA GLN A 77 2.14 -13.86 -1.19
C GLN A 77 1.17 -13.29 -0.15
N TYR A 78 1.48 -12.09 0.30
CA TYR A 78 0.66 -11.41 1.29
C TYR A 78 1.00 -9.92 1.38
N PRO A 79 -0.01 -9.13 1.79
CA PRO A 79 -1.32 -9.67 2.11
C PRO A 79 -2.08 -10.04 0.85
N ASP A 80 -2.26 -9.06 -0.02
CA ASP A 80 -2.97 -9.27 -1.26
C ASP A 80 -2.00 -9.05 -2.43
N ASP A 81 -1.01 -8.21 -2.20
CA ASP A 81 -0.02 -7.91 -3.22
C ASP A 81 1.38 -8.13 -2.64
N PRO A 82 2.38 -8.18 -3.57
CA PRO A 82 3.76 -8.39 -3.16
C PRO A 82 4.34 -7.10 -2.55
N LEU A 83 3.84 -5.98 -3.04
CA LEU A 83 4.31 -4.68 -2.56
C LEU A 83 3.10 -3.84 -2.13
N ILE A 84 3.40 -2.67 -1.60
CA ILE A 84 2.35 -1.76 -1.15
C ILE A 84 1.67 -1.14 -2.36
N GLN A 85 0.38 -0.90 -2.22
CA GLN A 85 -0.40 -0.30 -3.29
C GLN A 85 -1.26 0.84 -2.75
N VAL A 86 -1.35 1.90 -3.54
CA VAL A 86 -2.14 3.06 -3.15
C VAL A 86 -3.37 3.15 -4.05
N LEU A 87 -4.46 3.62 -3.46
CA LEU A 87 -5.71 3.76 -4.20
C LEU A 87 -6.35 5.11 -3.86
N VAL A 88 -6.45 5.96 -4.87
CA VAL A 88 -7.04 7.28 -4.68
C VAL A 88 -8.56 7.18 -4.85
N GLU A 89 -9.24 8.11 -4.19
CA GLU A 89 -10.69 8.15 -4.25
C GLU A 89 -11.16 8.52 -5.66
N GLY A 90 -12.14 7.76 -6.16
CA GLY A 90 -12.68 8.02 -7.48
C GLY A 90 -11.61 7.80 -8.56
N LEU A 91 -10.49 7.23 -8.13
CA LEU A 91 -9.39 6.96 -9.05
C LEU A 91 -9.06 5.47 -9.02
N GLY A 92 -7.90 5.15 -9.57
CA GLY A 92 -7.46 3.76 -9.61
C GLY A 92 -6.45 3.48 -8.50
N GLU A 93 -5.70 2.40 -8.68
CA GLU A 93 -4.71 2.01 -7.70
C GLU A 93 -3.41 1.59 -8.40
N ASP A 94 -2.30 2.05 -7.85
CA ASP A 94 -0.99 1.73 -8.41
C ASP A 94 -0.09 1.18 -7.30
N LEU A 95 1.02 0.59 -7.73
CA LEU A 95 1.98 0.03 -6.79
C LEU A 95 3.16 0.99 -6.63
N PHE A 96 3.48 1.28 -5.38
CA PHE A 96 4.59 2.18 -5.08
C PHE A 96 5.54 1.55 -4.06
N PHE A 97 6.67 2.22 -3.88
CA PHE A 97 7.67 1.75 -2.93
C PHE A 97 7.58 2.50 -1.60
N PRO A 98 8.14 1.86 -0.54
CA PRO A 98 8.13 2.46 0.78
C PRO A 98 9.15 3.60 0.88
N GLU A 99 10.10 3.58 -0.04
CA GLU A 99 11.13 4.59 -0.07
C GLU A 99 10.80 5.66 -1.12
N GLU A 100 9.68 5.46 -1.79
CA GLU A 100 9.24 6.39 -2.82
C GLU A 100 8.38 7.49 -2.21
N LEU A 101 7.24 7.07 -1.68
CA LEU A 101 6.31 8.01 -1.05
C LEU A 101 6.52 8.01 0.46
N GLU A 102 5.97 9.01 1.12
CA GLU A 102 6.09 9.13 2.55
C GLU A 102 4.71 9.23 3.21
N LEU A 103 4.69 9.11 4.52
CA LEU A 103 3.45 9.17 5.26
C LEU A 103 3.02 10.64 5.39
N ALA A 104 1.82 10.91 4.89
CA ALA A 104 1.28 12.25 4.94
C ALA A 104 1.29 12.75 6.39
N PRO A 105 1.52 14.08 6.53
CA PRO A 105 1.56 14.69 7.85
C PRO A 105 0.16 14.84 8.43
N GLU A 106 -0.70 15.49 7.65
CA GLU A 106 -2.07 15.70 8.07
C GLU A 106 -2.31 15.09 9.45
N MET A 21 -21.82 -6.45 22.28
CA MET A 21 -20.51 -6.09 21.75
C MET A 21 -20.38 -6.52 20.29
N ILE A 22 -21.20 -7.51 19.92
CA ILE A 22 -21.18 -8.01 18.55
C ILE A 22 -20.14 -7.23 17.74
N GLN A 23 -18.90 -7.68 17.85
CA GLN A 23 -17.82 -7.04 17.12
C GLN A 23 -17.48 -7.84 15.86
N ASP A 24 -16.45 -7.37 15.16
CA ASP A 24 -16.02 -8.02 13.93
C ASP A 24 -15.84 -9.51 14.20
N PRO A 25 -16.41 -10.33 13.27
CA PRO A 25 -16.31 -11.78 13.39
C PRO A 25 -14.92 -12.27 13.02
N SER A 26 -14.72 -13.58 13.18
CA SER A 26 -13.44 -14.18 12.87
C SER A 26 -13.04 -13.84 11.43
N LEU A 27 -14.04 -13.71 10.58
CA LEU A 27 -13.81 -13.37 9.18
C LEU A 27 -12.31 -13.34 8.92
N ILE A 28 -11.81 -12.13 8.68
CA ILE A 28 -10.40 -11.94 8.41
C ILE A 28 -9.90 -10.73 9.19
N ILE A 29 -8.97 -10.99 10.11
CA ILE A 29 -8.41 -9.93 10.94
C ILE A 29 -6.89 -9.99 10.83
N CYS A 30 -6.29 -8.80 10.68
CA CYS A 30 -4.86 -8.70 10.56
C CYS A 30 -4.42 -7.37 11.19
N HIS A 31 -3.50 -7.47 12.15
CA HIS A 31 -3.00 -6.30 12.83
C HIS A 31 -1.63 -5.92 12.25
N ASP A 32 -1.12 -4.79 12.74
CA ASP A 32 0.18 -4.31 12.28
C ASP A 32 1.27 -5.29 12.72
N VAL A 33 1.95 -5.84 11.74
CA VAL A 33 3.03 -6.78 12.01
C VAL A 33 4.37 -6.05 12.01
N ASP A 34 5.20 -6.39 12.98
CA ASP A 34 6.51 -5.78 13.11
C ASP A 34 7.25 -5.89 11.78
N GLY A 35 7.93 -4.81 11.42
CA GLY A 35 8.68 -4.77 10.18
C GLY A 35 7.79 -4.35 9.01
N ALA A 36 7.43 -3.08 9.01
CA ALA A 36 6.58 -2.54 7.96
C ALA A 36 6.86 -1.04 7.79
N PRO A 37 6.56 -0.54 6.56
CA PRO A 37 6.78 0.87 6.26
C PRO A 37 5.71 1.75 6.92
N VAL A 38 4.46 1.38 6.67
CA VAL A 38 3.34 2.11 7.24
C VAL A 38 2.29 1.12 7.75
N ARG A 39 1.23 1.68 8.33
CA ARG A 39 0.16 0.86 8.87
C ARG A 39 -0.96 0.71 7.85
N ILE A 40 -1.95 -0.08 8.20
CA ILE A 40 -3.08 -0.32 7.33
C ILE A 40 -4.05 0.86 7.43
N GLY A 41 -4.69 1.16 6.32
CA GLY A 41 -5.64 2.26 6.27
C GLY A 41 -4.93 3.61 6.36
N ALA A 42 -3.60 3.55 6.36
CA ALA A 42 -2.80 4.75 6.44
C ALA A 42 -2.97 5.56 5.15
N LYS A 43 -3.19 6.85 5.32
CA LYS A 43 -3.38 7.74 4.18
C LYS A 43 -2.03 8.38 3.83
N VAL A 44 -1.53 8.01 2.65
CA VAL A 44 -0.26 8.54 2.19
C VAL A 44 -0.52 9.54 1.06
N LYS A 45 0.55 10.21 0.65
CA LYS A 45 0.46 11.19 -0.42
C LYS A 45 1.57 10.93 -1.44
N VAL A 46 1.14 10.68 -2.66
CA VAL A 46 2.09 10.41 -3.75
C VAL A 46 2.78 11.71 -4.15
N VAL A 47 4.00 11.86 -3.68
CA VAL A 47 4.78 13.05 -3.98
C VAL A 47 5.18 13.04 -5.46
N PRO A 48 5.54 14.24 -5.97
CA PRO A 48 5.95 14.38 -7.36
C PRO A 48 7.36 13.82 -7.57
N HIS A 49 8.11 13.75 -6.48
CA HIS A 49 9.47 13.24 -6.54
C HIS A 49 9.47 11.84 -7.13
N SER A 50 10.13 11.70 -8.27
CA SER A 50 10.21 10.42 -8.95
C SER A 50 11.60 9.83 -8.76
N GLU A 51 11.69 8.87 -7.85
CA GLU A 51 12.95 8.21 -7.57
C GLU A 51 13.00 6.86 -8.27
N ASP A 52 11.91 6.12 -8.19
CA ASP A 52 11.82 4.81 -8.80
C ASP A 52 11.92 4.97 -10.32
N GLY A 53 12.12 3.84 -10.99
CA GLY A 53 12.23 3.84 -12.44
C GLY A 53 10.95 4.36 -13.09
N THR A 54 9.84 3.74 -12.73
CA THR A 54 8.55 4.13 -13.27
C THR A 54 7.66 4.69 -12.17
N ILE A 55 7.00 5.80 -12.48
CA ILE A 55 6.12 6.45 -11.53
C ILE A 55 4.79 6.76 -12.21
N SER A 56 3.77 6.99 -11.38
CA SER A 56 2.45 7.31 -11.90
C SER A 56 2.30 8.82 -12.07
N GLN A 57 2.01 9.21 -13.30
CA GLN A 57 1.84 10.62 -13.61
C GLN A 57 0.48 11.11 -13.11
N ARG A 58 -0.47 10.18 -13.10
CA ARG A 58 -1.82 10.51 -12.65
C ARG A 58 -1.83 10.78 -11.15
N PHE A 59 -1.38 9.79 -10.39
CA PHE A 59 -1.32 9.92 -8.95
C PHE A 59 -0.29 10.96 -8.52
N LEU A 60 0.47 11.42 -9.50
CA LEU A 60 1.49 12.42 -9.24
C LEU A 60 0.84 13.67 -8.64
N GLY A 61 0.85 13.73 -7.31
CA GLY A 61 0.26 14.84 -6.60
C GLY A 61 -1.13 14.50 -6.09
N GLN A 62 -1.34 13.21 -5.86
CA GLN A 62 -2.63 12.74 -5.36
C GLN A 62 -2.46 12.09 -3.99
N THR A 63 -3.58 11.69 -3.42
CA THR A 63 -3.58 11.07 -2.11
C THR A 63 -4.44 9.79 -2.12
N GLY A 64 -3.87 8.73 -1.58
CA GLY A 64 -4.57 7.45 -1.52
C GLY A 64 -4.27 6.72 -0.21
N ILE A 65 -4.71 5.47 -0.16
CA ILE A 65 -4.50 4.66 1.03
C ILE A 65 -3.88 3.32 0.63
N VAL A 66 -3.18 2.73 1.57
CA VAL A 66 -2.53 1.44 1.32
C VAL A 66 -3.56 0.32 1.48
N VAL A 67 -3.88 -0.31 0.36
CA VAL A 67 -4.83 -1.39 0.36
C VAL A 67 -4.34 -2.51 1.27
N GLY A 68 -3.06 -2.82 1.12
CA GLY A 68 -2.44 -3.87 1.92
C GLY A 68 -1.19 -3.36 2.63
N LEU A 69 -0.11 -4.12 2.48
CA LEU A 69 1.15 -3.75 3.09
C LEU A 69 2.24 -4.72 2.61
N VAL A 70 3.49 -4.30 2.80
CA VAL A 70 4.61 -5.11 2.40
C VAL A 70 5.08 -5.96 3.58
N PHE A 71 4.74 -7.24 3.53
CA PHE A 71 5.11 -8.16 4.58
C PHE A 71 5.64 -9.48 4.01
N ASP A 72 6.22 -10.28 4.89
CA ASP A 72 6.77 -11.57 4.48
C ASP A 72 5.81 -12.24 3.50
N ASP A 73 6.21 -12.24 2.24
CA ASP A 73 5.40 -12.85 1.20
C ASP A 73 5.60 -14.36 1.21
N PRO A 74 4.47 -15.09 1.43
CA PRO A 74 4.53 -16.54 1.47
C PRO A 74 4.67 -17.13 0.08
N ALA A 75 4.35 -18.41 -0.04
CA ALA A 75 4.44 -19.10 -1.31
C ALA A 75 3.26 -18.70 -2.19
N THR A 76 2.38 -17.89 -1.61
CA THR A 76 1.21 -17.43 -2.33
C THR A 76 1.11 -15.90 -2.28
N GLN A 77 2.17 -15.30 -1.76
CA GLN A 77 2.23 -13.85 -1.64
C GLN A 77 1.07 -13.34 -0.79
N TYR A 78 1.28 -12.19 -0.18
CA TYR A 78 0.26 -11.58 0.65
C TYR A 78 0.58 -10.11 0.93
N PRO A 79 -0.50 -9.34 1.24
CA PRO A 79 -1.83 -9.90 1.30
C PRO A 79 -2.38 -10.17 -0.10
N ASP A 80 -2.44 -9.11 -0.88
CA ASP A 80 -2.94 -9.20 -2.24
C ASP A 80 -1.81 -8.90 -3.22
N ASP A 81 -0.87 -8.10 -2.76
CA ASP A 81 0.27 -7.72 -3.58
C ASP A 81 1.56 -7.93 -2.78
N PRO A 82 2.68 -8.06 -3.54
CA PRO A 82 3.98 -8.26 -2.92
C PRO A 82 4.50 -6.96 -2.30
N LEU A 83 3.96 -5.85 -2.79
CA LEU A 83 4.36 -4.54 -2.30
C LEU A 83 3.10 -3.73 -1.94
N ILE A 84 3.34 -2.54 -1.40
CA ILE A 84 2.25 -1.67 -1.02
C ILE A 84 1.63 -1.04 -2.27
N GLN A 85 0.32 -0.85 -2.22
CA GLN A 85 -0.39 -0.26 -3.33
C GLN A 85 -1.30 0.88 -2.85
N VAL A 86 -1.22 2.00 -3.56
CA VAL A 86 -2.02 3.16 -3.21
C VAL A 86 -3.24 3.23 -4.14
N LEU A 87 -4.38 3.53 -3.55
CA LEU A 87 -5.62 3.63 -4.31
C LEU A 87 -6.28 4.98 -4.02
N VAL A 88 -6.37 5.79 -5.06
CA VAL A 88 -6.98 7.11 -4.94
C VAL A 88 -8.48 6.99 -5.12
N GLU A 89 -9.20 7.92 -4.49
CA GLU A 89 -10.65 7.94 -4.57
C GLU A 89 -11.10 8.31 -5.98
N GLY A 90 -12.02 7.52 -6.51
CA GLY A 90 -12.55 7.76 -7.84
C GLY A 90 -11.46 7.56 -8.90
N LEU A 91 -10.34 7.02 -8.45
CA LEU A 91 -9.21 6.78 -9.35
C LEU A 91 -8.89 5.28 -9.35
N GLY A 92 -7.72 4.97 -9.88
CA GLY A 92 -7.28 3.58 -9.95
C GLY A 92 -6.37 3.24 -8.77
N GLU A 93 -5.46 2.31 -9.03
CA GLU A 93 -4.52 1.88 -8.00
C GLU A 93 -3.16 1.55 -8.63
N ASP A 94 -2.11 1.86 -7.88
CA ASP A 94 -0.76 1.59 -8.36
C ASP A 94 0.11 1.18 -7.17
N LEU A 95 1.28 0.63 -7.49
CA LEU A 95 2.20 0.20 -6.47
C LEU A 95 3.36 1.19 -6.37
N PHE A 96 3.70 1.52 -5.12
CA PHE A 96 4.77 2.47 -4.88
C PHE A 96 5.75 1.92 -3.84
N PHE A 97 6.87 2.63 -3.70
CA PHE A 97 7.89 2.23 -2.75
C PHE A 97 7.71 2.94 -1.42
N PRO A 98 8.31 2.33 -0.35
CA PRO A 98 8.21 2.90 0.99
C PRO A 98 9.13 4.11 1.12
N GLU A 99 10.15 4.15 0.28
CA GLU A 99 11.10 5.25 0.30
C GLU A 99 10.77 6.26 -0.80
N GLU A 100 9.70 5.97 -1.52
CA GLU A 100 9.27 6.83 -2.60
C GLU A 100 8.31 7.91 -2.07
N LEU A 101 7.17 7.44 -1.58
CA LEU A 101 6.17 8.35 -1.04
C LEU A 101 6.31 8.43 0.47
N GLU A 102 5.76 9.50 1.04
CA GLU A 102 5.83 9.70 2.48
C GLU A 102 4.42 9.77 3.07
N LEU A 103 4.35 9.71 4.38
CA LEU A 103 3.09 9.77 5.08
C LEU A 103 2.58 11.21 5.11
N ALA A 104 1.29 11.37 4.83
CA ALA A 104 0.69 12.69 4.82
C ALA A 104 0.49 13.16 6.26
N PRO A 105 0.52 14.51 6.44
CA PRO A 105 0.35 15.11 7.75
C PRO A 105 -1.12 15.07 8.18
N GLU A 106 -1.97 15.60 7.32
CA GLU A 106 -3.40 15.62 7.60
C GLU A 106 -4.14 14.69 6.65
#